data_7OUH
#
_entry.id   7OUH
#
_cell.length_a   1.00
_cell.length_b   1.00
_cell.length_c   1.00
_cell.angle_alpha   90.00
_cell.angle_beta   90.00
_cell.angle_gamma   90.00
#
_symmetry.space_group_name_H-M   'P 1'
#
loop_
_entity.id
_entity.type
_entity.pdbx_description
1 polymer Integrase
2 polymer 'PC4 and SFRS1-interacting protein,Serine/threonine-protein phosphatase 2A 56 kDa regulatory subunit gamma isoform'
3 polymer "DNA (5'-D(*AP*CP*TP*GP*TP*GP*TP*TP*TP*GP*GP*CP*GP*CP*TP*TP*CP*TP*CP*TP*C)-3')"
4 polymer "DNA (5'-D(*GP*AP*GP*AP*GP*AP*AP*GP*CP*GP*CP*CP*AP*AP*AP*CP*AP*CP*A)-3')"
5 non-polymer 'ZINC ION'
6 non-polymer 'MAGNESIUM ION'
7 non-polymer Bictegravir
8 water water
#
loop_
_entity_poly.entity_id
_entity_poly.type
_entity_poly.pdbx_seq_one_letter_code
_entity_poly.pdbx_strand_id
1 'polypeptide(L)'
;GPEFQLSPAKLHSFTHCGQAALTLHGATTTEALNILHSCHACRKNNPQHQMPRGHIRRGLLPNHIWQGDITHFKYKNTLY
RLHVWVDTFSGSVSATHKKRETSSEAISSLLHAIAHLGRPSHINTDNGPAYASQEFQHACTSLAIRHTTHIPYNPTSSGL
VERTNGILKTLLYKYFSDNPNLPMDNALSVALWTINHLNVLTHCQKTRWQLHHSPRLPPIPEEKPVTTSKTHWYYFKIPG
LNSRQWKGPQRALQEAAGAALIPVSDTAAQWIPWKLLKRAVCPRLAGDTADPKERDHQHHG
;
D,E,A,B
2 'polypeptide(L)'
;SMTRDFKPGDLIFAKMKGYPHWPARVDEVPDGAVKPPTNKLPIFFFGTHETAFLGPKDIFPYSENKEKYGKPNKRKGFNE
GLWEIDNNPKVKFSSQQAATKQSNASSDVEVEEKETSVSKEDTDHEEKASNEDVTKAVDITTPKAARRGRKRKAEKQVET
EEAGVVTTATASVNLKVSPKRGRPAATEVKIPKPRGRPKMVKQPCPSESDIITEEDKSKKKGQEEKQPKKQPKKDEEGQK
EEDKPRKEPDKKEGKKEVESKRKNLAKTGVTSTSDSEEEGDDQEGEKKRKGGRNFQTAHRRNMLKGQHEKEAADRKRKQE
EQMETEFMVVDAANSNGPFQPVVLLHIRDVPPADQEKLFIQKLRQCCVLFDFVSDPLSDLKWKEVKRAALSEMVEYITHN
RNVITEPIYPEVVHMFAVNMFRTLPPSSNPTGAEFDPEEDEPTLEAAWPHLQLVYEFFLRFLESPDFQPNIAKKYIDQKF
VLQLLELFDSEDPRERDFLKTTLHRIYGKFLGLRAYIRKQINNIFYRFIYETEHHNGIAELLEILGSIINGFALPLKEEH
KIFLLKVLLPLHKVKSLSVYHPQLAYCVVQFLEKDSTLTEPVVMALLKYWPKTHSPKEVMFLNELEEILDVIEPSEFVKI
MEPLFRQLAKCVSSPHFQVAERALYYWNNEYIMSLISDNAAKILPIMFPSLYRNSKT
;
F,C
3 'polydeoxyribonucleotide'
;(DA)(DC)(DT)(DG)(DT)(DG)(DT)(DT)(DT)(DG)(DG)(DC)(DG)(DC)(DT)(DT)(DC)(DT)(DC)(DT)
(DC)(DC)(DC)(DG)(DG)(DA)(DG)(DA)(DG)(DA)
;
I,K
4 'polydeoxyribonucleotide'
;(DT)(DC)(DT)(DC)(DT)(DC)(DC)(DG)(DG)(DG)(DA)(DG)(DA)(DG)(DA)(DA)(DG)(DC)(DG)(DC)
(DC)(DA)(DA)(DA)(DC)(DA)(DC)(DA)
;
J,L
#
loop_
_chem_comp.id
_chem_comp.type
_chem_comp.name
_chem_comp.formula
DA DNA linking 2'-DEOXYADENOSINE-5'-MONOPHOSPHATE 'C10 H14 N5 O6 P'
DC DNA linking 2'-DEOXYCYTIDINE-5'-MONOPHOSPHATE 'C9 H14 N3 O7 P'
DG DNA linking 2'-DEOXYGUANOSINE-5'-MONOPHOSPHATE 'C10 H14 N5 O7 P'
DT DNA linking THYMIDINE-5'-MONOPHOSPHATE 'C10 H15 N2 O8 P'
KLQ non-polymer Bictegravir 'C21 H18 F3 N3 O5'
MG non-polymer 'MAGNESIUM ION' 'Mg 2'
ZN non-polymer 'ZINC ION' 'Zn 2'
#
# COMPACT_ATOMS: atom_id res chain seq x y z
N SER A 7 6.83 -44.68 17.04
CA SER A 7 7.30 -45.85 17.76
C SER A 7 6.51 -46.08 19.05
N PRO A 8 5.62 -47.07 19.04
CA PRO A 8 4.81 -47.34 20.24
C PRO A 8 5.63 -47.69 21.46
N ALA A 9 6.78 -48.36 21.29
CA ALA A 9 7.59 -48.76 22.44
C ALA A 9 8.13 -47.53 23.18
N LYS A 10 8.77 -46.62 22.44
CA LYS A 10 9.27 -45.39 23.06
C LYS A 10 8.12 -44.52 23.56
N LEU A 11 6.99 -44.52 22.85
CA LEU A 11 5.83 -43.76 23.31
C LEU A 11 5.36 -44.28 24.66
N HIS A 12 5.30 -45.60 24.84
CA HIS A 12 4.91 -46.13 26.13
C HIS A 12 5.99 -45.91 27.18
N SER A 13 7.26 -45.92 26.78
CA SER A 13 8.34 -45.70 27.75
C SER A 13 8.26 -44.29 28.34
N PHE A 14 7.99 -43.29 27.50
CA PHE A 14 7.88 -41.91 27.97
C PHE A 14 6.51 -41.61 28.57
N THR A 15 5.45 -42.11 27.93
CA THR A 15 4.06 -41.78 28.24
C THR A 15 3.40 -42.73 29.22
N HIS A 16 3.69 -44.04 29.12
CA HIS A 16 3.03 -45.05 29.94
C HIS A 16 1.51 -44.98 29.81
N CYS A 17 1.02 -44.81 28.57
CA CYS A 17 -0.40 -44.78 28.31
C CYS A 17 -0.96 -46.20 28.25
N GLY A 18 -2.27 -46.30 28.01
CA GLY A 18 -2.94 -47.58 27.96
C GLY A 18 -2.60 -48.36 26.71
N GLN A 19 -2.97 -49.65 26.74
CA GLN A 19 -2.71 -50.52 25.60
C GLN A 19 -3.59 -50.16 24.41
N ALA A 20 -4.82 -49.72 24.66
CA ALA A 20 -5.69 -49.32 23.56
C ALA A 20 -5.12 -48.13 22.80
N ALA A 21 -4.57 -47.15 23.52
CA ALA A 21 -3.92 -46.03 22.86
C ALA A 21 -2.81 -46.52 21.94
N LEU A 22 -2.07 -47.54 22.37
CA LEU A 22 -1.08 -48.16 21.50
C LEU A 22 -1.72 -48.86 20.30
N THR A 23 -2.93 -49.40 20.47
CA THR A 23 -3.60 -50.03 19.33
C THR A 23 -3.99 -48.99 18.28
N LEU A 24 -4.42 -47.80 18.69
CA LEU A 24 -4.70 -46.75 17.71
C LEU A 24 -3.47 -46.32 16.92
N HIS A 25 -2.28 -46.62 17.42
CA HIS A 25 -1.05 -46.33 16.68
C HIS A 25 -0.68 -47.52 15.79
N GLY A 26 0.55 -47.55 15.29
CA GLY A 26 0.95 -48.59 14.35
C GLY A 26 0.85 -49.99 14.92
N ALA A 27 1.07 -50.14 16.22
CA ALA A 27 0.99 -51.46 16.85
C ALA A 27 -0.45 -51.96 16.85
N THR A 28 -0.60 -53.28 16.82
CA THR A 28 -1.89 -53.94 16.86
C THR A 28 -2.13 -54.55 18.24
N THR A 29 -3.22 -55.30 18.36
CA THR A 29 -3.65 -55.80 19.67
C THR A 29 -2.60 -56.69 20.31
N THR A 30 -2.04 -57.63 19.54
CA THR A 30 -1.06 -58.56 20.12
C THR A 30 0.20 -57.84 20.56
N GLU A 31 0.73 -56.94 19.72
CA GLU A 31 1.92 -56.18 20.09
C GLU A 31 1.64 -55.24 21.26
N ALA A 32 0.44 -54.64 21.28
CA ALA A 32 0.09 -53.76 22.40
C ALA A 32 0.05 -54.54 23.72
N LEU A 33 -0.55 -55.73 23.71
CA LEU A 33 -0.57 -56.56 24.90
C LEU A 33 0.84 -56.98 25.31
N ASN A 34 1.66 -57.35 24.33
CA ASN A 34 3.03 -57.77 24.64
C ASN A 34 3.83 -56.63 25.27
N ILE A 35 3.68 -55.41 24.73
CA ILE A 35 4.38 -54.26 25.29
C ILE A 35 3.85 -53.94 26.68
N LEU A 36 2.53 -54.00 26.86
CA LEU A 36 1.93 -53.65 28.15
C LEU A 36 2.39 -54.59 29.25
N HIS A 37 2.40 -55.90 28.98
CA HIS A 37 2.76 -56.86 30.00
C HIS A 37 4.27 -57.00 30.18
N SER A 38 5.07 -56.47 29.26
CA SER A 38 6.52 -56.50 29.38
C SER A 38 7.09 -55.32 30.17
N CYS A 39 6.26 -54.33 30.48
CA CYS A 39 6.73 -53.18 31.24
C CYS A 39 6.74 -53.50 32.73
N HIS A 40 7.88 -53.23 33.38
CA HIS A 40 8.01 -53.54 34.80
C HIS A 40 7.05 -52.69 35.63
N ALA A 41 6.91 -51.42 35.29
CA ALA A 41 6.03 -50.54 36.05
C ALA A 41 4.56 -50.79 35.77
N CYS A 42 4.21 -51.12 34.51
CA CYS A 42 2.83 -51.29 34.12
C CYS A 42 2.28 -52.68 34.40
N ARG A 43 3.13 -53.64 34.76
CA ARG A 43 2.67 -55.00 35.04
C ARG A 43 2.00 -55.08 36.41
N ILE A 56 -21.01 -42.88 37.56
CA ILE A 56 -21.99 -42.32 36.65
C ILE A 56 -21.65 -40.86 36.33
N ARG A 57 -22.41 -40.27 35.42
CA ARG A 57 -22.22 -38.88 35.00
C ARG A 57 -23.43 -38.06 35.41
N ARG A 58 -23.17 -36.91 36.05
CA ARG A 58 -24.24 -36.01 36.46
C ARG A 58 -24.54 -34.97 35.39
N GLY A 59 -23.50 -34.42 34.76
CA GLY A 59 -23.70 -33.40 33.77
C GLY A 59 -24.34 -33.93 32.50
N LEU A 60 -24.99 -33.02 31.78
CA LEU A 60 -25.70 -33.36 30.55
C LEU A 60 -24.95 -32.99 29.30
N LEU A 61 -24.11 -31.96 29.35
CA LEU A 61 -23.36 -31.47 28.20
C LEU A 61 -21.95 -31.13 28.66
N PRO A 62 -20.99 -31.08 27.73
CA PRO A 62 -19.65 -30.59 28.10
C PRO A 62 -19.71 -29.16 28.61
N ASN A 63 -18.88 -28.87 29.62
CA ASN A 63 -18.81 -27.55 30.24
C ASN A 63 -20.18 -27.11 30.78
N HIS A 64 -20.87 -28.04 31.44
CA HIS A 64 -22.16 -27.77 32.06
C HIS A 64 -22.08 -27.79 33.58
N ILE A 65 -21.53 -28.86 34.16
CA ILE A 65 -21.27 -28.94 35.59
C ILE A 65 -19.87 -29.50 35.79
N TRP A 66 -19.10 -28.85 36.66
CA TRP A 66 -17.73 -29.27 36.98
C TRP A 66 -17.65 -29.75 38.42
N GLN A 67 -16.53 -30.39 38.74
CA GLN A 67 -16.20 -30.76 40.11
C GLN A 67 -14.79 -30.27 40.42
N GLY A 68 -14.64 -29.57 41.54
CA GLY A 68 -13.36 -29.02 41.92
C GLY A 68 -12.78 -29.61 43.18
N ASP A 69 -11.63 -30.25 43.07
CA ASP A 69 -10.97 -30.88 44.21
C ASP A 69 -9.58 -30.28 44.42
N ILE A 70 -9.12 -30.36 45.66
CA ILE A 70 -7.77 -29.95 46.04
C ILE A 70 -7.09 -31.15 46.68
N THR A 71 -5.94 -31.54 46.13
CA THR A 71 -5.26 -32.76 46.53
C THR A 71 -3.85 -32.43 46.99
N HIS A 72 -3.36 -33.17 47.97
CA HIS A 72 -2.01 -33.02 48.48
C HIS A 72 -1.12 -34.09 47.86
N PHE A 73 -0.04 -33.67 47.21
CA PHE A 73 0.92 -34.57 46.59
C PHE A 73 2.12 -34.72 47.52
N LYS A 74 2.40 -35.94 47.93
CA LYS A 74 3.48 -36.24 48.85
C LYS A 74 4.77 -36.50 48.09
N TYR A 75 5.84 -35.79 48.46
CA TYR A 75 7.16 -36.01 47.91
C TYR A 75 8.10 -36.43 49.02
N LYS A 76 9.35 -36.75 48.64
CA LYS A 76 10.32 -37.23 49.62
C LYS A 76 10.70 -36.15 50.62
N ASN A 77 10.65 -34.88 50.21
CA ASN A 77 11.10 -33.81 51.10
C ASN A 77 10.18 -32.58 51.07
N THR A 78 9.05 -32.63 50.38
CA THR A 78 8.19 -31.47 50.27
C THR A 78 6.77 -31.92 49.93
N LEU A 79 5.84 -30.96 49.94
CA LEU A 79 4.45 -31.18 49.61
C LEU A 79 4.05 -30.27 48.45
N TYR A 80 3.13 -30.76 47.63
CA TYR A 80 2.59 -30.00 46.52
C TYR A 80 1.07 -29.95 46.61
N ARG A 81 0.49 -28.88 46.07
CA ARG A 81 -0.95 -28.71 46.05
C ARG A 81 -1.43 -28.84 44.61
N LEU A 82 -2.36 -29.76 44.36
CA LEU A 82 -2.91 -29.99 43.03
C LEU A 82 -4.35 -29.52 43.02
N HIS A 83 -4.62 -28.43 42.32
CA HIS A 83 -5.98 -27.94 42.12
C HIS A 83 -6.51 -28.58 40.83
N VAL A 84 -7.53 -29.42 40.97
CA VAL A 84 -8.03 -30.23 39.86
C VAL A 84 -9.49 -29.89 39.61
N TRP A 85 -9.82 -29.60 38.35
CA TRP A 85 -11.19 -29.40 37.92
C TRP A 85 -11.53 -30.46 36.88
N VAL A 86 -12.60 -31.21 37.13
CA VAL A 86 -12.99 -32.34 36.30
C VAL A 86 -14.38 -32.10 35.75
N ASP A 87 -14.53 -32.21 34.43
CA ASP A 87 -15.84 -32.14 33.80
C ASP A 87 -16.62 -33.40 34.07
N THR A 88 -17.90 -33.24 34.42
CA THR A 88 -18.75 -34.36 34.81
C THR A 88 -19.33 -35.11 33.62
N PHE A 89 -19.20 -34.58 32.41
CA PHE A 89 -19.76 -35.23 31.22
C PHE A 89 -18.73 -35.99 30.41
N SER A 90 -17.46 -35.57 30.43
CA SER A 90 -16.43 -36.22 29.63
C SER A 90 -15.20 -36.64 30.43
N GLY A 91 -15.08 -36.24 31.69
CA GLY A 91 -13.91 -36.59 32.46
C GLY A 91 -12.67 -35.78 32.16
N SER A 92 -12.81 -34.66 31.44
CA SER A 92 -11.66 -33.81 31.15
C SER A 92 -11.09 -33.24 32.44
N VAL A 93 -9.76 -33.25 32.53
CA VAL A 93 -9.05 -32.87 33.75
C VAL A 93 -8.23 -31.62 33.47
N SER A 94 -8.30 -30.65 34.40
CA SER A 94 -7.45 -29.48 34.38
C SER A 94 -6.78 -29.37 35.74
N ALA A 95 -5.46 -29.53 35.77
CA ALA A 95 -4.71 -29.57 37.02
C ALA A 95 -3.68 -28.45 37.05
N THR A 96 -3.52 -27.84 38.23
CA THR A 96 -2.54 -26.80 38.43
C THR A 96 -1.79 -27.06 39.73
N HIS A 97 -0.47 -26.88 39.69
CA HIS A 97 0.39 -27.15 40.83
C HIS A 97 0.73 -25.84 41.55
N LYS A 98 0.64 -25.88 42.89
CA LYS A 98 0.90 -24.72 43.72
C LYS A 98 1.68 -25.15 44.96
N LYS A 99 2.31 -24.15 45.60
CA LYS A 99 3.03 -24.37 46.85
C LYS A 99 2.22 -24.05 48.09
N ARG A 100 1.20 -23.19 47.98
CA ARG A 100 0.31 -22.89 49.09
C ARG A 100 -1.13 -23.12 48.68
N GLU A 101 -2.08 -22.69 49.50
CA GLU A 101 -3.50 -22.87 49.21
C GLU A 101 -4.28 -21.73 49.84
N THR A 102 -4.71 -20.78 49.01
CA THR A 102 -5.56 -19.68 49.45
C THR A 102 -6.67 -19.50 48.43
N SER A 103 -7.48 -18.45 48.61
CA SER A 103 -8.54 -18.17 47.65
C SER A 103 -7.99 -17.62 46.34
N SER A 104 -6.91 -16.85 46.39
CA SER A 104 -6.35 -16.26 45.18
C SER A 104 -5.86 -17.34 44.22
N GLU A 105 -5.19 -18.36 44.74
CA GLU A 105 -4.74 -19.45 43.89
C GLU A 105 -5.91 -20.30 43.41
N ALA A 106 -6.99 -20.38 44.19
CA ALA A 106 -8.20 -21.04 43.70
C ALA A 106 -8.77 -20.31 42.50
N ILE A 107 -8.80 -18.98 42.54
CA ILE A 107 -9.26 -18.18 41.41
C ILE A 107 -8.32 -18.37 40.22
N SER A 108 -7.01 -18.40 40.47
CA SER A 108 -6.05 -18.60 39.40
C SER A 108 -6.23 -19.95 38.72
N SER A 109 -6.41 -21.00 39.53
CA SER A 109 -6.63 -22.33 38.97
C SER A 109 -7.93 -22.39 38.18
N LEU A 110 -8.98 -21.73 38.68
CA LEU A 110 -10.25 -21.69 37.96
C LEU A 110 -10.08 -20.99 36.61
N LEU A 111 -9.36 -19.87 36.59
CA LEU A 111 -9.15 -19.14 35.35
C LEU A 111 -8.33 -19.97 34.36
N HIS A 112 -7.30 -20.67 34.85
CA HIS A 112 -6.51 -21.53 33.99
C HIS A 112 -7.37 -22.66 33.41
N ALA A 113 -8.26 -23.23 34.24
CA ALA A 113 -9.16 -24.27 33.75
C ALA A 113 -10.11 -23.73 32.70
N ILE A 114 -10.60 -22.50 32.89
CA ILE A 114 -11.46 -21.88 31.87
C ILE A 114 -10.69 -21.68 30.57
N ALA A 115 -9.44 -21.25 30.67
CA ALA A 115 -8.63 -21.07 29.47
C ALA A 115 -8.41 -22.39 28.73
N HIS A 116 -8.17 -23.48 29.48
CA HIS A 116 -7.93 -24.76 28.83
C HIS A 116 -9.20 -25.38 28.27
N LEU A 117 -10.32 -25.26 28.99
CA LEU A 117 -11.56 -25.94 28.62
C LEU A 117 -12.66 -25.01 28.15
N GLY A 118 -12.94 -23.93 28.88
CA GLY A 118 -14.01 -23.01 28.59
C GLY A 118 -14.72 -22.59 29.86
N ARG A 119 -15.79 -21.82 29.70
CA ARG A 119 -16.52 -21.28 30.83
C ARG A 119 -17.73 -22.17 31.13
N PRO A 120 -17.73 -22.88 32.25
CA PRO A 120 -18.89 -23.72 32.58
C PRO A 120 -20.07 -22.88 33.06
N SER A 121 -21.26 -23.48 32.96
CA SER A 121 -22.48 -22.84 33.44
C SER A 121 -22.68 -23.08 34.93
N HIS A 122 -22.41 -24.28 35.41
CA HIS A 122 -22.52 -24.63 36.82
C HIS A 122 -21.20 -25.21 37.31
N ILE A 123 -20.86 -24.89 38.56
CA ILE A 123 -19.64 -25.40 39.18
C ILE A 123 -20.00 -25.93 40.56
N ASN A 124 -19.25 -26.94 41.02
CA ASN A 124 -19.52 -27.59 42.30
C ASN A 124 -18.21 -27.98 42.94
N THR A 125 -18.12 -27.78 44.26
CA THR A 125 -16.91 -28.11 45.00
C THR A 125 -17.26 -28.27 46.47
N ASP A 126 -16.35 -28.89 47.21
CA ASP A 126 -16.54 -29.12 48.64
C ASP A 126 -16.23 -27.85 49.42
N ASN A 127 -16.76 -27.79 50.64
CA ASN A 127 -16.54 -26.65 51.52
C ASN A 127 -15.12 -26.66 52.07
N GLY A 128 -14.65 -25.48 52.47
CA GLY A 128 -13.33 -25.34 53.03
C GLY A 128 -12.93 -23.89 53.14
N PRO A 129 -11.66 -23.64 53.48
CA PRO A 129 -11.17 -22.25 53.52
C PRO A 129 -11.32 -21.54 52.17
N ALA A 130 -11.12 -22.26 51.08
CA ALA A 130 -11.36 -21.73 49.74
C ALA A 130 -12.80 -22.01 49.32
N TYR A 131 -13.21 -21.35 48.24
CA TYR A 131 -14.54 -21.47 47.62
C TYR A 131 -15.65 -20.93 48.50
N ALA A 132 -15.36 -20.44 49.70
CA ALA A 132 -16.37 -19.91 50.60
C ALA A 132 -16.16 -18.45 50.96
N SER A 133 -15.01 -17.86 50.59
CA SER A 133 -14.74 -16.46 50.87
C SER A 133 -15.48 -15.57 49.87
N GLN A 134 -15.50 -14.27 50.17
CA GLN A 134 -16.17 -13.32 49.28
C GLN A 134 -15.44 -13.18 47.95
N GLU A 135 -14.13 -13.37 47.95
CA GLU A 135 -13.35 -13.21 46.72
C GLU A 135 -13.75 -14.24 45.67
N PHE A 136 -13.90 -15.51 46.07
CA PHE A 136 -14.27 -16.54 45.11
C PHE A 136 -15.69 -16.33 44.58
N GLN A 137 -16.62 -15.92 45.45
CA GLN A 137 -17.97 -15.63 45.00
C GLN A 137 -17.99 -14.45 44.05
N HIS A 138 -17.18 -13.42 44.32
CA HIS A 138 -17.07 -12.28 43.41
C HIS A 138 -16.51 -12.71 42.06
N ALA A 139 -15.50 -13.58 42.07
CA ALA A 139 -14.94 -14.06 40.82
C ALA A 139 -15.95 -14.86 40.02
N CYS A 140 -16.74 -15.70 40.70
CA CYS A 140 -17.75 -16.51 40.01
C CYS A 140 -18.92 -15.66 39.53
N THR A 141 -19.21 -14.56 40.21
CA THR A 141 -20.34 -13.72 39.83
C THR A 141 -20.07 -13.00 38.51
N SER A 142 -18.85 -12.47 38.34
CA SER A 142 -18.52 -11.75 37.11
C SER A 142 -18.52 -12.66 35.89
N LEU A 143 -18.27 -13.96 36.06
CA LEU A 143 -18.26 -14.91 34.97
C LEU A 143 -19.63 -15.56 34.76
N ALA A 144 -20.65 -15.11 35.49
CA ALA A 144 -22.00 -15.68 35.40
C ALA A 144 -21.98 -17.18 35.68
N ILE A 145 -21.22 -17.57 36.69
CA ILE A 145 -21.09 -18.96 37.11
C ILE A 145 -21.73 -19.10 38.48
N ARG A 146 -22.74 -19.98 38.58
CA ARG A 146 -23.39 -20.25 39.86
C ARG A 146 -22.69 -21.41 40.56
N HIS A 147 -22.37 -21.20 41.83
CA HIS A 147 -21.52 -22.12 42.59
C HIS A 147 -22.31 -22.69 43.76
N THR A 148 -22.34 -24.01 43.87
CA THR A 148 -23.00 -24.71 44.96
C THR A 148 -21.99 -25.55 45.73
N THR A 149 -22.24 -25.72 47.03
CA THR A 149 -21.33 -26.40 47.93
C THR A 149 -22.03 -27.58 48.59
N HIS A 150 -21.34 -28.73 48.60
CA HIS A 150 -21.84 -29.92 49.28
C HIS A 150 -20.72 -30.54 50.10
N ILE A 151 -21.08 -31.13 51.23
CA ILE A 151 -20.14 -31.75 52.14
C ILE A 151 -20.55 -33.21 52.32
N PRO A 152 -19.65 -34.17 52.09
CA PRO A 152 -19.96 -35.60 52.26
C PRO A 152 -20.24 -35.98 53.70
N VAL A 161 -14.85 -36.14 40.29
CA VAL A 161 -14.81 -37.53 40.72
C VAL A 161 -13.47 -37.83 41.38
N GLU A 162 -13.43 -38.88 42.20
CA GLU A 162 -12.24 -39.27 42.94
C GLU A 162 -11.37 -40.26 42.19
N ARG A 163 -11.81 -40.75 41.03
CA ARG A 163 -11.02 -41.70 40.25
C ARG A 163 -10.00 -41.02 39.34
N THR A 164 -10.38 -39.90 38.74
CA THR A 164 -9.43 -39.15 37.91
C THR A 164 -8.27 -38.65 38.75
N ASN A 165 -8.55 -38.21 39.99
CA ASN A 165 -7.48 -37.84 40.90
C ASN A 165 -6.51 -39.00 41.11
N GLY A 166 -7.05 -40.20 41.38
CA GLY A 166 -6.20 -41.34 41.65
C GLY A 166 -5.34 -41.73 40.46
N ILE A 167 -5.93 -41.75 39.26
CA ILE A 167 -5.13 -42.09 38.08
C ILE A 167 -4.08 -41.03 37.81
N LEU A 168 -4.39 -39.77 38.12
CA LEU A 168 -3.39 -38.71 37.98
C LEU A 168 -2.21 -38.94 38.92
N LYS A 169 -2.48 -39.30 40.19
CA LYS A 169 -1.40 -39.57 41.12
C LYS A 169 -0.57 -40.77 40.66
N THR A 170 -1.23 -41.81 40.16
CA THR A 170 -0.49 -42.99 39.70
C THR A 170 0.41 -42.64 38.51
N LEU A 171 -0.11 -41.84 37.57
CA LEU A 171 0.71 -41.44 36.43
C LEU A 171 1.90 -40.59 36.87
N LEU A 172 1.68 -39.67 37.81
CA LEU A 172 2.78 -38.86 38.32
C LEU A 172 3.82 -39.72 39.01
N TYR A 173 3.37 -40.70 39.79
CA TYR A 173 4.31 -41.60 40.48
C TYR A 173 5.12 -42.41 39.48
N LYS A 174 4.47 -42.90 38.41
CA LYS A 174 5.19 -43.65 37.38
C LYS A 174 6.22 -42.77 36.69
N TYR A 175 5.86 -41.53 36.38
CA TYR A 175 6.81 -40.63 35.72
C TYR A 175 8.00 -40.33 36.61
N PHE A 176 7.76 -40.11 37.91
CA PHE A 176 8.86 -39.86 38.82
C PHE A 176 9.71 -41.10 39.01
N SER A 177 9.09 -42.29 38.97
CA SER A 177 9.86 -43.53 39.06
C SER A 177 10.76 -43.71 37.84
N ASP A 178 10.26 -43.34 36.66
CA ASP A 178 11.10 -43.43 35.45
C ASP A 178 12.33 -42.54 35.57
N ASN A 179 12.16 -41.33 36.09
CA ASN A 179 13.28 -40.43 36.35
C ASN A 179 12.97 -39.47 37.50
N PRO A 180 13.86 -39.36 38.49
CA PRO A 180 13.62 -38.44 39.61
C PRO A 180 13.99 -37.00 39.31
N ASN A 181 14.67 -36.72 38.21
CA ASN A 181 15.13 -35.37 37.90
C ASN A 181 14.14 -34.69 36.95
N LEU A 182 12.99 -34.33 37.52
CA LEU A 182 11.98 -33.58 36.79
C LEU A 182 11.60 -32.33 37.57
N PRO A 183 11.30 -31.22 36.89
CA PRO A 183 10.96 -29.98 37.58
C PRO A 183 9.54 -29.91 38.11
N MET A 184 8.82 -31.03 38.13
CA MET A 184 7.49 -31.16 38.72
C MET A 184 6.47 -30.46 37.83
N ASP A 185 6.95 -29.73 36.83
CA ASP A 185 6.10 -29.09 35.83
C ASP A 185 5.99 -29.89 34.54
N ASN A 186 7.11 -30.40 34.02
CA ASN A 186 7.06 -31.24 32.85
C ASN A 186 6.27 -32.51 33.09
N ALA A 187 6.43 -33.11 34.27
CA ALA A 187 5.67 -34.32 34.60
C ALA A 187 4.18 -34.04 34.61
N LEU A 188 3.77 -32.93 35.21
CA LEU A 188 2.34 -32.59 35.25
C LEU A 188 1.80 -32.32 33.85
N SER A 189 2.55 -31.58 33.04
CA SER A 189 2.11 -31.29 31.68
C SER A 189 1.98 -32.56 30.86
N VAL A 190 2.95 -33.47 30.98
CA VAL A 190 2.89 -34.73 30.25
C VAL A 190 1.71 -35.56 30.73
N ALA A 191 1.49 -35.61 32.05
CA ALA A 191 0.37 -36.39 32.59
C ALA A 191 -0.97 -35.87 32.08
N LEU A 192 -1.14 -34.55 32.03
CA LEU A 192 -2.38 -33.99 31.50
C LEU A 192 -2.54 -34.34 30.01
N TRP A 193 -1.44 -34.26 29.24
CA TRP A 193 -1.49 -34.63 27.84
C TRP A 193 -1.92 -36.09 27.67
N THR A 194 -1.36 -36.97 28.50
CA THR A 194 -1.69 -38.39 28.40
C THR A 194 -3.14 -38.66 28.77
N ILE A 195 -3.63 -38.04 29.84
CA ILE A 195 -5.00 -38.30 30.28
C ILE A 195 -5.99 -37.78 29.25
N ASN A 196 -5.74 -36.61 28.68
CA ASN A 196 -6.75 -35.98 27.83
C ASN A 196 -6.65 -36.39 26.36
N HIS A 197 -5.45 -36.52 25.82
CA HIS A 197 -5.27 -36.71 24.39
C HIS A 197 -4.88 -38.12 23.98
N LEU A 198 -4.29 -38.92 24.87
CA LEU A 198 -3.75 -40.21 24.49
C LEU A 198 -4.60 -41.37 24.99
N ASN A 199 -4.93 -41.40 26.28
CA ASN A 199 -5.78 -42.48 26.79
C ASN A 199 -7.18 -42.37 26.22
N VAL A 200 -7.79 -43.52 25.97
CA VAL A 200 -9.12 -43.61 25.36
C VAL A 200 -10.07 -44.28 26.34
N LEU A 201 -11.30 -43.77 26.41
CA LEU A 201 -12.30 -44.35 27.30
C LEU A 201 -12.72 -45.73 26.80
N THR A 202 -13.03 -46.59 27.77
CA THR A 202 -13.37 -47.98 27.45
C THR A 202 -14.79 -48.10 26.89
N HIS A 203 -15.72 -47.27 27.38
CA HIS A 203 -17.12 -47.42 27.00
C HIS A 203 -17.38 -46.88 25.61
N CYS A 204 -17.16 -45.57 25.42
CA CYS A 204 -17.49 -44.91 24.17
C CYS A 204 -16.36 -44.97 23.14
N GLN A 205 -15.22 -45.56 23.48
CA GLN A 205 -14.08 -45.67 22.57
C GLN A 205 -13.66 -44.30 22.05
N LYS A 206 -13.66 -43.31 22.93
CA LYS A 206 -13.23 -41.95 22.61
C LYS A 206 -12.29 -41.45 23.69
N THR A 207 -11.32 -40.64 23.27
CA THR A 207 -10.48 -39.96 24.23
C THR A 207 -11.27 -38.86 24.92
N ARG A 208 -10.78 -38.44 26.10
CA ARG A 208 -11.49 -37.44 26.88
C ARG A 208 -11.57 -36.11 26.12
N TRP A 209 -10.50 -35.72 25.44
CA TRP A 209 -10.55 -34.52 24.60
C TRP A 209 -11.54 -34.68 23.47
N GLN A 210 -11.54 -35.84 22.81
CA GLN A 210 -12.44 -36.07 21.69
C GLN A 210 -13.90 -36.04 22.12
N LEU A 211 -14.23 -36.67 23.25
CA LEU A 211 -15.60 -36.67 23.72
C LEU A 211 -16.02 -35.29 24.22
N HIS A 212 -15.12 -34.61 24.93
CA HIS A 212 -15.46 -33.28 25.45
C HIS A 212 -15.70 -32.29 24.32
N HIS A 213 -14.89 -32.35 23.26
CA HIS A 213 -14.91 -31.32 22.24
C HIS A 213 -15.55 -31.80 20.94
N SER A 214 -16.30 -32.89 20.98
CA SER A 214 -17.03 -33.34 19.80
C SER A 214 -18.18 -32.38 19.52
N PRO A 215 -18.28 -31.83 18.31
CA PRO A 215 -19.39 -30.91 18.01
C PRO A 215 -20.74 -31.58 18.18
N ARG A 216 -21.70 -30.82 18.71
CA ARG A 216 -23.03 -31.35 18.96
C ARG A 216 -23.85 -31.35 17.67
N LEU A 217 -24.95 -32.08 17.71
CA LEU A 217 -25.81 -32.19 16.54
C LEU A 217 -26.66 -30.93 16.38
N PRO A 218 -26.60 -30.26 15.23
CA PRO A 218 -27.37 -29.03 15.07
C PRO A 218 -28.86 -29.31 15.07
N PRO A 219 -29.68 -28.35 15.51
CA PRO A 219 -31.13 -28.56 15.51
C PRO A 219 -31.69 -28.67 14.11
N ILE A 220 -32.80 -29.38 13.99
CA ILE A 220 -33.46 -29.62 12.71
C ILE A 220 -34.77 -28.84 12.70
N PRO A 221 -34.86 -27.73 11.96
CA PRO A 221 -36.14 -27.00 11.89
C PRO A 221 -37.23 -27.85 11.25
N GLU A 222 -38.45 -27.64 11.70
CA GLU A 222 -39.59 -28.41 11.24
C GLU A 222 -40.29 -27.72 10.07
N GLU A 223 -40.83 -28.53 9.16
CA GLU A 223 -41.54 -28.06 7.98
C GLU A 223 -40.68 -27.18 7.08
N LYS A 224 -39.36 -27.28 7.22
CA LYS A 224 -38.42 -26.50 6.40
C LYS A 224 -37.23 -27.38 6.05
N PRO A 225 -36.94 -27.59 4.77
CA PRO A 225 -35.79 -28.41 4.38
C PRO A 225 -34.48 -27.80 4.87
N VAL A 226 -33.56 -28.66 5.28
CA VAL A 226 -32.25 -28.22 5.74
C VAL A 226 -31.40 -27.93 4.51
N THR A 227 -31.36 -26.67 4.10
CA THR A 227 -30.61 -26.30 2.91
C THR A 227 -29.11 -26.41 3.16
N THR A 228 -28.38 -26.72 2.09
CA THR A 228 -26.93 -26.84 2.18
C THR A 228 -26.31 -25.44 2.20
N SER A 229 -25.38 -25.22 3.13
CA SER A 229 -24.72 -23.93 3.23
C SER A 229 -23.81 -23.71 2.03
N LYS A 230 -23.93 -22.53 1.41
CA LYS A 230 -23.17 -22.18 0.23
C LYS A 230 -22.10 -21.15 0.62
N THR A 231 -20.85 -21.44 0.25
CA THR A 231 -19.74 -20.54 0.53
C THR A 231 -19.52 -19.60 -0.66
N HIS A 232 -19.00 -18.41 -0.35
CA HIS A 232 -18.81 -17.39 -1.37
C HIS A 232 -17.72 -17.80 -2.36
N TRP A 233 -17.66 -17.07 -3.47
CA TRP A 233 -16.68 -17.28 -4.52
C TRP A 233 -15.52 -16.32 -4.33
N TYR A 234 -14.40 -16.62 -4.98
CA TYR A 234 -13.18 -15.86 -4.78
C TYR A 234 -12.42 -15.67 -6.09
N TYR A 235 -11.79 -14.50 -6.22
CA TYR A 235 -10.72 -14.27 -7.18
C TYR A 235 -9.40 -14.57 -6.49
N PHE A 236 -8.52 -15.31 -7.18
CA PHE A 236 -7.28 -15.77 -6.59
C PHE A 236 -6.10 -15.50 -7.52
N LYS A 237 -4.92 -15.36 -6.93
CA LYS A 237 -3.67 -15.19 -7.66
C LYS A 237 -2.68 -16.26 -7.20
N ILE A 238 -1.94 -16.80 -8.15
CA ILE A 238 -0.97 -17.85 -7.84
C ILE A 238 0.24 -17.22 -7.15
N PRO A 239 0.62 -17.69 -5.96
CA PRO A 239 1.79 -17.13 -5.28
C PRO A 239 3.07 -17.42 -6.05
N GLY A 240 4.04 -16.52 -5.90
CA GLY A 240 5.34 -16.71 -6.53
C GLY A 240 5.39 -16.40 -8.01
N LEU A 241 4.42 -15.67 -8.54
CA LEU A 241 4.41 -15.30 -9.95
C LEU A 241 4.44 -13.81 -10.21
N ASN A 242 4.20 -12.97 -9.19
CA ASN A 242 4.24 -11.52 -9.28
C ASN A 242 3.25 -11.00 -10.32
N SER A 243 2.18 -11.74 -10.60
CA SER A 243 1.19 -11.29 -11.56
C SER A 243 0.24 -10.28 -10.90
N ARG A 244 -0.43 -9.50 -11.75
CA ARG A 244 -1.40 -8.50 -11.31
C ARG A 244 -2.79 -8.80 -11.82
N GLN A 245 -3.09 -10.06 -12.11
CA GLN A 245 -4.38 -10.48 -12.66
C GLN A 245 -5.08 -11.40 -11.68
N TRP A 246 -6.37 -11.16 -11.46
CA TRP A 246 -7.20 -12.12 -10.75
C TRP A 246 -7.89 -13.04 -11.74
N LYS A 247 -7.69 -14.34 -11.57
CA LYS A 247 -8.05 -15.34 -12.58
C LYS A 247 -9.33 -16.07 -12.18
N GLY A 248 -10.47 -15.49 -12.53
CA GLY A 248 -11.74 -16.17 -12.49
C GLY A 248 -12.37 -16.27 -11.12
N PRO A 249 -13.67 -15.99 -11.05
CA PRO A 249 -14.42 -16.25 -9.81
C PRO A 249 -14.66 -17.74 -9.65
N GLN A 250 -14.21 -18.30 -8.53
CA GLN A 250 -14.27 -19.75 -8.35
C GLN A 250 -14.58 -20.08 -6.89
N ARG A 251 -15.21 -21.24 -6.70
CA ARG A 251 -15.69 -21.67 -5.39
C ARG A 251 -14.54 -22.23 -4.55
N ALA A 252 -14.62 -21.98 -3.24
CA ALA A 252 -13.61 -22.45 -2.31
C ALA A 252 -14.07 -23.74 -1.63
N LEU A 253 -13.22 -24.77 -1.66
CA LEU A 253 -13.58 -26.04 -1.05
C LEU A 253 -13.56 -25.94 0.48
N GLN A 254 -12.46 -25.45 1.04
CA GLN A 254 -12.30 -25.34 2.49
C GLN A 254 -11.63 -24.01 2.82
N GLU A 255 -11.87 -23.55 4.05
CA GLU A 255 -11.29 -22.31 4.54
C GLU A 255 -10.66 -22.55 5.90
N ALA A 256 -9.56 -21.86 6.17
CA ALA A 256 -8.82 -22.00 7.42
C ALA A 256 -8.32 -20.62 7.84
N ALA A 257 -7.39 -20.61 8.80
CA ALA A 257 -6.83 -19.37 9.30
C ALA A 257 -5.65 -18.97 8.43
N GLY A 258 -5.81 -17.90 7.66
CA GLY A 258 -4.74 -17.41 6.82
C GLY A 258 -4.60 -18.07 5.46
N ALA A 259 -5.53 -18.96 5.11
CA ALA A 259 -5.46 -19.65 3.82
C ALA A 259 -6.84 -20.20 3.49
N ALA A 260 -7.01 -20.62 2.24
CA ALA A 260 -8.26 -21.22 1.79
C ALA A 260 -7.97 -22.09 0.59
N LEU A 261 -8.69 -23.21 0.48
CA LEU A 261 -8.47 -24.15 -0.61
C LEU A 261 -9.15 -23.64 -1.88
N ILE A 262 -8.37 -23.48 -2.94
CA ILE A 262 -8.87 -23.09 -4.25
C ILE A 262 -8.33 -24.08 -5.27
N PRO A 263 -9.18 -24.84 -5.96
CA PRO A 263 -8.70 -25.76 -7.00
C PRO A 263 -8.30 -25.00 -8.26
N VAL A 264 -7.00 -24.83 -8.46
CA VAL A 264 -6.52 -23.98 -9.54
C VAL A 264 -6.92 -24.54 -10.90
N SER A 265 -7.10 -25.85 -11.00
CA SER A 265 -7.54 -26.50 -12.23
C SER A 265 -8.59 -27.54 -11.88
N ASP A 266 -8.93 -28.39 -12.86
CA ASP A 266 -9.88 -29.47 -12.65
C ASP A 266 -9.21 -30.72 -12.08
N THR A 267 -7.95 -30.63 -11.69
CA THR A 267 -7.19 -31.79 -11.20
C THR A 267 -6.60 -31.58 -9.82
N ALA A 268 -6.18 -30.36 -9.48
CA ALA A 268 -5.47 -30.11 -8.24
C ALA A 268 -6.03 -28.89 -7.53
N ALA A 269 -5.76 -28.80 -6.23
CA ALA A 269 -6.19 -27.70 -5.39
C ALA A 269 -5.01 -27.20 -4.56
N GLN A 270 -5.04 -25.92 -4.21
CA GLN A 270 -3.93 -25.29 -3.51
C GLN A 270 -4.46 -24.36 -2.43
N TRP A 271 -3.69 -24.24 -1.35
CA TRP A 271 -4.00 -23.33 -0.26
C TRP A 271 -3.49 -21.93 -0.64
N ILE A 272 -4.41 -21.00 -0.81
CA ILE A 272 -4.09 -19.63 -1.20
C ILE A 272 -4.25 -18.73 0.01
N PRO A 273 -3.28 -17.88 0.33
CA PRO A 273 -3.43 -16.97 1.47
C PRO A 273 -4.52 -15.94 1.23
N TRP A 274 -5.02 -15.39 2.34
CA TRP A 274 -6.12 -14.42 2.26
C TRP A 274 -5.69 -13.14 1.54
N LYS A 275 -4.42 -12.77 1.64
CA LYS A 275 -3.95 -11.56 0.98
C LYS A 275 -4.02 -11.64 -0.54
N LEU A 276 -4.13 -12.85 -1.11
CA LEU A 276 -4.24 -13.03 -2.55
C LEU A 276 -5.64 -13.46 -2.98
N LEU A 277 -6.64 -13.27 -2.10
CA LEU A 277 -8.02 -13.64 -2.39
C LEU A 277 -8.92 -12.42 -2.26
N LYS A 278 -9.87 -12.32 -3.18
CA LYS A 278 -10.85 -11.24 -3.17
C LYS A 278 -12.25 -11.82 -3.30
N ARG A 279 -13.18 -11.28 -2.51
CA ARG A 279 -14.55 -11.77 -2.54
C ARG A 279 -15.21 -11.42 -3.87
N ALA A 280 -16.10 -12.30 -4.32
CA ALA A 280 -16.78 -12.15 -5.59
C ALA A 280 -18.25 -12.49 -5.43
N VAL A 281 -18.98 -12.46 -6.55
CA VAL A 281 -20.41 -12.76 -6.57
C VAL A 281 -20.63 -13.88 -7.59
N CYS A 282 -21.65 -14.70 -7.35
CA CYS A 282 -21.94 -15.81 -8.25
C CYS A 282 -22.26 -15.29 -9.65
N PRO A 283 -21.64 -15.85 -10.69
CA PRO A 283 -21.88 -15.33 -12.05
C PRO A 283 -23.33 -15.44 -12.50
N ARG A 284 -24.09 -16.38 -11.95
CA ARG A 284 -25.48 -16.61 -12.34
C ARG A 284 -25.60 -16.91 -13.83
N SER B 7 25.00 10.77 -29.37
CA SER B 7 24.77 9.35 -29.11
C SER B 7 24.26 9.12 -27.69
N PRO B 8 23.15 8.41 -27.57
CA PRO B 8 22.63 8.10 -26.22
C PRO B 8 23.62 7.36 -25.34
N ALA B 9 24.47 6.52 -25.94
CA ALA B 9 25.38 5.69 -25.15
C ALA B 9 26.36 6.55 -24.35
N LYS B 10 27.03 7.48 -25.02
CA LYS B 10 28.00 8.33 -24.32
C LYS B 10 27.31 9.27 -23.33
N LEU B 11 26.13 9.78 -23.71
CA LEU B 11 25.39 10.67 -22.81
C LEU B 11 25.01 9.94 -21.52
N HIS B 12 24.55 8.70 -21.63
CA HIS B 12 24.22 7.94 -20.43
C HIS B 12 25.46 7.52 -19.66
N SER B 13 26.55 7.21 -20.35
CA SER B 13 27.79 6.86 -19.68
C SER B 13 28.41 8.05 -18.96
N PHE B 14 28.04 9.28 -19.34
CA PHE B 14 28.57 10.46 -18.70
C PHE B 14 27.66 10.98 -17.59
N THR B 15 26.36 11.08 -17.86
CA THR B 15 25.43 11.71 -16.92
C THR B 15 24.45 10.74 -16.27
N HIS B 16 24.31 9.52 -16.78
CA HIS B 16 23.38 8.53 -16.24
C HIS B 16 21.95 9.09 -16.18
N CYS B 17 21.52 9.71 -17.28
CA CYS B 17 20.20 10.30 -17.35
C CYS B 17 19.14 9.21 -17.47
N GLY B 18 17.89 9.65 -17.64
CA GLY B 18 16.76 8.74 -17.69
C GLY B 18 16.50 8.19 -19.08
N GLN B 19 15.28 7.71 -19.28
CA GLN B 19 14.88 7.09 -20.54
C GLN B 19 14.47 8.13 -21.58
N ALA B 20 13.51 8.99 -21.23
CA ALA B 20 13.06 10.02 -22.16
C ALA B 20 14.15 11.03 -22.47
N ALA B 21 15.10 11.24 -21.54
CA ALA B 21 16.23 12.10 -21.85
C ALA B 21 17.06 11.54 -23.00
N LEU B 22 17.21 10.22 -23.07
CA LEU B 22 17.83 9.60 -24.23
C LEU B 22 16.92 9.62 -25.45
N THR B 23 15.61 9.54 -25.23
CA THR B 23 14.67 9.54 -26.35
C THR B 23 14.70 10.85 -27.11
N LEU B 24 14.72 11.98 -26.40
CA LEU B 24 14.72 13.28 -27.08
C LEU B 24 16.01 13.59 -27.82
N HIS B 25 17.11 12.88 -27.51
CA HIS B 25 18.35 13.02 -28.24
C HIS B 25 18.43 12.09 -29.44
N GLY B 26 17.41 11.26 -29.66
CA GLY B 26 17.36 10.35 -30.77
C GLY B 26 17.70 8.93 -30.37
N ALA B 27 16.65 8.14 -30.13
CA ALA B 27 16.76 6.74 -29.75
C ALA B 27 15.35 6.15 -29.68
N THR B 28 15.21 4.90 -30.10
CA THR B 28 13.94 4.21 -29.93
C THR B 28 13.74 3.86 -28.46
N THR B 29 12.47 3.63 -28.09
CA THR B 29 12.16 3.31 -26.70
C THR B 29 12.84 2.03 -26.27
N THR B 30 12.85 1.02 -27.14
CA THR B 30 13.49 -0.25 -26.80
C THR B 30 15.00 -0.09 -26.62
N GLU B 31 15.64 0.71 -27.48
CA GLU B 31 17.09 0.91 -27.35
C GLU B 31 17.43 1.63 -26.06
N ALA B 32 16.68 2.67 -25.71
CA ALA B 32 16.91 3.37 -24.44
C ALA B 32 16.67 2.45 -23.26
N LEU B 33 15.61 1.63 -23.34
CA LEU B 33 15.34 0.67 -22.27
C LEU B 33 16.46 -0.35 -22.14
N ASN B 34 17.00 -0.80 -23.28
CA ASN B 34 18.13 -1.72 -23.26
C ASN B 34 19.36 -1.08 -22.63
N ILE B 35 19.61 0.19 -22.93
CA ILE B 35 20.73 0.90 -22.31
C ILE B 35 20.53 0.99 -20.80
N LEU B 36 19.30 1.29 -20.38
CA LEU B 36 19.03 1.42 -18.95
C LEU B 36 19.24 0.10 -18.21
N HIS B 37 18.67 -1.00 -18.73
CA HIS B 37 18.83 -2.28 -18.06
C HIS B 37 20.22 -2.89 -18.23
N SER B 38 20.97 -2.50 -19.26
CA SER B 38 22.32 -3.00 -19.42
C SER B 38 23.35 -2.21 -18.62
N CYS B 39 22.95 -1.08 -18.03
CA CYS B 39 23.86 -0.30 -17.22
C CYS B 39 24.20 -1.05 -15.94
N HIS B 40 25.47 -0.96 -15.54
CA HIS B 40 25.94 -1.67 -14.37
C HIS B 40 25.84 -0.83 -13.10
N ALA B 41 26.18 0.46 -13.18
CA ALA B 41 26.09 1.33 -12.01
C ALA B 41 24.66 1.77 -11.75
N CYS B 42 23.83 1.88 -12.80
CA CYS B 42 22.48 2.39 -12.63
C CYS B 42 21.55 1.40 -11.95
N ARG B 43 21.96 0.13 -11.81
CA ARG B 43 21.11 -0.88 -11.19
C ARG B 43 21.50 -1.21 -9.76
N LYS B 44 22.80 -1.16 -9.42
CA LYS B 44 23.19 -1.37 -8.03
C LYS B 44 22.84 -0.19 -7.13
N ASN B 45 22.77 1.02 -7.67
CA ASN B 45 22.51 2.21 -6.87
C ASN B 45 21.02 2.52 -6.71
N ASN B 46 20.17 1.96 -7.56
CA ASN B 46 18.73 2.16 -7.43
C ASN B 46 18.18 1.18 -6.40
N PRO B 47 17.59 1.65 -5.31
CA PRO B 47 17.04 0.73 -4.30
C PRO B 47 15.69 0.14 -4.68
N GLN B 48 15.17 0.42 -5.88
CA GLN B 48 13.87 -0.08 -6.29
C GLN B 48 14.02 -1.43 -6.99
N HIS B 49 13.18 -2.38 -6.61
CA HIS B 49 13.16 -3.70 -7.22
C HIS B 49 11.73 -4.23 -7.21
N GLN B 50 11.52 -5.32 -7.96
CA GLN B 50 10.19 -5.91 -8.06
C GLN B 50 10.38 -7.43 -8.17
N MET B 51 10.14 -8.13 -7.07
CA MET B 51 10.33 -9.57 -6.97
C MET B 51 9.09 -10.19 -6.35
N PRO B 52 8.83 -11.48 -6.63
CA PRO B 52 7.65 -12.13 -6.05
C PRO B 52 7.73 -12.18 -4.53
N ARG B 53 6.56 -12.11 -3.90
CA ARG B 53 6.44 -12.12 -2.45
C ARG B 53 6.44 -13.54 -1.92
N GLY B 54 6.89 -13.69 -0.66
CA GLY B 54 6.91 -14.98 0.00
C GLY B 54 5.81 -15.11 1.04
N HIS B 55 5.49 -16.36 1.34
CA HIS B 55 4.47 -16.68 2.34
C HIS B 55 4.96 -17.85 3.19
N ILE B 56 4.73 -17.75 4.50
CA ILE B 56 5.20 -18.78 5.41
C ILE B 56 4.49 -20.11 5.09
N ARG B 57 5.19 -21.21 5.39
CA ARG B 57 4.63 -22.53 5.14
C ARG B 57 3.50 -22.82 6.13
N ARG B 58 2.37 -23.28 5.60
CA ARG B 58 1.18 -23.53 6.41
C ARG B 58 0.82 -25.00 6.36
N GLY B 59 0.40 -25.53 7.51
CA GLY B 59 0.07 -26.93 7.60
C GLY B 59 -1.20 -27.28 6.86
N LEU B 60 -1.31 -28.56 6.49
CA LEU B 60 -2.45 -29.09 5.76
C LEU B 60 -3.61 -29.47 6.66
N LEU B 61 -3.39 -29.54 7.97
CA LEU B 61 -4.41 -30.00 8.91
C LEU B 61 -4.01 -29.51 10.31
N PRO B 62 -4.93 -29.55 11.27
CA PRO B 62 -4.57 -29.15 12.64
C PRO B 62 -3.45 -30.00 13.20
N ASN B 63 -2.61 -29.37 14.02
CA ASN B 63 -1.46 -30.02 14.65
C ASN B 63 -0.49 -30.60 13.62
N HIS B 64 -0.27 -29.85 12.53
CA HIS B 64 0.72 -30.21 11.52
C HIS B 64 1.99 -29.37 11.63
N ILE B 65 1.86 -28.06 11.62
CA ILE B 65 2.99 -27.14 11.73
C ILE B 65 2.68 -26.11 12.80
N TRP B 66 3.62 -25.91 13.72
CA TRP B 66 3.51 -24.91 14.76
C TRP B 66 4.57 -23.84 14.56
N GLN B 67 4.39 -22.70 15.24
CA GLN B 67 5.32 -21.59 15.13
C GLN B 67 5.47 -20.94 16.49
N GLY B 68 6.71 -20.78 16.95
CA GLY B 68 6.97 -20.31 18.29
C GLY B 68 7.92 -19.13 18.33
N ASP B 69 7.79 -18.33 19.38
CA ASP B 69 8.66 -17.20 19.61
C ASP B 69 8.62 -16.84 21.09
N ILE B 70 9.52 -15.94 21.48
CA ILE B 70 9.61 -15.45 22.86
C ILE B 70 9.50 -13.94 22.84
N THR B 71 8.66 -13.40 23.71
CA THR B 71 8.40 -11.96 23.77
C THR B 71 8.59 -11.48 25.21
N HIS B 72 8.89 -10.19 25.36
CA HIS B 72 9.09 -9.60 26.66
C HIS B 72 7.88 -8.75 27.05
N PHE B 73 7.58 -8.71 28.35
CA PHE B 73 6.49 -7.91 28.87
C PHE B 73 6.92 -7.27 30.18
N LYS B 74 6.68 -5.96 30.31
CA LYS B 74 7.04 -5.22 31.51
C LYS B 74 5.80 -5.01 32.36
N TYR B 75 5.86 -5.47 33.62
CA TYR B 75 4.73 -5.34 34.54
C TYR B 75 5.25 -5.38 35.97
N LYS B 76 4.84 -4.40 36.77
CA LYS B 76 5.22 -4.31 38.17
C LYS B 76 6.74 -4.37 38.32
N ASN B 77 7.43 -3.58 37.50
CA ASN B 77 8.89 -3.49 37.47
C ASN B 77 9.57 -4.83 37.19
N THR B 78 8.84 -5.79 36.64
CA THR B 78 9.36 -7.12 36.33
C THR B 78 9.22 -7.40 34.85
N LEU B 79 10.26 -7.98 34.26
CA LEU B 79 10.30 -8.28 32.83
C LEU B 79 10.02 -9.77 32.64
N TYR B 80 8.75 -10.11 32.45
CA TYR B 80 8.37 -11.50 32.20
C TYR B 80 8.63 -11.87 30.75
N ARG B 81 8.95 -13.14 30.53
CA ARG B 81 9.20 -13.67 29.19
C ARG B 81 8.07 -14.62 28.82
N LEU B 82 7.31 -14.25 27.80
CA LEU B 82 6.19 -15.05 27.32
C LEU B 82 6.65 -15.92 26.16
N HIS B 83 6.60 -17.23 26.36
CA HIS B 83 6.83 -18.19 25.28
C HIS B 83 5.50 -18.47 24.61
N VAL B 84 5.41 -18.15 23.32
CA VAL B 84 4.16 -18.23 22.57
C VAL B 84 4.31 -19.25 21.46
N TRP B 85 3.36 -20.19 21.39
CA TRP B 85 3.27 -21.16 20.31
C TRP B 85 1.91 -20.99 19.65
N VAL B 86 1.91 -21.00 18.31
CA VAL B 86 0.69 -20.82 17.54
C VAL B 86 0.57 -21.93 16.52
N ASP B 87 -0.62 -22.52 16.42
CA ASP B 87 -0.89 -23.49 15.38
C ASP B 87 -1.09 -22.78 14.04
N THR B 88 -0.38 -23.25 13.01
CA THR B 88 -0.42 -22.56 11.73
C THR B 88 -1.77 -22.73 11.03
N PHE B 89 -2.40 -23.90 11.16
CA PHE B 89 -3.64 -24.16 10.45
C PHE B 89 -4.79 -23.34 11.02
N SER B 90 -4.95 -23.32 12.34
CA SER B 90 -6.10 -22.71 12.97
C SER B 90 -5.81 -21.42 13.72
N GLY B 91 -4.54 -21.14 14.03
CA GLY B 91 -4.20 -19.95 14.78
C GLY B 91 -4.34 -20.07 16.27
N SER B 92 -4.58 -21.28 16.79
CA SER B 92 -4.71 -21.46 18.24
C SER B 92 -3.40 -21.12 18.94
N VAL B 93 -3.52 -20.45 20.09
CA VAL B 93 -2.38 -19.89 20.80
C VAL B 93 -2.25 -20.56 22.15
N SER B 94 -1.02 -20.99 22.48
CA SER B 94 -0.66 -21.46 23.80
C SER B 94 0.54 -20.65 24.28
N ALA B 95 0.37 -19.94 25.39
CA ALA B 95 1.40 -19.04 25.90
C ALA B 95 1.68 -19.35 27.37
N THR B 96 2.96 -19.37 27.72
CA THR B 96 3.39 -19.58 29.09
C THR B 96 4.34 -18.45 29.49
N HIS B 97 4.16 -17.93 30.70
CA HIS B 97 4.98 -16.83 31.20
C HIS B 97 6.04 -17.38 32.15
N LYS B 98 7.29 -16.97 31.95
CA LYS B 98 8.42 -17.42 32.74
C LYS B 98 9.26 -16.22 33.17
N LYS B 99 10.23 -16.50 34.05
CA LYS B 99 11.09 -15.46 34.59
C LYS B 99 12.31 -15.19 33.71
N ARG B 100 12.91 -16.23 33.14
CA ARG B 100 14.13 -16.10 32.35
C ARG B 100 14.02 -16.97 31.11
N GLU B 101 15.02 -16.85 30.24
CA GLU B 101 15.09 -17.61 29.00
C GLU B 101 16.15 -18.69 29.15
N THR B 102 15.73 -19.95 29.05
CA THR B 102 16.63 -21.08 29.18
C THR B 102 16.02 -22.26 28.41
N SER B 103 16.88 -23.19 28.02
CA SER B 103 16.41 -24.37 27.28
C SER B 103 15.36 -25.14 28.08
N SER B 104 15.53 -25.20 29.40
CA SER B 104 14.52 -25.85 30.24
C SER B 104 13.18 -25.12 30.15
N GLU B 105 13.20 -23.79 30.15
CA GLU B 105 11.96 -23.03 30.00
C GLU B 105 11.31 -23.30 28.66
N ALA B 106 12.09 -23.37 27.58
CA ALA B 106 11.53 -23.66 26.27
C ALA B 106 10.92 -25.06 26.23
N ILE B 107 11.61 -26.04 26.81
CA ILE B 107 11.07 -27.41 26.83
C ILE B 107 9.78 -27.47 27.62
N SER B 108 9.74 -26.81 28.79
CA SER B 108 8.52 -26.81 29.59
C SER B 108 7.37 -26.12 28.86
N SER B 109 7.66 -25.00 28.18
CA SER B 109 6.64 -24.31 27.43
C SER B 109 6.11 -25.18 26.29
N LEU B 110 7.00 -25.88 25.60
CA LEU B 110 6.57 -26.78 24.52
C LEU B 110 5.70 -27.91 25.06
N LEU B 111 6.07 -28.49 26.21
CA LEU B 111 5.27 -29.55 26.79
C LEU B 111 3.90 -29.03 27.23
N HIS B 112 3.85 -27.83 27.80
CA HIS B 112 2.57 -27.24 28.15
C HIS B 112 1.71 -27.00 26.91
N ALA B 113 2.33 -26.54 25.82
CA ALA B 113 1.60 -26.36 24.57
C ALA B 113 1.06 -27.68 24.05
N ILE B 114 1.84 -28.75 24.16
CA ILE B 114 1.36 -30.08 23.75
C ILE B 114 0.17 -30.50 24.60
N ALA B 115 0.26 -30.30 25.92
CA ALA B 115 -0.85 -30.65 26.80
C ALA B 115 -2.09 -29.80 26.55
N HIS B 116 -1.92 -28.58 26.02
CA HIS B 116 -3.05 -27.69 25.80
C HIS B 116 -3.70 -27.88 24.43
N LEU B 117 -2.91 -28.16 23.40
CA LEU B 117 -3.41 -28.24 22.04
C LEU B 117 -3.28 -29.62 21.42
N GLY B 118 -2.09 -30.21 21.43
CA GLY B 118 -1.87 -31.51 20.83
C GLY B 118 -0.41 -31.66 20.47
N ARG B 119 -0.11 -32.76 19.75
CA ARG B 119 1.26 -33.07 19.38
C ARG B 119 1.52 -32.68 17.93
N PRO B 120 2.39 -31.71 17.68
CA PRO B 120 2.71 -31.32 16.31
C PRO B 120 3.81 -32.17 15.70
N SER B 121 3.81 -32.21 14.37
CA SER B 121 4.82 -32.95 13.63
C SER B 121 6.04 -32.10 13.32
N HIS B 122 5.82 -30.95 12.69
CA HIS B 122 6.89 -30.02 12.36
C HIS B 122 6.69 -28.70 13.09
N ILE B 123 7.78 -28.14 13.61
CA ILE B 123 7.75 -26.83 14.26
C ILE B 123 8.93 -26.02 13.73
N ASN B 124 8.70 -24.73 13.48
CA ASN B 124 9.75 -23.85 13.01
C ASN B 124 9.77 -22.57 13.85
N THR B 125 10.96 -22.17 14.28
CA THR B 125 11.17 -20.92 14.98
C THR B 125 12.40 -20.23 14.38
N ASP B 126 12.70 -19.04 14.89
CA ASP B 126 13.89 -18.35 14.45
C ASP B 126 15.13 -19.00 15.06
N ASN B 127 16.30 -18.41 14.79
CA ASN B 127 17.57 -18.94 15.31
C ASN B 127 17.89 -18.30 16.66
N GLY B 128 16.99 -18.49 17.61
CA GLY B 128 17.14 -17.96 18.94
C GLY B 128 18.21 -18.66 19.73
N PRO B 129 18.66 -18.04 20.82
CA PRO B 129 19.72 -18.66 21.64
C PRO B 129 19.28 -19.92 22.37
N ALA B 130 17.97 -20.14 22.51
CA ALA B 130 17.46 -21.29 23.26
C ALA B 130 16.91 -22.40 22.38
N TYR B 131 16.75 -22.17 21.08
CA TYR B 131 16.21 -23.19 20.19
C TYR B 131 17.28 -24.07 19.56
N ALA B 132 18.56 -23.72 19.72
CA ALA B 132 19.64 -24.47 19.09
C ALA B 132 20.46 -25.29 20.07
N SER B 133 20.04 -25.38 21.34
CA SER B 133 20.80 -26.12 22.32
C SER B 133 20.57 -27.62 22.16
N GLN B 134 21.46 -28.41 22.79
CA GLN B 134 21.35 -29.86 22.73
C GLN B 134 20.09 -30.35 23.44
N GLU B 135 19.74 -29.72 24.57
CA GLU B 135 18.58 -30.16 25.34
C GLU B 135 17.29 -30.03 24.53
N PHE B 136 17.12 -28.90 23.83
CA PHE B 136 15.90 -28.69 23.04
C PHE B 136 15.82 -29.69 21.90
N GLN B 137 16.95 -29.96 21.23
CA GLN B 137 16.95 -30.94 20.15
C GLN B 137 16.64 -32.34 20.66
N HIS B 138 17.19 -32.70 21.81
CA HIS B 138 16.89 -34.01 22.40
C HIS B 138 15.41 -34.12 22.77
N ALA B 139 14.84 -33.07 23.34
CA ALA B 139 13.42 -33.08 23.66
C ALA B 139 12.57 -33.19 22.40
N CYS B 140 12.96 -32.49 21.34
CA CYS B 140 12.20 -32.56 20.09
C CYS B 140 12.28 -33.96 19.47
N THR B 141 13.46 -34.57 19.48
CA THR B 141 13.60 -35.89 18.87
C THR B 141 13.04 -37.00 19.74
N SER B 142 12.85 -36.75 21.04
CA SER B 142 12.19 -37.74 21.89
C SER B 142 10.73 -37.93 21.52
N LEU B 143 10.06 -36.88 21.05
CA LEU B 143 8.67 -36.95 20.62
C LEU B 143 8.52 -37.06 19.11
N ALA B 144 9.62 -37.29 18.39
CA ALA B 144 9.62 -37.38 16.93
C ALA B 144 9.05 -36.11 16.30
N ILE B 145 9.53 -34.96 16.76
CA ILE B 145 9.11 -33.66 16.26
C ILE B 145 10.29 -33.05 15.51
N ARG B 146 10.06 -32.67 14.25
CA ARG B 146 11.10 -32.08 13.42
C ARG B 146 11.16 -30.58 13.67
N HIS B 147 12.26 -30.12 14.27
CA HIS B 147 12.46 -28.70 14.54
C HIS B 147 13.40 -28.13 13.50
N THR B 148 12.92 -27.14 12.75
CA THR B 148 13.70 -26.47 11.72
C THR B 148 14.01 -25.04 12.18
N THR B 149 14.75 -24.32 11.33
CA THR B 149 15.18 -22.96 11.63
C THR B 149 14.89 -22.07 10.43
N HIS B 150 14.89 -20.77 10.68
CA HIS B 150 14.63 -19.76 9.67
C HIS B 150 15.95 -19.14 9.20
N ILE B 151 15.83 -18.24 8.23
CA ILE B 151 16.98 -17.45 7.77
C ILE B 151 17.34 -16.48 8.87
N PRO B 152 18.60 -16.45 9.33
CA PRO B 152 18.96 -15.58 10.45
C PRO B 152 18.73 -14.11 10.14
N TYR B 153 18.32 -13.38 11.18
CA TYR B 153 18.09 -11.93 11.10
C TYR B 153 17.03 -11.57 10.07
N ASN B 154 16.04 -12.45 9.89
CA ASN B 154 14.91 -12.24 8.98
C ASN B 154 13.63 -12.51 9.77
N PRO B 155 13.15 -11.53 10.54
CA PRO B 155 11.93 -11.75 11.34
C PRO B 155 10.67 -11.88 10.51
N THR B 156 10.70 -11.54 9.22
CA THR B 156 9.51 -11.63 8.39
C THR B 156 9.06 -13.07 8.17
N SER B 157 9.98 -14.03 8.23
CA SER B 157 9.63 -15.43 8.01
C SER B 157 8.78 -16.02 9.12
N SER B 158 8.65 -15.32 10.25
CA SER B 158 7.83 -15.75 11.37
C SER B 158 6.71 -14.74 11.64
N GLY B 159 6.07 -14.27 10.58
CA GLY B 159 5.10 -13.20 10.73
C GLY B 159 3.92 -13.58 11.61
N LEU B 160 3.44 -14.82 11.49
CA LEU B 160 2.26 -15.24 12.23
C LEU B 160 2.50 -15.17 13.73
N VAL B 161 3.63 -15.70 14.20
CA VAL B 161 3.88 -15.74 15.63
C VAL B 161 4.15 -14.34 16.18
N GLU B 162 4.87 -13.49 15.44
CA GLU B 162 5.10 -12.13 15.91
C GLU B 162 3.79 -11.35 15.99
N ARG B 163 2.91 -11.52 15.00
CA ARG B 163 1.61 -10.87 15.04
C ARG B 163 0.77 -11.38 16.20
N THR B 164 0.84 -12.68 16.47
CA THR B 164 0.14 -13.23 17.64
C THR B 164 0.69 -12.64 18.93
N ASN B 165 2.01 -12.43 19.00
CA ASN B 165 2.59 -11.77 20.16
C ASN B 165 2.05 -10.37 20.32
N GLY B 166 1.92 -9.64 19.22
CA GLY B 166 1.35 -8.30 19.28
C GLY B 166 -0.08 -8.29 19.78
N ILE B 167 -0.90 -9.23 19.28
CA ILE B 167 -2.30 -9.31 19.73
C ILE B 167 -2.36 -9.64 21.22
N LEU B 168 -1.57 -10.60 21.66
CA LEU B 168 -1.57 -10.99 23.07
C LEU B 168 -1.13 -9.83 23.95
N LYS B 169 -0.08 -9.12 23.55
CA LYS B 169 0.37 -7.96 24.32
C LYS B 169 -0.68 -6.87 24.36
N THR B 170 -1.36 -6.62 23.24
CA THR B 170 -2.41 -5.60 23.23
C THR B 170 -3.53 -5.95 24.21
N LEU B 171 -3.95 -7.22 24.22
CA LEU B 171 -4.99 -7.63 25.16
C LEU B 171 -4.51 -7.51 26.61
N LEU B 172 -3.25 -7.87 26.87
CA LEU B 172 -2.72 -7.73 28.22
C LEU B 172 -2.69 -6.27 28.65
N TYR B 173 -2.30 -5.36 27.75
CA TYR B 173 -2.29 -3.95 28.08
C TYR B 173 -3.70 -3.43 28.32
N LYS B 174 -4.67 -3.89 27.54
CA LYS B 174 -6.06 -3.52 27.80
C LYS B 174 -6.49 -3.96 29.19
N TYR B 175 -6.16 -5.19 29.57
CA TYR B 175 -6.54 -5.69 30.89
C TYR B 175 -5.86 -4.90 32.01
N PHE B 176 -4.57 -4.59 31.84
CA PHE B 176 -3.84 -3.88 32.88
C PHE B 176 -4.20 -2.41 32.95
N SER B 177 -4.82 -1.85 31.90
CA SER B 177 -5.24 -0.45 31.96
C SER B 177 -6.37 -0.25 32.95
N ASP B 178 -7.23 -1.26 33.13
CA ASP B 178 -8.37 -1.12 34.04
C ASP B 178 -7.98 -1.45 35.47
N ASN B 179 -7.37 -2.61 35.69
CA ASN B 179 -6.97 -3.08 37.02
C ASN B 179 -5.46 -3.27 37.03
N PRO B 180 -4.70 -2.26 37.44
CA PRO B 180 -3.24 -2.42 37.51
C PRO B 180 -2.78 -3.45 38.53
N ASN B 181 -3.61 -3.79 39.50
CA ASN B 181 -3.24 -4.74 40.55
C ASN B 181 -3.57 -6.18 40.18
N LEU B 182 -4.10 -6.43 38.99
CA LEU B 182 -4.43 -7.78 38.58
C LEU B 182 -3.16 -8.61 38.43
N PRO B 183 -3.14 -9.84 38.96
CA PRO B 183 -1.98 -10.70 38.79
C PRO B 183 -1.76 -11.08 37.33
N MET B 184 -0.48 -11.33 37.00
CA MET B 184 -0.12 -11.64 35.62
C MET B 184 -0.78 -12.92 35.13
N ASP B 185 -0.81 -13.96 35.97
CA ASP B 185 -1.37 -15.24 35.56
C ASP B 185 -2.86 -15.13 35.25
N ASN B 186 -3.62 -14.39 36.07
CA ASN B 186 -5.04 -14.18 35.79
C ASN B 186 -5.23 -13.48 34.44
N ALA B 187 -4.47 -12.41 34.19
CA ALA B 187 -4.61 -11.68 32.94
C ALA B 187 -4.25 -12.55 31.75
N LEU B 188 -3.18 -13.33 31.86
CA LEU B 188 -2.79 -14.22 30.76
C LEU B 188 -3.85 -15.27 30.49
N SER B 189 -4.42 -15.86 31.55
CA SER B 189 -5.46 -16.87 31.36
C SER B 189 -6.69 -16.28 30.70
N VAL B 190 -7.12 -15.10 31.16
CA VAL B 190 -8.29 -14.47 30.57
C VAL B 190 -8.04 -14.12 29.11
N ALA B 191 -6.85 -13.59 28.80
CA ALA B 191 -6.54 -13.24 27.42
C ALA B 191 -6.49 -14.47 26.52
N LEU B 192 -5.91 -15.57 27.01
CA LEU B 192 -5.86 -16.80 26.22
C LEU B 192 -7.26 -17.33 25.96
N TRP B 193 -8.13 -17.30 26.99
CA TRP B 193 -9.51 -17.75 26.79
C TRP B 193 -10.23 -16.85 25.78
N THR B 194 -10.04 -15.54 25.88
CA THR B 194 -10.69 -14.61 24.96
C THR B 194 -10.22 -14.84 23.52
N ILE B 195 -8.92 -15.04 23.34
CA ILE B 195 -8.39 -15.22 21.99
C ILE B 195 -8.87 -16.54 21.39
N ASN B 196 -8.75 -17.63 22.15
CA ASN B 196 -9.01 -18.94 21.59
C ASN B 196 -10.51 -19.22 21.45
N HIS B 197 -11.31 -18.81 22.44
CA HIS B 197 -12.71 -19.24 22.49
C HIS B 197 -13.71 -18.14 22.17
N LEU B 198 -13.35 -16.87 22.35
CA LEU B 198 -14.29 -15.77 22.18
C LEU B 198 -14.06 -15.01 20.88
N ASN B 199 -12.84 -14.52 20.64
CA ASN B 199 -12.56 -13.75 19.44
C ASN B 199 -12.67 -14.62 18.20
N VAL B 200 -13.30 -14.07 17.16
CA VAL B 200 -13.49 -14.76 15.89
C VAL B 200 -12.47 -14.24 14.89
N LEU B 201 -12.04 -15.10 13.98
CA LEU B 201 -11.10 -14.69 12.95
C LEU B 201 -11.78 -13.76 11.96
N THR B 202 -11.01 -12.82 11.42
CA THR B 202 -11.58 -11.75 10.60
C THR B 202 -12.19 -12.29 9.31
N HIS B 203 -11.50 -13.23 8.65
CA HIS B 203 -11.92 -13.64 7.31
C HIS B 203 -12.92 -14.80 7.33
N CYS B 204 -12.55 -15.93 7.92
CA CYS B 204 -13.42 -17.09 7.92
C CYS B 204 -14.59 -16.97 8.89
N GLN B 205 -14.57 -15.97 9.78
CA GLN B 205 -15.64 -15.73 10.75
C GLN B 205 -15.86 -16.94 11.65
N LYS B 206 -14.80 -17.69 11.91
CA LYS B 206 -14.83 -18.81 12.85
C LYS B 206 -13.69 -18.65 13.84
N THR B 207 -13.97 -18.93 15.11
CA THR B 207 -12.94 -18.83 16.12
C THR B 207 -11.88 -19.91 15.90
N ARG B 208 -10.69 -19.67 16.46
CA ARG B 208 -9.60 -20.63 16.33
C ARG B 208 -9.99 -21.97 16.94
N TRP B 209 -10.85 -21.94 17.96
CA TRP B 209 -11.16 -23.17 18.70
C TRP B 209 -12.03 -24.11 17.87
N GLN B 210 -12.96 -23.54 17.09
CA GLN B 210 -13.78 -24.37 16.21
C GLN B 210 -12.95 -25.01 15.12
N LEU B 211 -11.99 -24.27 14.55
CA LEU B 211 -11.15 -24.82 13.49
C LEU B 211 -10.21 -25.89 14.04
N HIS B 212 -9.67 -25.68 15.24
CA HIS B 212 -8.75 -26.67 15.82
C HIS B 212 -9.44 -28.00 16.06
N HIS B 213 -10.69 -27.97 16.57
CA HIS B 213 -11.42 -29.18 16.88
C HIS B 213 -12.52 -29.47 15.86
N SER B 214 -12.41 -28.89 14.66
CA SER B 214 -13.24 -29.32 13.56
C SER B 214 -12.87 -30.75 13.19
N PRO B 215 -13.82 -31.52 12.63
CA PRO B 215 -13.52 -32.93 12.32
C PRO B 215 -12.32 -33.05 11.40
N ARG B 216 -11.43 -33.98 11.74
CA ARG B 216 -10.23 -34.27 10.95
C ARG B 216 -10.51 -35.18 9.78
N LEU B 217 -11.78 -35.34 9.47
CA LEU B 217 -12.18 -36.16 8.32
C LEU B 217 -11.54 -35.75 7.01
N PRO B 218 -11.41 -34.47 6.65
CA PRO B 218 -10.76 -34.12 5.38
C PRO B 218 -9.34 -34.65 5.33
N PRO B 219 -8.97 -35.35 4.26
CA PRO B 219 -7.61 -35.90 4.17
C PRO B 219 -6.60 -34.82 3.83
N ILE B 220 -5.34 -35.24 3.79
CA ILE B 220 -4.23 -34.34 3.47
C ILE B 220 -4.01 -34.36 1.96
N PRO B 221 -4.19 -33.23 1.27
CA PRO B 221 -3.93 -33.20 -0.17
C PRO B 221 -2.50 -33.57 -0.50
N GLU B 222 -2.33 -34.29 -1.61
CA GLU B 222 -1.00 -34.68 -2.05
C GLU B 222 -0.23 -33.45 -2.55
N GLU B 223 1.08 -33.45 -2.30
CA GLU B 223 1.94 -32.35 -2.70
C GLU B 223 2.91 -32.81 -3.79
N LYS B 224 3.51 -31.82 -4.46
CA LYS B 224 4.46 -32.08 -5.54
C LYS B 224 5.74 -31.33 -5.23
N PRO B 225 6.85 -32.02 -4.98
CA PRO B 225 8.12 -31.33 -4.70
C PRO B 225 8.87 -30.86 -5.93
N VAL B 226 8.24 -30.85 -7.09
CA VAL B 226 8.91 -30.43 -8.32
C VAL B 226 9.02 -28.91 -8.33
N THR B 227 10.23 -28.41 -8.53
CA THR B 227 10.52 -26.99 -8.57
C THR B 227 11.10 -26.62 -9.94
N THR B 228 11.47 -25.35 -10.08
CA THR B 228 12.05 -24.87 -11.33
C THR B 228 13.44 -25.46 -11.53
N SER B 229 13.75 -25.84 -12.77
CA SER B 229 15.03 -26.44 -13.12
C SER B 229 16.02 -25.42 -13.66
N LYS B 230 15.68 -24.13 -13.66
CA LYS B 230 16.54 -23.09 -14.20
C LYS B 230 17.01 -22.16 -13.09
N THR B 231 18.09 -21.43 -13.37
CA THR B 231 18.66 -20.46 -12.45
C THR B 231 18.92 -19.16 -13.20
N HIS B 232 19.01 -18.07 -12.44
CA HIS B 232 19.21 -16.75 -13.02
C HIS B 232 20.33 -16.06 -12.26
N TRP B 233 20.56 -14.79 -12.61
CA TRP B 233 21.56 -13.95 -11.95
C TRP B 233 20.85 -12.93 -11.08
N TYR B 234 21.33 -12.76 -9.85
CA TYR B 234 20.65 -11.93 -8.86
C TYR B 234 21.64 -10.99 -8.18
N TYR B 235 21.23 -9.73 -8.03
CA TYR B 235 21.88 -8.84 -7.08
C TYR B 235 21.33 -9.15 -5.68
N PHE B 236 22.25 -9.28 -4.72
CA PHE B 236 21.90 -9.77 -3.40
C PHE B 236 22.34 -8.80 -2.31
N LYS B 237 21.62 -8.83 -1.19
CA LYS B 237 21.98 -8.10 0.01
C LYS B 237 21.94 -9.05 1.20
N ILE B 238 22.91 -8.91 2.09
CA ILE B 238 22.97 -9.77 3.28
C ILE B 238 21.84 -9.39 4.22
N PRO B 239 21.01 -10.33 4.65
CA PRO B 239 19.91 -9.97 5.56
C PRO B 239 20.37 -9.38 6.88
N GLY B 240 21.53 -9.81 7.39
CA GLY B 240 21.96 -9.34 8.69
C GLY B 240 22.27 -7.86 8.74
N LEU B 241 23.00 -7.36 7.74
CA LEU B 241 23.41 -5.96 7.69
C LEU B 241 22.82 -5.30 6.46
N ASN B 242 22.25 -4.11 6.64
CA ASN B 242 21.65 -3.37 5.56
C ASN B 242 22.70 -2.51 4.86
N SER B 243 22.69 -2.53 3.54
CA SER B 243 23.64 -1.78 2.73
C SER B 243 22.89 -0.91 1.73
N ARG B 244 23.52 0.21 1.37
CA ARG B 244 22.88 1.15 0.47
C ARG B 244 22.72 0.60 -0.94
N GLN B 245 23.74 -0.09 -1.44
CA GLN B 245 23.76 -0.55 -2.82
C GLN B 245 23.79 -2.08 -2.87
N TRP B 246 23.33 -2.62 -4.00
CA TRP B 246 23.31 -4.06 -4.20
C TRP B 246 24.73 -4.60 -4.38
N LYS B 247 24.85 -5.92 -4.25
CA LYS B 247 26.12 -6.61 -4.40
C LYS B 247 26.02 -7.65 -5.50
N GLY B 248 27.16 -7.96 -6.10
CA GLY B 248 27.22 -8.95 -7.15
C GLY B 248 27.45 -8.34 -8.53
N PRO B 249 26.73 -8.84 -9.54
CA PRO B 249 25.78 -9.95 -9.43
C PRO B 249 26.45 -11.32 -9.43
N GLN B 250 25.71 -12.34 -8.97
CA GLN B 250 26.21 -13.71 -8.93
C GLN B 250 25.13 -14.63 -9.48
N ARG B 251 25.45 -15.91 -9.59
CA ARG B 251 24.53 -16.92 -10.09
C ARG B 251 24.13 -17.84 -8.95
N ALA B 252 22.82 -18.06 -8.82
CA ALA B 252 22.29 -18.89 -7.75
C ALA B 252 22.55 -20.37 -8.03
N LEU B 253 23.04 -21.08 -7.02
CA LEU B 253 23.23 -22.53 -7.17
C LEU B 253 21.91 -23.24 -7.38
N GLN B 254 20.89 -22.88 -6.60
CA GLN B 254 19.56 -23.42 -6.74
C GLN B 254 18.58 -22.49 -6.05
N GLU B 255 17.38 -22.37 -6.62
CA GLU B 255 16.36 -21.49 -6.08
C GLU B 255 15.08 -22.28 -5.82
N ALA B 256 14.41 -21.95 -4.73
CA ALA B 256 13.14 -22.54 -4.34
C ALA B 256 12.07 -21.46 -4.23
N ALA B 257 10.90 -21.83 -3.74
CA ALA B 257 9.81 -20.89 -3.59
C ALA B 257 10.00 -20.08 -2.31
N GLY B 258 10.27 -18.78 -2.47
CA GLY B 258 10.41 -17.87 -1.35
C GLY B 258 11.83 -17.39 -1.10
N ALA B 259 12.83 -18.12 -1.58
CA ALA B 259 14.22 -17.74 -1.35
C ALA B 259 15.09 -18.38 -2.42
N ALA B 260 16.39 -18.10 -2.35
CA ALA B 260 17.33 -18.65 -3.32
C ALA B 260 18.69 -18.83 -2.66
N LEU B 261 19.45 -19.80 -3.16
CA LEU B 261 20.79 -20.07 -2.66
C LEU B 261 21.79 -19.23 -3.45
N ILE B 262 22.29 -18.17 -2.83
CA ILE B 262 23.22 -17.23 -3.45
C ILE B 262 24.59 -17.43 -2.81
N PRO B 263 25.65 -17.63 -3.59
CA PRO B 263 27.00 -17.75 -3.03
C PRO B 263 27.54 -16.38 -2.65
N VAL B 264 27.63 -16.11 -1.35
CA VAL B 264 28.13 -14.82 -0.89
C VAL B 264 29.60 -14.65 -1.26
N SER B 265 30.40 -15.68 -1.03
CA SER B 265 31.82 -15.64 -1.36
C SER B 265 32.23 -16.88 -2.13
N ASP B 266 33.54 -17.06 -2.33
CA ASP B 266 34.03 -18.21 -3.06
C ASP B 266 34.14 -19.47 -2.21
N THR B 267 33.90 -19.37 -0.90
CA THR B 267 34.04 -20.50 0.00
C THR B 267 32.70 -21.16 0.32
N ALA B 268 31.75 -20.39 0.86
CA ALA B 268 30.47 -20.93 1.28
C ALA B 268 29.34 -20.08 0.74
N ALA B 269 28.19 -20.72 0.52
CA ALA B 269 26.99 -20.06 0.02
C ALA B 269 26.08 -19.64 1.17
N GLN B 270 24.94 -19.06 0.83
CA GLN B 270 23.98 -18.61 1.82
C GLN B 270 22.59 -18.61 1.19
N TRP B 271 21.58 -18.52 2.04
CA TRP B 271 20.19 -18.45 1.60
C TRP B 271 19.69 -17.03 1.74
N ILE B 272 19.14 -16.48 0.67
CA ILE B 272 18.70 -15.09 0.62
C ILE B 272 17.22 -15.09 0.27
N PRO B 273 16.37 -14.40 1.03
CA PRO B 273 14.95 -14.32 0.68
C PRO B 273 14.73 -13.49 -0.57
N TRP B 274 13.52 -13.61 -1.12
CA TRP B 274 13.17 -12.89 -2.34
C TRP B 274 13.00 -11.39 -2.11
N LYS B 275 12.91 -10.93 -0.86
CA LYS B 275 12.78 -9.52 -0.57
C LYS B 275 14.08 -8.76 -0.72
N LEU B 276 15.23 -9.45 -0.69
CA LEU B 276 16.53 -8.82 -0.80
C LEU B 276 17.27 -9.26 -2.07
N LEU B 277 16.53 -9.62 -3.11
CA LEU B 277 17.10 -10.03 -4.38
C LEU B 277 16.56 -9.13 -5.49
N LYS B 278 17.42 -8.86 -6.47
CA LYS B 278 17.07 -8.02 -7.61
C LYS B 278 17.47 -8.72 -8.90
N ARG B 279 16.61 -8.64 -9.91
CA ARG B 279 16.90 -9.25 -11.19
C ARG B 279 18.10 -8.59 -11.85
N ALA B 280 18.91 -9.40 -12.54
CA ALA B 280 20.11 -8.94 -13.22
C ALA B 280 20.01 -9.27 -14.71
N VAL B 281 20.96 -8.75 -15.47
CA VAL B 281 21.06 -9.00 -16.90
C VAL B 281 21.99 -10.20 -17.12
N CYS B 282 21.74 -10.95 -18.16
CA CYS B 282 22.54 -12.14 -18.45
C CYS B 282 23.93 -11.73 -18.93
N PRO B 283 25.01 -12.13 -18.24
CA PRO B 283 26.34 -11.77 -18.73
C PRO B 283 26.69 -12.37 -20.08
N ARG B 284 26.08 -13.49 -20.46
CA ARG B 284 26.35 -14.13 -21.74
C ARG B 284 25.18 -13.94 -22.70
N LEU C 344 -6.54 -51.42 -10.81
CA LEU C 344 -6.84 -50.75 -12.07
C LEU C 344 -5.89 -49.58 -12.29
N LEU C 345 -6.42 -48.36 -12.16
CA LEU C 345 -5.65 -47.14 -12.36
C LEU C 345 -6.12 -46.07 -11.39
N HIS C 346 -5.26 -45.09 -11.16
CA HIS C 346 -5.62 -43.97 -10.29
C HIS C 346 -6.74 -43.15 -10.90
N ILE C 347 -7.67 -42.71 -10.05
CA ILE C 347 -8.88 -42.04 -10.54
C ILE C 347 -8.55 -40.67 -11.12
N ARG C 348 -7.47 -40.04 -10.65
CA ARG C 348 -7.10 -38.71 -11.12
C ARG C 348 -6.16 -38.73 -12.32
N ASP C 349 -5.71 -39.91 -12.76
CA ASP C 349 -4.81 -40.03 -13.90
C ASP C 349 -5.52 -40.50 -15.16
N VAL C 350 -6.80 -40.14 -15.31
CA VAL C 350 -7.58 -40.52 -16.49
C VAL C 350 -8.24 -39.27 -17.04
N PRO C 351 -8.49 -39.24 -18.35
CA PRO C 351 -9.11 -38.04 -18.93
C PRO C 351 -10.55 -37.90 -18.49
N PRO C 352 -11.07 -36.68 -18.43
CA PRO C 352 -12.43 -36.48 -17.89
C PRO C 352 -13.53 -37.12 -18.72
N ALA C 353 -13.27 -37.46 -19.98
CA ALA C 353 -14.30 -38.06 -20.82
C ALA C 353 -14.77 -39.39 -20.25
N ASP C 354 -13.83 -40.22 -19.78
CA ASP C 354 -14.15 -41.50 -19.17
C ASP C 354 -13.77 -41.55 -17.69
N GLN C 355 -13.62 -40.40 -17.05
CA GLN C 355 -13.29 -40.37 -15.64
C GLN C 355 -14.41 -40.97 -14.79
N GLU C 356 -15.66 -40.67 -15.13
CA GLU C 356 -16.79 -41.25 -14.40
C GLU C 356 -16.88 -42.76 -14.64
N LYS C 357 -16.43 -43.24 -15.80
CA LYS C 357 -16.42 -44.67 -16.05
C LYS C 357 -15.50 -45.40 -15.08
N LEU C 358 -14.27 -44.90 -14.92
CA LEU C 358 -13.35 -45.49 -13.95
C LEU C 358 -13.83 -45.25 -12.53
N PHE C 359 -14.53 -44.14 -12.28
CA PHE C 359 -15.16 -43.92 -10.98
C PHE C 359 -16.11 -45.06 -10.65
N ILE C 360 -17.00 -45.39 -11.58
CA ILE C 360 -17.95 -46.49 -11.36
C ILE C 360 -17.23 -47.82 -11.23
N GLN C 361 -16.22 -48.05 -12.09
CA GLN C 361 -15.51 -49.32 -12.07
C GLN C 361 -14.78 -49.53 -10.74
N LYS C 362 -14.14 -48.48 -10.22
CA LYS C 362 -13.44 -48.60 -8.95
C LYS C 362 -14.42 -48.69 -7.79
N LEU C 363 -15.60 -48.08 -7.91
CA LEU C 363 -16.65 -48.30 -6.92
C LEU C 363 -17.08 -49.77 -6.91
N ARG C 364 -17.18 -50.38 -8.09
CA ARG C 364 -17.55 -51.79 -8.19
C ARG C 364 -16.50 -52.72 -7.61
N GLN C 365 -15.24 -52.28 -7.52
CA GLN C 365 -14.18 -53.15 -7.05
C GLN C 365 -14.37 -53.54 -5.59
N CYS C 366 -14.88 -52.63 -4.77
CA CYS C 366 -15.05 -52.88 -3.35
C CYS C 366 -16.36 -53.59 -3.03
N CYS C 367 -17.17 -53.91 -4.04
CA CYS C 367 -18.42 -54.62 -3.82
C CYS C 367 -18.20 -56.03 -3.28
N VAL C 368 -17.04 -56.63 -3.56
CA VAL C 368 -16.75 -57.98 -3.06
C VAL C 368 -16.50 -57.93 -1.57
N LEU C 369 -16.93 -58.97 -0.87
CA LEU C 369 -16.85 -59.02 0.59
C LEU C 369 -15.50 -59.58 1.03
N PHE C 370 -15.13 -59.24 2.27
CA PHE C 370 -13.94 -59.79 2.92
C PHE C 370 -14.25 -59.97 4.40
N ASP C 371 -14.24 -61.20 4.86
CA ASP C 371 -14.66 -61.53 6.22
C ASP C 371 -13.43 -61.82 7.08
N PHE C 372 -13.27 -61.05 8.16
CA PHE C 372 -12.24 -61.33 9.15
C PHE C 372 -12.68 -62.34 10.19
N VAL C 373 -13.99 -62.51 10.39
CA VAL C 373 -14.49 -63.44 11.40
C VAL C 373 -14.19 -64.88 11.01
N SER C 374 -14.28 -65.19 9.70
CA SER C 374 -14.02 -66.55 9.26
C SER C 374 -12.60 -66.98 9.56
N ASP C 375 -11.62 -66.11 9.29
CA ASP C 375 -10.23 -66.38 9.60
C ASP C 375 -9.46 -65.08 9.51
N PRO C 376 -8.53 -64.81 10.44
CA PRO C 376 -7.81 -63.53 10.42
C PRO C 376 -6.98 -63.30 9.16
N LEU C 377 -6.43 -64.35 8.57
CA LEU C 377 -5.55 -64.23 7.41
C LEU C 377 -6.26 -64.84 6.20
N SER C 378 -6.78 -63.99 5.32
CA SER C 378 -7.44 -64.44 4.10
C SER C 378 -7.47 -63.30 3.11
N ASP C 379 -6.83 -63.49 1.96
CA ASP C 379 -6.77 -62.48 0.90
C ASP C 379 -6.22 -61.15 1.42
N LEU C 380 -4.99 -61.21 1.93
CA LEU C 380 -4.38 -60.03 2.55
C LEU C 380 -4.16 -58.92 1.52
N LYS C 381 -3.62 -59.25 0.36
CA LYS C 381 -3.34 -58.22 -0.64
C LYS C 381 -4.61 -57.69 -1.26
N TRP C 382 -5.64 -58.54 -1.40
CA TRP C 382 -6.95 -58.05 -1.83
C TRP C 382 -7.51 -57.04 -0.85
N LYS C 383 -7.38 -57.32 0.45
CA LYS C 383 -7.86 -56.39 1.47
C LYS C 383 -7.06 -55.09 1.44
N GLU C 384 -5.75 -55.18 1.22
CA GLU C 384 -4.94 -53.97 1.13
C GLU C 384 -5.35 -53.12 -0.08
N VAL C 385 -5.60 -53.76 -1.21
CA VAL C 385 -6.06 -53.03 -2.39
C VAL C 385 -7.42 -52.39 -2.13
N LYS C 386 -8.31 -53.12 -1.44
CA LYS C 386 -9.62 -52.55 -1.11
C LYS C 386 -9.49 -51.33 -0.21
N ARG C 387 -8.62 -51.41 0.80
CA ARG C 387 -8.43 -50.28 1.70
C ARG C 387 -7.84 -49.08 0.96
N ALA C 388 -6.84 -49.31 0.10
CA ALA C 388 -6.25 -48.22 -0.67
C ALA C 388 -7.26 -47.60 -1.62
N ALA C 389 -8.08 -48.44 -2.27
CA ALA C 389 -9.11 -47.92 -3.16
C ALA C 389 -10.14 -47.09 -2.40
N LEU C 390 -10.55 -47.54 -1.21
CA LEU C 390 -11.49 -46.78 -0.41
C LEU C 390 -10.91 -45.43 0.00
N SER C 391 -9.63 -45.43 0.41
CA SER C 391 -8.98 -44.16 0.76
C SER C 391 -8.91 -43.22 -0.44
N GLU C 392 -8.58 -43.75 -1.62
CA GLU C 392 -8.51 -42.92 -2.80
C GLU C 392 -9.88 -42.36 -3.17
N MET C 393 -10.92 -43.17 -3.05
CA MET C 393 -12.27 -42.69 -3.34
C MET C 393 -12.69 -41.59 -2.37
N VAL C 394 -12.43 -41.78 -1.07
CA VAL C 394 -12.87 -40.79 -0.10
C VAL C 394 -12.06 -39.50 -0.21
N GLU C 395 -10.80 -39.59 -0.64
CA GLU C 395 -10.04 -38.35 -0.86
C GLU C 395 -10.45 -37.68 -2.16
N TYR C 396 -10.87 -38.44 -3.17
CA TYR C 396 -11.27 -37.85 -4.45
C TYR C 396 -12.62 -37.16 -4.34
N ILE C 397 -13.56 -37.75 -3.59
CA ILE C 397 -14.93 -37.21 -3.56
C ILE C 397 -14.98 -35.82 -2.94
N THR C 398 -14.02 -35.48 -2.07
CA THR C 398 -14.06 -34.23 -1.32
C THR C 398 -13.07 -33.18 -1.87
N HIS C 399 -12.69 -33.30 -3.14
CA HIS C 399 -11.76 -32.34 -3.72
C HIS C 399 -12.17 -31.85 -5.10
N ASN C 400 -13.35 -32.22 -5.60
CA ASN C 400 -13.80 -31.79 -6.91
C ASN C 400 -15.29 -31.52 -6.88
N ARG C 401 -15.75 -30.74 -7.85
CA ARG C 401 -17.15 -30.38 -7.99
C ARG C 401 -17.73 -30.96 -9.28
N ASN C 402 -19.06 -31.00 -9.32
CA ASN C 402 -19.79 -31.56 -10.46
C ASN C 402 -19.37 -33.00 -10.75
N VAL C 403 -19.18 -33.77 -9.69
CA VAL C 403 -18.76 -35.16 -9.80
C VAL C 403 -19.95 -36.11 -9.78
N ILE C 404 -20.92 -35.86 -8.89
CA ILE C 404 -22.07 -36.74 -8.76
C ILE C 404 -22.97 -36.58 -9.99
N THR C 405 -23.32 -37.71 -10.61
CA THR C 405 -24.10 -37.72 -11.83
C THR C 405 -25.21 -38.75 -11.68
N GLU C 406 -26.21 -38.70 -12.56
CA GLU C 406 -27.39 -39.54 -12.46
C GLU C 406 -27.10 -41.03 -12.33
N PRO C 407 -26.21 -41.64 -13.12
CA PRO C 407 -25.95 -43.08 -12.95
C PRO C 407 -24.99 -43.41 -11.81
N ILE C 408 -24.73 -42.50 -10.90
CA ILE C 408 -23.81 -42.73 -9.79
C ILE C 408 -24.60 -42.94 -8.50
N TYR C 409 -25.79 -42.35 -8.44
CA TYR C 409 -26.57 -42.39 -7.19
C TYR C 409 -26.90 -43.81 -6.76
N PRO C 410 -27.42 -44.72 -7.63
CA PRO C 410 -27.73 -46.08 -7.17
C PRO C 410 -26.55 -46.86 -6.61
N GLU C 411 -25.53 -47.01 -7.45
CA GLU C 411 -24.54 -48.07 -7.24
C GLU C 411 -23.78 -47.87 -5.94
N VAL C 412 -23.37 -46.63 -5.65
CA VAL C 412 -22.66 -46.37 -4.40
C VAL C 412 -23.53 -46.78 -3.21
N VAL C 413 -24.81 -46.41 -3.23
CA VAL C 413 -25.71 -46.86 -2.18
C VAL C 413 -25.79 -48.38 -2.18
N HIS C 414 -25.89 -48.97 -3.38
CA HIS C 414 -25.87 -50.42 -3.49
C HIS C 414 -24.59 -50.99 -2.90
N MET C 415 -23.45 -50.35 -3.20
CA MET C 415 -22.20 -50.76 -2.57
C MET C 415 -22.31 -50.67 -1.06
N PHE C 416 -22.84 -49.55 -0.56
CA PHE C 416 -23.13 -49.43 0.87
C PHE C 416 -24.08 -50.54 1.29
N ALA C 417 -25.13 -50.76 0.49
CA ALA C 417 -26.09 -51.83 0.78
C ALA C 417 -25.41 -53.19 0.80
N VAL C 418 -24.35 -53.37 0.01
CA VAL C 418 -23.67 -54.66 0.00
C VAL C 418 -22.92 -54.87 1.31
N ASN C 419 -22.32 -53.81 1.86
CA ASN C 419 -21.36 -53.99 2.94
C ASN C 419 -21.99 -53.88 4.33
N MET C 420 -22.84 -52.89 4.56
CA MET C 420 -23.31 -52.62 5.91
C MET C 420 -24.54 -53.44 6.29
N PHE C 421 -25.56 -53.44 5.43
CA PHE C 421 -26.79 -54.17 5.73
C PHE C 421 -26.53 -55.67 5.63
N ARG C 422 -26.50 -56.35 6.78
CA ARG C 422 -26.19 -57.76 6.84
C ARG C 422 -26.75 -58.32 8.14
N THR C 423 -26.67 -59.64 8.29
CA THR C 423 -27.10 -60.26 9.54
C THR C 423 -26.18 -59.82 10.68
N LEU C 424 -26.79 -59.56 11.82
CA LEU C 424 -26.04 -59.06 12.96
C LEU C 424 -25.22 -60.19 13.60
N PRO C 425 -24.08 -59.86 14.18
CA PRO C 425 -23.32 -60.87 14.91
C PRO C 425 -24.10 -61.40 16.09
N PRO C 426 -23.89 -62.65 16.48
CA PRO C 426 -24.63 -63.21 17.62
C PRO C 426 -24.36 -62.42 18.90
N SER C 427 -25.40 -62.27 19.71
CA SER C 427 -25.29 -61.50 20.93
C SER C 427 -24.43 -62.24 21.95
N SER C 428 -23.62 -61.47 22.70
CA SER C 428 -22.76 -62.06 23.72
C SER C 428 -22.76 -61.24 25.02
N ASN C 429 -23.60 -60.21 25.12
CA ASN C 429 -23.68 -59.37 26.31
C ASN C 429 -22.33 -58.77 26.68
N GLU C 441 -16.12 -54.55 29.16
CA GLU C 441 -15.63 -54.11 27.86
C GLU C 441 -16.30 -54.89 26.74
N PRO C 442 -17.05 -54.21 25.89
CA PRO C 442 -17.72 -54.89 24.78
C PRO C 442 -16.76 -55.19 23.63
N THR C 443 -17.08 -56.24 22.89
CA THR C 443 -16.23 -56.70 21.81
C THR C 443 -16.25 -55.70 20.64
N LEU C 444 -15.16 -55.69 19.88
CA LEU C 444 -15.01 -54.82 18.73
C LEU C 444 -15.20 -55.64 17.46
N GLU C 445 -15.91 -55.05 16.49
CA GLU C 445 -16.21 -55.75 15.24
C GLU C 445 -14.91 -56.01 14.48
N ALA C 446 -14.81 -57.21 13.89
CA ALA C 446 -13.55 -57.67 13.34
C ALA C 446 -13.11 -56.88 12.11
N ALA C 447 -14.05 -56.47 11.26
CA ALA C 447 -13.74 -55.81 10.00
C ALA C 447 -13.83 -54.30 10.12
N TRP C 448 -13.44 -53.75 11.27
CA TRP C 448 -13.60 -52.31 11.51
C TRP C 448 -12.93 -51.42 10.48
N PRO C 449 -11.70 -51.69 9.99
CA PRO C 449 -11.10 -50.77 9.00
C PRO C 449 -11.97 -50.51 7.79
N HIS C 450 -12.39 -51.58 7.10
CA HIS C 450 -13.20 -51.42 5.89
C HIS C 450 -14.52 -50.73 6.20
N LEU C 451 -15.16 -51.11 7.31
CA LEU C 451 -16.42 -50.49 7.68
C LEU C 451 -16.25 -49.00 7.98
N GLN C 452 -15.15 -48.64 8.63
CA GLN C 452 -14.90 -47.23 8.94
C GLN C 452 -14.70 -46.42 7.68
N LEU C 453 -13.92 -46.95 6.73
CA LEU C 453 -13.73 -46.24 5.46
C LEU C 453 -15.04 -46.13 4.69
N VAL C 454 -15.85 -47.18 4.69
CA VAL C 454 -17.14 -47.13 3.99
C VAL C 454 -18.06 -46.11 4.66
N TYR C 455 -18.09 -46.08 5.99
CA TYR C 455 -18.92 -45.10 6.69
C TYR C 455 -18.49 -43.68 6.37
N GLU C 456 -17.18 -43.42 6.37
CA GLU C 456 -16.68 -42.09 6.03
C GLU C 456 -17.03 -41.72 4.59
N PHE C 457 -16.91 -42.68 3.67
CA PHE C 457 -17.22 -42.40 2.27
C PHE C 457 -18.71 -42.09 2.10
N PHE C 458 -19.58 -42.85 2.76
CA PHE C 458 -21.01 -42.57 2.69
C PHE C 458 -21.34 -41.22 3.29
N LEU C 459 -20.70 -40.88 4.42
CA LEU C 459 -20.92 -39.58 5.04
C LEU C 459 -20.54 -38.46 4.10
N ARG C 460 -19.40 -38.58 3.42
CA ARG C 460 -18.99 -37.56 2.46
C ARG C 460 -19.88 -37.55 1.23
N PHE C 461 -20.38 -38.72 0.82
CA PHE C 461 -21.27 -38.77 -0.34
C PHE C 461 -22.57 -38.03 -0.08
N LEU C 462 -23.13 -38.17 1.12
CA LEU C 462 -24.42 -37.55 1.40
C LEU C 462 -24.32 -36.04 1.64
N GLU C 463 -23.22 -35.56 2.22
CA GLU C 463 -23.10 -34.16 2.59
C GLU C 463 -22.37 -33.32 1.54
N SER C 464 -22.03 -33.90 0.40
CA SER C 464 -21.36 -33.13 -0.64
C SER C 464 -22.29 -32.05 -1.17
N PRO C 465 -21.77 -30.86 -1.45
CA PRO C 465 -22.64 -29.78 -1.96
C PRO C 465 -23.28 -30.09 -3.30
N ASP C 466 -22.71 -31.01 -4.07
CA ASP C 466 -23.28 -31.39 -5.36
C ASP C 466 -24.45 -32.35 -5.23
N PHE C 467 -24.72 -32.87 -4.04
CA PHE C 467 -25.81 -33.81 -3.85
C PHE C 467 -27.15 -33.11 -4.01
N GLN C 468 -28.03 -33.69 -4.83
CA GLN C 468 -29.36 -33.15 -5.05
C GLN C 468 -30.38 -34.00 -4.32
N PRO C 469 -31.16 -33.44 -3.39
CA PRO C 469 -32.13 -34.23 -2.63
C PRO C 469 -33.35 -34.68 -3.42
N ASN C 470 -33.41 -34.41 -4.73
CA ASN C 470 -34.53 -34.82 -5.55
C ASN C 470 -34.19 -35.97 -6.50
N ILE C 471 -32.97 -36.50 -6.45
CA ILE C 471 -32.58 -37.61 -7.31
C ILE C 471 -32.69 -38.91 -6.52
N ALA C 472 -32.35 -38.87 -5.25
CA ALA C 472 -32.38 -40.04 -4.39
C ALA C 472 -33.77 -40.35 -3.84
N LYS C 473 -34.77 -39.52 -4.17
CA LYS C 473 -36.13 -39.76 -3.68
C LYS C 473 -36.71 -41.07 -4.18
N LYS C 474 -36.39 -41.48 -5.41
CA LYS C 474 -36.78 -42.79 -5.93
C LYS C 474 -35.61 -43.76 -5.94
N TYR C 475 -34.51 -43.42 -5.26
CA TYR C 475 -33.43 -44.35 -4.96
C TYR C 475 -33.35 -44.72 -3.49
N ILE C 476 -33.68 -43.78 -2.59
CA ILE C 476 -33.74 -44.03 -1.16
C ILE C 476 -35.20 -44.06 -0.75
N ASP C 477 -35.64 -45.20 -0.20
CA ASP C 477 -37.05 -45.37 0.14
C ASP C 477 -37.19 -45.76 1.61
N GLN C 478 -38.40 -46.16 2.01
CA GLN C 478 -38.62 -46.56 3.39
C GLN C 478 -37.83 -47.82 3.74
N LYS C 479 -37.70 -48.75 2.78
CA LYS C 479 -36.98 -49.99 3.05
C LYS C 479 -35.54 -49.73 3.43
N PHE C 480 -34.90 -48.75 2.78
CA PHE C 480 -33.54 -48.39 3.14
C PHE C 480 -33.45 -47.91 4.58
N VAL C 481 -34.43 -47.11 5.00
CA VAL C 481 -34.42 -46.59 6.37
C VAL C 481 -34.66 -47.71 7.38
N LEU C 482 -35.56 -48.64 7.07
CA LEU C 482 -35.75 -49.80 7.95
C LEU C 482 -34.47 -50.60 8.09
N GLN C 483 -33.82 -50.92 6.97
CA GLN C 483 -32.61 -51.73 7.04
C GLN C 483 -31.48 -50.99 7.73
N LEU C 484 -31.46 -49.66 7.66
CA LEU C 484 -30.45 -48.89 8.38
C LEU C 484 -30.75 -48.83 9.86
N LEU C 485 -32.03 -48.65 10.23
CA LEU C 485 -32.39 -48.56 11.63
C LEU C 485 -32.22 -49.89 12.35
N GLU C 486 -32.41 -51.00 11.64
CA GLU C 486 -32.17 -52.31 12.24
C GLU C 486 -30.70 -52.55 12.55
N LEU C 487 -29.80 -51.75 11.99
CA LEU C 487 -28.37 -51.86 12.26
C LEU C 487 -27.95 -51.17 13.55
N PHE C 488 -28.83 -50.34 14.13
CA PHE C 488 -28.49 -49.64 15.36
C PHE C 488 -28.35 -50.57 16.56
N ASP C 489 -28.76 -51.83 16.44
CA ASP C 489 -28.58 -52.83 17.49
C ASP C 489 -27.13 -53.28 17.62
N SER C 490 -26.23 -52.77 16.79
CA SER C 490 -24.84 -53.22 16.80
C SER C 490 -24.17 -52.88 18.13
N GLU C 491 -23.31 -53.79 18.59
CA GLU C 491 -22.61 -53.64 19.85
C GLU C 491 -21.41 -52.70 19.76
N ASP C 492 -20.90 -52.43 18.56
CA ASP C 492 -19.73 -51.58 18.41
C ASP C 492 -20.10 -50.12 18.65
N PRO C 493 -19.44 -49.44 19.59
CA PRO C 493 -19.81 -48.04 19.85
C PRO C 493 -19.42 -47.10 18.73
N ARG C 494 -18.29 -47.34 18.06
CA ARG C 494 -17.89 -46.51 16.93
C ARG C 494 -18.91 -46.63 15.79
N GLU C 495 -19.39 -47.84 15.53
CA GLU C 495 -20.43 -48.02 14.54
C GLU C 495 -21.69 -47.26 14.91
N ARG C 496 -22.05 -47.27 16.20
CA ARG C 496 -23.22 -46.52 16.65
C ARG C 496 -23.02 -45.02 16.43
N ASP C 497 -21.83 -44.51 16.72
CA ASP C 497 -21.55 -43.09 16.51
C ASP C 497 -21.69 -42.71 15.04
N PHE C 498 -21.09 -43.50 14.16
CA PHE C 498 -21.18 -43.19 12.73
C PHE C 498 -22.61 -43.34 12.22
N LEU C 499 -23.34 -44.34 12.74
CA LEU C 499 -24.72 -44.52 12.33
C LEU C 499 -25.59 -43.35 12.75
N LYS C 500 -25.38 -42.84 13.98
CA LYS C 500 -26.20 -41.70 14.42
C LYS C 500 -25.85 -40.44 13.64
N THR C 501 -24.56 -40.20 13.38
CA THR C 501 -24.18 -39.01 12.63
C THR C 501 -24.56 -39.11 11.16
N THR C 502 -24.84 -40.32 10.67
CA THR C 502 -25.36 -40.47 9.32
C THR C 502 -26.88 -40.33 9.29
N LEU C 503 -27.56 -40.92 10.28
CA LEU C 503 -29.02 -40.85 10.33
C LEU C 503 -29.50 -39.42 10.55
N HIS C 504 -28.75 -38.63 11.32
CA HIS C 504 -29.10 -37.22 11.48
C HIS C 504 -29.16 -36.51 10.13
N ARG C 505 -28.12 -36.69 9.31
CA ARG C 505 -28.07 -36.03 8.01
C ARG C 505 -29.18 -36.56 7.10
N ILE C 506 -29.42 -37.88 7.12
CA ILE C 506 -30.46 -38.45 6.27
C ILE C 506 -31.82 -37.89 6.64
N TYR C 507 -32.11 -37.81 7.95
CA TYR C 507 -33.38 -37.23 8.39
C TYR C 507 -33.49 -35.75 8.03
N GLY C 508 -32.40 -35.00 8.19
CA GLY C 508 -32.46 -33.57 7.92
C GLY C 508 -32.64 -33.24 6.45
N LYS C 509 -31.95 -33.96 5.58
CA LYS C 509 -31.97 -33.61 4.15
C LYS C 509 -33.32 -33.89 3.51
N PHE C 510 -33.91 -35.06 3.79
CA PHE C 510 -35.14 -35.46 3.15
C PHE C 510 -36.36 -34.98 3.96
N LEU C 511 -37.42 -34.65 3.23
CA LEU C 511 -38.65 -34.14 3.84
C LEU C 511 -39.78 -35.16 3.89
N GLY C 512 -39.86 -36.06 2.91
CA GLY C 512 -40.90 -37.07 2.89
C GLY C 512 -40.60 -38.31 3.69
N LEU C 513 -39.46 -38.35 4.39
CA LEU C 513 -39.05 -39.50 5.17
C LEU C 513 -38.98 -39.19 6.66
N ARG C 514 -39.74 -38.18 7.12
CA ARG C 514 -39.68 -37.75 8.51
C ARG C 514 -40.75 -38.43 9.37
N ALA C 515 -42.02 -38.31 8.99
CA ALA C 515 -43.09 -38.93 9.76
C ALA C 515 -42.96 -40.44 9.79
N TYR C 516 -42.45 -41.04 8.71
CA TYR C 516 -42.25 -42.48 8.69
C TYR C 516 -41.20 -42.89 9.71
N ILE C 517 -40.11 -42.12 9.82
CA ILE C 517 -39.10 -42.41 10.84
C ILE C 517 -39.67 -42.21 12.23
N ARG C 518 -40.53 -41.19 12.40
CA ARG C 518 -41.16 -40.99 13.71
C ARG C 518 -42.03 -42.18 14.09
N LYS C 519 -42.83 -42.68 13.15
CA LYS C 519 -43.64 -43.86 13.43
C LYS C 519 -42.77 -45.07 13.73
N GLN C 520 -41.66 -45.22 13.00
CA GLN C 520 -40.78 -46.36 13.21
C GLN C 520 -40.10 -46.30 14.57
N ILE C 521 -39.66 -45.11 14.99
CA ILE C 521 -39.04 -44.99 16.31
C ILE C 521 -40.06 -45.22 17.41
N ASN C 522 -41.31 -44.80 17.20
CA ASN C 522 -42.36 -45.12 18.16
C ASN C 522 -42.56 -46.63 18.25
N ASN C 523 -42.59 -47.32 17.10
CA ASN C 523 -42.80 -48.76 17.11
C ASN C 523 -41.64 -49.50 17.79
N ILE C 524 -40.40 -49.09 17.50
CA ILE C 524 -39.26 -49.76 18.11
C ILE C 524 -39.18 -49.46 19.59
N PHE C 525 -39.60 -48.25 20.01
CA PHE C 525 -39.69 -47.97 21.44
C PHE C 525 -40.73 -48.83 22.11
N TYR C 526 -41.88 -49.03 21.47
CA TYR C 526 -42.90 -49.92 22.02
C TYR C 526 -42.39 -51.35 22.16
N ARG C 527 -41.69 -51.83 21.13
CA ARG C 527 -41.13 -53.19 21.19
C ARG C 527 -40.08 -53.30 22.28
N PHE C 528 -39.23 -52.28 22.41
CA PHE C 528 -38.17 -52.33 23.42
C PHE C 528 -38.75 -52.29 24.83
N ILE C 529 -39.81 -51.49 25.05
CA ILE C 529 -40.37 -51.35 26.39
C ILE C 529 -41.33 -52.49 26.73
N TYR C 530 -41.88 -53.18 25.74
CA TYR C 530 -42.88 -54.22 25.99
C TYR C 530 -42.41 -55.60 25.55
N GLU C 531 -41.97 -55.75 24.29
CA GLU C 531 -41.73 -57.09 23.75
C GLU C 531 -40.35 -57.62 24.15
N THR C 532 -39.29 -56.96 23.71
CA THR C 532 -37.92 -57.41 23.96
C THR C 532 -37.15 -56.30 24.65
N GLU C 533 -36.49 -56.64 25.75
CA GLU C 533 -35.76 -55.66 26.56
C GLU C 533 -34.28 -55.59 26.20
N HIS C 534 -33.85 -56.30 25.16
CA HIS C 534 -32.44 -56.34 24.78
C HIS C 534 -32.19 -55.30 23.70
N HIS C 535 -31.50 -54.22 24.06
CA HIS C 535 -31.14 -53.18 23.11
C HIS C 535 -29.90 -52.46 23.63
N ASN C 536 -29.10 -51.93 22.70
CA ASN C 536 -27.85 -51.27 23.04
C ASN C 536 -27.70 -49.87 22.45
N GLY C 537 -28.63 -49.43 21.61
CA GLY C 537 -28.50 -48.13 20.99
C GLY C 537 -29.50 -47.10 21.47
N ILE C 538 -29.81 -47.12 22.77
CA ILE C 538 -30.76 -46.17 23.33
C ILE C 538 -30.18 -44.76 23.32
N ALA C 539 -28.91 -44.61 23.71
CA ALA C 539 -28.33 -43.28 23.90
C ALA C 539 -28.25 -42.49 22.60
N GLU C 540 -27.76 -43.12 21.52
CA GLU C 540 -27.59 -42.41 20.27
C GLU C 540 -28.92 -41.96 19.70
N LEU C 541 -29.92 -42.84 19.70
CA LEU C 541 -31.24 -42.47 19.20
C LEU C 541 -31.85 -41.35 20.01
N LEU C 542 -31.63 -41.36 21.32
CA LEU C 542 -32.12 -40.28 22.18
C LEU C 542 -31.46 -38.95 21.83
N GLU C 543 -30.17 -38.97 21.52
CA GLU C 543 -29.49 -37.75 21.10
C GLU C 543 -30.07 -37.22 19.80
N ILE C 544 -30.32 -38.11 18.83
CA ILE C 544 -30.95 -37.67 17.58
C ILE C 544 -32.33 -37.10 17.84
N LEU C 545 -33.11 -37.76 18.71
CA LEU C 545 -34.44 -37.28 19.02
C LEU C 545 -34.40 -35.91 19.69
N GLY C 546 -33.44 -35.70 20.60
CA GLY C 546 -33.29 -34.40 21.21
C GLY C 546 -32.94 -33.31 20.22
N SER C 547 -32.05 -33.63 19.27
CA SER C 547 -31.75 -32.67 18.21
C SER C 547 -32.98 -32.35 17.37
N ILE C 548 -33.84 -33.36 17.13
CA ILE C 548 -35.09 -33.11 16.41
C ILE C 548 -36.03 -32.23 17.24
N ILE C 549 -36.10 -32.50 18.55
CA ILE C 549 -36.97 -31.74 19.45
C ILE C 549 -36.57 -30.28 19.47
N ASN C 550 -35.26 -30.00 19.42
CA ASN C 550 -34.78 -28.62 19.47
C ASN C 550 -35.32 -27.77 18.32
N GLY C 551 -35.75 -28.39 17.23
CA GLY C 551 -36.21 -27.64 16.07
C GLY C 551 -37.71 -27.52 15.93
N PHE C 552 -38.46 -27.80 16.99
CA PHE C 552 -39.90 -27.66 16.93
C PHE C 552 -40.31 -26.20 16.96
N ALA C 553 -41.55 -25.94 16.56
CA ALA C 553 -42.11 -24.60 16.50
C ALA C 553 -43.35 -24.51 17.38
N LEU C 554 -43.99 -23.34 17.36
CA LEU C 554 -45.17 -23.08 18.17
C LEU C 554 -46.39 -22.82 17.27
N PRO C 555 -47.58 -23.31 17.66
CA PRO C 555 -47.82 -24.10 18.86
C PRO C 555 -47.45 -25.57 18.70
N LEU C 556 -47.19 -26.25 19.81
CA LEU C 556 -46.84 -27.66 19.76
C LEU C 556 -48.05 -28.49 19.34
N LYS C 557 -47.81 -29.45 18.46
CA LYS C 557 -48.88 -30.28 17.93
C LYS C 557 -49.22 -31.40 18.91
N GLU C 558 -50.35 -32.06 18.65
CA GLU C 558 -50.88 -33.06 19.58
C GLU C 558 -50.06 -34.35 19.56
N GLU C 559 -49.57 -34.76 18.39
CA GLU C 559 -48.85 -36.04 18.34
C GLU C 559 -47.51 -35.96 19.07
N HIS C 560 -46.95 -34.76 19.22
CA HIS C 560 -45.80 -34.60 20.11
C HIS C 560 -46.18 -34.90 21.56
N LYS C 561 -47.36 -34.44 21.98
CA LYS C 561 -47.84 -34.76 23.33
C LYS C 561 -48.05 -36.26 23.49
N ILE C 562 -48.63 -36.90 22.48
CA ILE C 562 -48.80 -38.36 22.52
C ILE C 562 -47.44 -39.05 22.60
N PHE C 563 -46.47 -38.57 21.81
CA PHE C 563 -45.13 -39.14 21.83
C PHE C 563 -44.52 -39.09 23.23
N LEU C 564 -44.54 -37.91 23.86
CA LEU C 564 -43.92 -37.78 25.17
C LEU C 564 -44.68 -38.61 26.22
N LEU C 565 -46.01 -38.64 26.14
CA LEU C 565 -46.79 -39.34 27.15
C LEU C 565 -46.67 -40.85 27.00
N LYS C 566 -46.39 -41.34 25.80
CA LYS C 566 -46.41 -42.79 25.54
C LYS C 566 -45.03 -43.44 25.57
N VAL C 567 -44.04 -42.83 24.92
CA VAL C 567 -42.73 -43.49 24.77
C VAL C 567 -41.62 -42.80 25.55
N LEU C 568 -41.84 -41.59 26.06
CA LEU C 568 -40.81 -40.87 26.80
C LEU C 568 -40.94 -41.07 28.31
N LEU C 569 -42.08 -40.66 28.88
CA LEU C 569 -42.25 -40.76 30.33
C LEU C 569 -42.26 -42.20 30.85
N PRO C 570 -43.03 -43.14 30.26
CA PRO C 570 -42.97 -44.51 30.78
C PRO C 570 -41.61 -45.17 30.62
N LEU C 571 -40.78 -44.67 29.69
CA LEU C 571 -39.49 -45.29 29.41
C LEU C 571 -38.58 -45.28 30.63
N HIS C 572 -38.88 -44.45 31.63
CA HIS C 572 -38.09 -44.42 32.86
C HIS C 572 -38.15 -45.74 33.63
N LYS C 573 -39.14 -46.61 33.35
CA LYS C 573 -39.26 -47.82 34.15
C LYS C 573 -38.17 -48.84 33.84
N VAL C 574 -37.36 -48.62 32.79
CA VAL C 574 -36.34 -49.60 32.42
C VAL C 574 -35.30 -49.72 33.52
N LYS C 575 -34.95 -50.96 33.86
CA LYS C 575 -33.96 -51.20 34.91
C LYS C 575 -32.57 -50.74 34.50
N SER C 576 -32.31 -50.62 33.20
CA SER C 576 -30.99 -50.23 32.69
C SER C 576 -30.95 -48.75 32.32
N LEU C 577 -31.64 -47.90 33.09
CA LEU C 577 -31.69 -46.48 32.78
C LEU C 577 -30.31 -45.83 32.92
N SER C 578 -29.49 -46.31 33.86
CA SER C 578 -28.24 -45.64 34.19
C SER C 578 -27.28 -45.53 33.01
N VAL C 579 -27.37 -46.43 32.03
CA VAL C 579 -26.48 -46.38 30.88
C VAL C 579 -26.82 -45.26 29.90
N TYR C 580 -28.01 -44.66 30.03
CA TYR C 580 -28.43 -43.59 29.14
C TYR C 580 -29.15 -42.48 29.89
N HIS C 581 -28.85 -42.31 31.17
CA HIS C 581 -29.57 -41.33 31.99
C HIS C 581 -29.48 -39.89 31.49
N PRO C 582 -28.30 -39.36 31.06
CA PRO C 582 -28.26 -37.94 30.70
C PRO C 582 -29.07 -37.61 29.46
N GLN C 583 -28.82 -38.33 28.36
CA GLN C 583 -29.41 -37.99 27.08
C GLN C 583 -30.94 -37.94 27.17
N LEU C 584 -31.54 -38.99 27.71
CA LEU C 584 -32.99 -39.01 27.89
C LEU C 584 -33.45 -37.78 28.65
N ALA C 585 -32.79 -37.48 29.77
CA ALA C 585 -33.14 -36.31 30.55
C ALA C 585 -33.07 -35.05 29.70
N TYR C 586 -31.99 -34.92 28.91
CA TYR C 586 -31.84 -33.74 28.06
C TYR C 586 -33.04 -33.58 27.13
N CYS C 587 -33.57 -34.70 26.61
CA CYS C 587 -34.73 -34.62 25.73
C CYS C 587 -35.88 -33.90 26.42
N VAL C 588 -36.17 -34.27 27.67
CA VAL C 588 -37.20 -33.57 28.43
C VAL C 588 -36.80 -32.11 28.61
N VAL C 589 -35.55 -31.87 29.00
CA VAL C 589 -35.07 -30.50 29.20
C VAL C 589 -35.02 -29.75 27.88
N GLN C 590 -35.20 -30.45 26.75
CA GLN C 590 -35.25 -29.78 25.47
C GLN C 590 -36.68 -29.46 25.02
N PHE C 591 -37.67 -30.19 25.54
CA PHE C 591 -39.01 -30.06 24.98
C PHE C 591 -39.86 -29.02 25.72
N LEU C 592 -39.81 -29.03 27.05
CA LEU C 592 -40.77 -28.27 27.84
C LEU C 592 -40.64 -26.75 27.68
N GLU C 593 -39.50 -26.27 27.16
CA GLU C 593 -39.33 -24.83 26.97
C GLU C 593 -40.27 -24.28 25.90
N LYS C 594 -40.70 -25.10 24.95
CA LYS C 594 -41.63 -24.63 23.93
C LYS C 594 -42.97 -24.25 24.54
N ASP C 595 -43.46 -25.06 25.48
CA ASP C 595 -44.73 -24.79 26.15
C ASP C 595 -44.63 -25.27 27.59
N SER C 596 -44.77 -24.35 28.54
CA SER C 596 -44.68 -24.68 29.96
C SER C 596 -46.01 -25.18 30.54
N THR C 597 -47.09 -25.14 29.76
CA THR C 597 -48.38 -25.59 30.27
C THR C 597 -48.43 -27.11 30.42
N LEU C 598 -47.65 -27.83 29.62
CA LEU C 598 -47.71 -29.29 29.56
C LEU C 598 -46.74 -29.96 30.54
N THR C 599 -46.18 -29.21 31.48
CA THR C 599 -45.24 -29.78 32.44
C THR C 599 -45.90 -30.63 33.51
N GLU C 600 -47.16 -30.32 33.85
CA GLU C 600 -47.82 -31.02 34.94
C GLU C 600 -47.98 -32.53 34.68
N PRO C 601 -48.42 -33.00 33.51
CA PRO C 601 -48.46 -34.46 33.30
C PRO C 601 -47.10 -35.13 33.45
N VAL C 602 -46.02 -34.45 33.05
CA VAL C 602 -44.69 -34.97 33.31
C VAL C 602 -44.46 -35.09 34.82
N VAL C 603 -44.98 -34.13 35.58
CA VAL C 603 -44.82 -34.18 37.04
C VAL C 603 -45.54 -35.39 37.62
N MET C 604 -46.78 -35.64 37.19
CA MET C 604 -47.48 -36.80 37.73
C MET C 604 -46.83 -38.10 37.28
N ALA C 605 -46.24 -38.11 36.08
CA ALA C 605 -45.54 -39.31 35.61
C ALA C 605 -44.32 -39.59 36.47
N LEU C 606 -43.50 -38.57 36.72
CA LEU C 606 -42.29 -38.77 37.53
C LEU C 606 -42.61 -39.04 38.99
N LEU C 607 -43.77 -38.57 39.48
CA LEU C 607 -44.17 -38.86 40.85
C LEU C 607 -44.75 -40.26 41.00
N LYS C 608 -45.08 -40.94 39.91
CA LYS C 608 -45.59 -42.30 39.95
C LYS C 608 -44.54 -43.34 39.60
N TYR C 609 -43.59 -42.99 38.73
CA TYR C 609 -42.51 -43.91 38.38
C TYR C 609 -41.35 -43.87 39.37
N TRP C 610 -41.44 -43.02 40.40
CA TRP C 610 -40.40 -42.96 41.41
C TRP C 610 -40.35 -44.27 42.18
N PRO C 611 -39.17 -44.87 42.35
CA PRO C 611 -39.07 -46.11 43.14
C PRO C 611 -39.43 -45.88 44.60
N LYS C 612 -40.49 -46.54 45.07
CA LYS C 612 -40.96 -46.36 46.44
C LYS C 612 -40.06 -47.01 47.47
N THR C 613 -39.13 -47.87 47.06
CA THR C 613 -38.21 -48.54 47.95
C THR C 613 -36.82 -47.97 47.81
N HIS C 614 -36.01 -48.16 48.85
CA HIS C 614 -34.65 -47.67 48.85
C HIS C 614 -33.80 -48.41 47.82
N SER C 615 -33.02 -47.65 47.05
CA SER C 615 -32.17 -48.21 46.01
C SER C 615 -31.20 -47.12 45.56
N PRO C 616 -30.03 -47.52 45.03
CA PRO C 616 -29.10 -46.53 44.48
C PRO C 616 -29.66 -45.76 43.28
N LYS C 617 -30.72 -46.24 42.66
CA LYS C 617 -31.30 -45.62 41.47
C LYS C 617 -31.99 -44.29 41.76
N GLU C 618 -32.17 -43.94 43.04
CA GLU C 618 -32.91 -42.72 43.37
C GLU C 618 -32.22 -41.47 42.84
N VAL C 619 -30.90 -41.40 42.99
CA VAL C 619 -30.18 -40.14 42.78
C VAL C 619 -30.40 -39.61 41.37
N MET C 620 -30.34 -40.49 40.37
CA MET C 620 -30.53 -40.05 38.99
C MET C 620 -31.87 -39.36 38.81
N PHE C 621 -32.93 -39.93 39.39
CA PHE C 621 -34.24 -39.29 39.34
C PHE C 621 -34.16 -37.86 39.87
N LEU C 622 -33.54 -37.70 41.04
CA LEU C 622 -33.39 -36.37 41.63
C LEU C 622 -32.78 -35.41 40.62
N ASN C 623 -31.74 -35.86 39.92
CA ASN C 623 -31.06 -35.00 38.95
C ASN C 623 -32.06 -34.43 37.95
N GLU C 624 -32.88 -35.30 37.35
CA GLU C 624 -33.87 -34.83 36.40
C GLU C 624 -34.82 -33.84 37.06
N LEU C 625 -35.31 -34.19 38.25
CA LEU C 625 -36.19 -33.29 38.98
C LEU C 625 -35.52 -31.94 39.19
N GLU C 626 -34.23 -31.95 39.56
CA GLU C 626 -33.51 -30.71 39.76
C GLU C 626 -33.59 -29.83 38.51
N GLU C 627 -33.31 -30.42 37.34
CA GLU C 627 -33.40 -29.66 36.10
C GLU C 627 -34.80 -29.12 35.92
N ILE C 628 -35.81 -29.98 36.11
CA ILE C 628 -37.19 -29.53 36.00
C ILE C 628 -37.46 -28.42 36.99
N LEU C 629 -36.97 -28.57 38.22
CA LEU C 629 -37.15 -27.54 39.23
C LEU C 629 -36.56 -26.22 38.74
N ASP C 630 -35.37 -26.28 38.14
CA ASP C 630 -34.69 -25.06 37.71
C ASP C 630 -35.48 -24.31 36.65
N VAL C 631 -36.46 -24.95 36.03
CA VAL C 631 -37.34 -24.29 35.07
C VAL C 631 -38.75 -24.13 35.60
N ILE C 632 -39.18 -24.96 36.55
CA ILE C 632 -40.57 -24.96 36.98
C ILE C 632 -40.91 -23.81 37.94
N GLU C 633 -39.90 -23.17 38.53
CA GLU C 633 -40.17 -22.08 39.47
C GLU C 633 -40.90 -20.90 38.84
N PRO C 634 -40.51 -20.37 37.67
CA PRO C 634 -41.27 -19.27 37.07
C PRO C 634 -42.65 -19.71 36.63
N SER C 635 -43.42 -18.72 36.17
CA SER C 635 -44.79 -18.89 35.67
C SER C 635 -45.75 -19.35 36.76
N GLU C 636 -45.35 -19.25 38.02
CA GLU C 636 -46.18 -19.59 39.18
C GLU C 636 -46.75 -21.01 39.06
N PHE C 637 -45.83 -21.98 39.03
CA PHE C 637 -46.19 -23.39 38.93
C PHE C 637 -46.13 -23.98 40.33
N VAL C 638 -47.25 -23.90 41.05
CA VAL C 638 -47.34 -24.44 42.41
C VAL C 638 -48.58 -25.31 42.51
N LYS C 639 -49.16 -25.68 41.36
CA LYS C 639 -50.35 -26.52 41.36
C LYS C 639 -50.06 -27.89 41.93
N ILE C 640 -48.92 -28.47 41.59
CA ILE C 640 -48.53 -29.80 42.06
C ILE C 640 -47.29 -29.73 42.96
N MET C 641 -46.98 -28.55 43.48
CA MET C 641 -45.83 -28.42 44.36
C MET C 641 -46.01 -29.20 45.66
N GLU C 642 -47.20 -29.10 46.27
CA GLU C 642 -47.45 -29.81 47.53
C GLU C 642 -47.42 -31.33 47.35
N PRO C 643 -48.10 -31.93 46.37
CA PRO C 643 -47.96 -33.39 46.19
C PRO C 643 -46.53 -33.83 45.91
N LEU C 644 -45.78 -33.03 45.14
CA LEU C 644 -44.39 -33.37 44.86
C LEU C 644 -43.55 -33.34 46.14
N PHE C 645 -43.76 -32.32 46.98
CA PHE C 645 -43.04 -32.23 48.24
C PHE C 645 -43.39 -33.39 49.15
N ARG C 646 -44.68 -33.76 49.21
CA ARG C 646 -45.10 -34.89 50.03
C ARG C 646 -44.47 -36.19 49.52
N GLN C 647 -44.42 -36.37 48.20
CA GLN C 647 -43.83 -37.59 47.65
C GLN C 647 -42.33 -37.66 47.92
N LEU C 648 -41.61 -36.55 47.76
CA LEU C 648 -40.18 -36.56 48.01
C LEU C 648 -39.84 -36.59 49.49
N ALA C 649 -40.79 -36.25 50.37
CA ALA C 649 -40.55 -36.33 51.80
C ALA C 649 -40.29 -37.75 52.26
N LYS C 650 -41.04 -38.71 51.72
CA LYS C 650 -40.86 -40.11 52.08
C LYS C 650 -39.54 -40.67 51.55
N SER F 7 9.93 47.25 -1.83
CA SER F 7 10.48 48.58 -1.62
C SER F 7 11.65 48.85 -2.56
N PRO F 8 11.41 49.67 -3.59
CA PRO F 8 12.48 49.99 -4.56
C PRO F 8 13.69 50.65 -3.92
N ALA F 9 13.50 51.46 -2.88
CA ALA F 9 14.64 52.15 -2.26
C ALA F 9 15.59 51.16 -1.62
N LYS F 10 15.07 50.25 -0.78
CA LYS F 10 15.93 49.24 -0.17
C LYS F 10 16.47 48.27 -1.23
N LEU F 11 15.68 47.98 -2.25
CA LEU F 11 16.16 47.12 -3.32
C LEU F 11 17.37 47.73 -4.02
N HIS F 12 17.32 49.04 -4.29
CA HIS F 12 18.48 49.69 -4.89
C HIS F 12 19.64 49.82 -3.91
N SER F 13 19.34 49.97 -2.61
CA SER F 13 20.41 50.07 -1.62
C SER F 13 21.21 48.78 -1.55
N PHE F 14 20.54 47.63 -1.58
CA PHE F 14 21.21 46.34 -1.52
C PHE F 14 21.74 45.90 -2.88
N THR F 15 20.95 46.13 -3.93
CA THR F 15 21.19 45.62 -5.28
C THR F 15 21.95 46.58 -6.18
N HIS F 16 21.67 47.88 -6.09
CA HIS F 16 22.25 48.89 -6.97
C HIS F 16 22.01 48.55 -8.44
N CYS F 17 20.79 48.12 -8.76
CA CYS F 17 20.43 47.81 -10.14
C CYS F 17 20.08 49.09 -10.89
N GLY F 18 19.73 48.93 -12.16
CA GLY F 18 19.43 50.07 -13.01
C GLY F 18 18.09 50.71 -12.67
N GLN F 19 17.88 51.90 -13.22
CA GLN F 19 16.64 52.63 -13.00
C GLN F 19 15.46 51.96 -13.67
N ALA F 20 15.68 51.36 -14.84
CA ALA F 20 14.58 50.66 -15.52
C ALA F 20 14.08 49.48 -14.71
N ALA F 21 14.99 48.72 -14.09
CA ALA F 21 14.57 47.64 -13.21
C ALA F 21 13.68 48.17 -12.09
N LEU F 22 14.00 49.35 -11.56
CA LEU F 22 13.12 49.99 -10.59
C LEU F 22 11.78 50.39 -11.21
N THR F 23 11.75 50.75 -12.50
CA THR F 23 10.49 51.07 -13.14
C THR F 23 9.58 49.84 -13.25
N LEU F 24 10.15 48.67 -13.53
CA LEU F 24 9.34 47.46 -13.55
C LEU F 24 8.74 47.11 -12.19
N HIS F 25 9.26 47.69 -11.11
CA HIS F 25 8.68 47.50 -9.79
C HIS F 25 7.64 48.60 -9.53
N GLY F 26 7.25 48.74 -8.26
CA GLY F 26 6.19 49.68 -7.93
C GLY F 26 6.50 51.13 -8.28
N ALA F 27 7.78 51.50 -8.23
CA ALA F 27 8.17 52.86 -8.58
C ALA F 27 7.99 53.11 -10.07
N THR F 28 7.73 54.37 -10.41
CA THR F 28 7.55 54.80 -11.79
C THR F 28 8.79 55.57 -12.26
N THR F 29 8.70 56.14 -13.46
CA THR F 29 9.88 56.73 -14.09
C THR F 29 10.45 57.88 -13.26
N THR F 30 9.58 58.77 -12.76
CA THR F 30 10.07 59.93 -12.01
C THR F 30 10.73 59.49 -10.70
N GLU F 31 10.08 58.58 -9.97
CA GLU F 31 10.67 58.10 -8.72
C GLU F 31 11.95 57.31 -8.98
N ALA F 32 11.98 56.52 -10.06
CA ALA F 32 13.19 55.78 -10.39
C ALA F 32 14.35 56.72 -10.69
N LEU F 33 14.10 57.78 -11.45
CA LEU F 33 15.14 58.77 -11.73
C LEU F 33 15.59 59.47 -10.45
N ASN F 34 14.63 59.83 -9.59
CA ASN F 34 14.98 60.50 -8.34
C ASN F 34 15.84 59.62 -7.46
N ILE F 35 15.50 58.32 -7.35
CA ILE F 35 16.30 57.41 -6.54
C ILE F 35 17.67 57.20 -7.17
N LEU F 36 17.73 57.07 -8.50
CA LEU F 36 19.01 56.82 -9.16
C LEU F 36 19.97 57.98 -8.97
N HIS F 37 19.48 59.21 -9.14
CA HIS F 37 20.38 60.37 -9.03
C HIS F 37 20.65 60.78 -7.59
N SER F 38 19.89 60.26 -6.62
CA SER F 38 20.12 60.56 -5.22
C SER F 38 21.13 59.61 -4.57
N CYS F 39 21.54 58.54 -5.25
CA CYS F 39 22.51 57.61 -4.70
C CYS F 39 23.92 58.15 -4.89
N HIS F 40 24.69 58.19 -3.80
CA HIS F 40 26.05 58.71 -3.86
C HIS F 40 26.92 57.84 -4.76
N ALA F 41 26.79 56.52 -4.67
CA ALA F 41 27.61 55.63 -5.48
C ALA F 41 27.17 55.60 -6.94
N CYS F 42 25.86 55.67 -7.20
CA CYS F 42 25.32 55.55 -8.55
C CYS F 42 25.34 56.87 -9.32
N ARG F 43 25.61 57.98 -8.67
CA ARG F 43 25.62 59.27 -9.36
C ARG F 43 26.90 59.44 -10.17
N ILE F 56 28.19 43.91 -31.07
CA ILE F 56 27.31 43.06 -31.85
C ILE F 56 27.26 41.65 -31.27
N ARG F 57 26.40 40.81 -31.83
CA ARG F 57 26.23 39.44 -31.38
C ARG F 57 26.67 38.49 -32.49
N ARG F 58 27.50 37.51 -32.13
CA ARG F 58 27.96 36.51 -33.09
C ARG F 58 27.06 35.29 -33.11
N GLY F 59 26.62 34.83 -31.94
CA GLY F 59 25.80 33.65 -31.87
C GLY F 59 24.41 33.88 -32.46
N LEU F 60 23.79 32.78 -32.88
CA LEU F 60 22.47 32.81 -33.51
C LEU F 60 21.36 32.38 -32.58
N LEU F 61 21.64 31.53 -31.60
CA LEU F 61 20.65 31.02 -30.67
C LEU F 61 21.27 30.97 -29.28
N PRO F 62 20.44 30.94 -28.24
CA PRO F 62 20.99 30.75 -26.89
C PRO F 62 21.73 29.42 -26.78
N ASN F 63 22.83 29.43 -26.03
CA ASN F 63 23.66 28.24 -25.83
C ASN F 63 24.15 27.66 -27.15
N HIS F 64 24.58 28.56 -28.04
CA HIS F 64 25.14 28.18 -29.33
C HIS F 64 26.64 28.44 -29.42
N ILE F 65 27.08 29.65 -29.09
CA ILE F 65 28.50 29.98 -29.00
C ILE F 65 28.72 30.78 -27.74
N TRP F 66 29.74 30.42 -26.97
CA TRP F 66 30.10 31.09 -25.73
C TRP F 66 31.44 31.79 -25.88
N GLN F 67 31.74 32.64 -24.90
CA GLN F 67 33.05 33.26 -24.77
C GLN F 67 33.55 33.07 -23.34
N GLY F 68 34.77 32.57 -23.21
CA GLY F 68 35.34 32.30 -21.90
C GLY F 68 36.53 33.16 -21.56
N ASP F 69 36.41 33.96 -20.51
CA ASP F 69 37.47 34.86 -20.07
C ASP F 69 37.89 34.53 -18.64
N ILE F 70 39.14 34.86 -18.33
CA ILE F 70 39.68 34.74 -16.98
C ILE F 70 40.16 36.12 -16.55
N THR F 71 39.65 36.61 -15.43
CA THR F 71 39.92 37.97 -14.99
C THR F 71 40.52 37.95 -13.60
N HIS F 72 41.41 38.90 -13.34
CA HIS F 72 42.04 39.06 -12.03
C HIS F 72 41.33 40.15 -11.26
N PHE F 73 40.84 39.82 -10.07
CA PHE F 73 40.17 40.77 -9.20
C PHE F 73 41.15 41.25 -8.13
N LYS F 74 41.37 42.56 -8.09
CA LYS F 74 42.32 43.16 -7.16
C LYS F 74 41.62 43.51 -5.85
N TYR F 75 42.19 43.05 -4.74
CA TYR F 75 41.72 43.41 -3.41
C TYR F 75 42.83 44.13 -2.66
N LYS F 76 42.50 44.59 -1.45
CA LYS F 76 43.45 45.37 -0.68
C LYS F 76 44.64 44.53 -0.24
N ASN F 77 44.46 43.22 -0.05
CA ASN F 77 45.53 42.38 0.46
C ASN F 77 45.63 41.03 -0.25
N THR F 78 44.85 40.79 -1.30
CA THR F 78 44.86 39.49 -1.97
C THR F 78 44.34 39.65 -3.39
N LEU F 79 44.43 38.57 -4.15
CA LEU F 79 43.96 38.50 -5.52
C LEU F 79 42.94 37.38 -5.67
N TYR F 80 41.97 37.58 -6.56
CA TYR F 80 40.96 36.59 -6.85
C TYR F 80 40.94 36.30 -8.34
N ARG F 81 40.54 35.08 -8.70
CA ARG F 81 40.42 34.66 -10.09
C ARG F 81 38.95 34.49 -10.44
N LEU F 82 38.49 35.22 -11.45
CA LEU F 82 37.10 35.15 -11.89
C LEU F 82 37.05 34.45 -13.25
N HIS F 83 36.53 33.23 -13.27
CA HIS F 83 36.29 32.51 -14.51
C HIS F 83 34.88 32.85 -14.98
N VAL F 84 34.79 33.52 -16.13
CA VAL F 84 33.53 34.06 -16.63
C VAL F 84 33.23 33.45 -17.99
N TRP F 85 32.01 32.93 -18.14
CA TRP F 85 31.51 32.44 -19.41
C TRP F 85 30.29 33.27 -19.79
N VAL F 86 30.33 33.85 -20.98
CA VAL F 86 29.30 34.77 -21.45
C VAL F 86 28.69 34.22 -22.73
N ASP F 87 27.36 34.12 -22.75
CA ASP F 87 26.65 33.73 -23.96
C ASP F 87 26.65 34.88 -24.96
N THR F 88 26.92 34.56 -26.22
CA THR F 88 27.05 35.56 -27.26
C THR F 88 25.72 36.03 -27.83
N PHE F 89 24.61 35.35 -27.50
CA PHE F 89 23.31 35.71 -28.01
C PHE F 89 22.45 36.51 -27.03
N SER F 90 22.64 36.32 -25.73
CA SER F 90 21.84 37.00 -24.72
C SER F 90 22.66 37.74 -23.67
N GLY F 91 23.97 37.55 -23.61
CA GLY F 91 24.77 38.20 -22.60
C GLY F 91 24.69 37.56 -21.24
N SER F 92 24.16 36.35 -21.12
CA SER F 92 24.10 35.67 -19.84
C SER F 92 25.51 35.40 -19.32
N VAL F 93 25.71 35.64 -18.02
CA VAL F 93 27.02 35.57 -17.40
C VAL F 93 27.01 34.44 -16.38
N SER F 94 28.07 33.63 -16.39
CA SER F 94 28.32 32.62 -15.37
C SER F 94 29.72 32.82 -14.84
N ALA F 95 29.83 33.20 -13.57
CA ALA F 95 31.12 33.55 -12.97
C ALA F 95 31.41 32.64 -11.79
N THR F 96 32.68 32.24 -11.67
CA THR F 96 33.14 31.42 -10.57
C THR F 96 34.42 32.00 -10.00
N HIS F 97 34.52 32.04 -8.67
CA HIS F 97 35.67 32.60 -7.99
C HIS F 97 36.61 31.49 -7.53
N LYS F 98 37.91 31.71 -7.76
CA LYS F 98 38.94 30.74 -7.42
C LYS F 98 40.15 31.46 -6.85
N LYS F 99 40.99 30.70 -6.15
CA LYS F 99 42.23 31.22 -5.60
C LYS F 99 43.44 30.95 -6.48
N ARG F 100 43.39 29.93 -7.34
CA ARG F 100 44.47 29.65 -8.28
C ARG F 100 43.91 29.58 -9.70
N GLU F 101 44.72 29.12 -10.65
CA GLU F 101 44.28 29.03 -12.04
C GLU F 101 45.03 27.87 -12.71
N THR F 102 44.33 26.75 -12.90
CA THR F 102 44.88 25.60 -13.60
C THR F 102 43.81 25.09 -14.57
N SER F 103 44.10 23.96 -15.21
CA SER F 103 43.13 23.36 -16.12
C SER F 103 41.96 22.73 -15.36
N SER F 104 42.22 22.16 -14.18
CA SER F 104 41.17 21.51 -13.41
C SER F 104 40.09 22.50 -13.01
N GLU F 105 40.50 23.69 -12.55
CA GLU F 105 39.51 24.70 -12.19
C GLU F 105 38.81 25.26 -13.41
N ALA F 106 39.48 25.27 -14.58
CA ALA F 106 38.79 25.65 -15.81
C ALA F 106 37.68 24.66 -16.12
N ILE F 107 37.95 23.36 -15.97
CA ILE F 107 36.91 22.35 -16.18
C ILE F 107 35.79 22.51 -15.16
N SER F 108 36.14 22.79 -13.90
CA SER F 108 35.13 22.98 -12.87
C SER F 108 34.24 24.18 -13.18
N SER F 109 34.84 25.28 -13.60
CA SER F 109 34.06 26.46 -13.97
C SER F 109 33.17 26.19 -15.17
N LEU F 110 33.68 25.45 -16.16
CA LEU F 110 32.87 25.09 -17.32
C LEU F 110 31.68 24.24 -16.91
N LEU F 111 31.90 23.26 -16.03
CA LEU F 111 30.80 22.40 -15.58
C LEU F 111 29.78 23.20 -14.80
N HIS F 112 30.22 24.12 -13.95
CA HIS F 112 29.29 24.97 -13.21
C HIS F 112 28.47 25.84 -14.17
N ALA F 113 29.12 26.37 -15.21
CA ALA F 113 28.41 27.16 -16.21
C ALA F 113 27.38 26.32 -16.96
N ILE F 114 27.73 25.06 -17.27
CA ILE F 114 26.77 24.17 -17.91
C ILE F 114 25.58 23.92 -16.98
N ALA F 115 25.84 23.71 -15.69
CA ALA F 115 24.75 23.50 -14.74
C ALA F 115 23.84 24.71 -14.65
N HIS F 116 24.41 25.91 -14.67
CA HIS F 116 23.59 27.12 -14.56
C HIS F 116 22.84 27.43 -15.85
N LEU F 117 23.46 27.23 -17.00
CA LEU F 117 22.90 27.64 -18.29
C LEU F 117 22.50 26.47 -19.17
N GLY F 118 23.37 25.49 -19.36
CA GLY F 118 23.15 24.37 -20.24
C GLY F 118 24.40 24.02 -21.00
N ARG F 119 24.28 23.08 -21.94
CA ARG F 119 25.44 22.60 -22.69
C ARG F 119 25.49 23.30 -24.02
N PRO F 120 26.48 24.16 -24.27
CA PRO F 120 26.57 24.84 -25.57
C PRO F 120 27.09 23.91 -26.65
N SER F 121 26.79 24.27 -27.90
CA SER F 121 27.28 23.52 -29.05
C SER F 121 28.69 23.93 -29.45
N HIS F 122 28.99 25.22 -29.40
CA HIS F 122 30.31 25.75 -29.72
C HIS F 122 30.81 26.60 -28.55
N ILE F 123 32.10 26.54 -28.29
CA ILE F 123 32.73 27.33 -27.24
C ILE F 123 33.97 28.00 -27.82
N ASN F 124 34.32 29.16 -27.28
CA ASN F 124 35.45 29.93 -27.78
C ASN F 124 36.12 30.64 -26.62
N THR F 125 37.46 30.65 -26.64
CA THR F 125 38.23 31.28 -25.58
C THR F 125 39.62 31.60 -26.10
N ASP F 126 40.32 32.46 -25.37
CA ASP F 126 41.67 32.86 -25.74
C ASP F 126 42.68 31.79 -25.34
N ASN F 127 43.84 31.83 -25.98
CA ASN F 127 44.91 30.89 -25.67
C ASN F 127 45.56 31.21 -24.34
N GLY F 128 46.19 30.20 -23.74
CA GLY F 128 46.87 30.36 -22.48
C GLY F 128 47.25 29.02 -21.87
N PRO F 129 47.72 29.04 -20.63
CA PRO F 129 48.01 27.77 -19.94
C PRO F 129 46.80 26.87 -19.83
N ALA F 130 45.62 27.44 -19.63
CA ALA F 130 44.37 26.69 -19.65
C ALA F 130 43.81 26.66 -21.06
N TYR F 131 42.81 25.79 -21.26
CA TYR F 131 42.08 25.59 -22.51
C TYR F 131 42.94 25.01 -23.62
N ALA F 132 44.23 24.75 -23.38
CA ALA F 132 45.12 24.21 -24.39
C ALA F 132 45.72 22.86 -24.00
N SER F 133 45.54 22.44 -22.75
CA SER F 133 46.08 21.16 -22.30
C SER F 133 45.17 20.01 -22.79
N GLN F 134 45.67 18.78 -22.64
CA GLN F 134 44.91 17.62 -23.06
C GLN F 134 43.68 17.40 -22.18
N GLU F 135 43.75 17.81 -20.91
CA GLU F 135 42.62 17.60 -20.01
C GLU F 135 41.40 18.38 -20.44
N PHE F 136 41.57 19.65 -20.82
CA PHE F 136 40.42 20.46 -21.24
C PHE F 136 39.83 19.94 -22.55
N GLN F 137 40.68 19.51 -23.49
CA GLN F 137 40.17 18.94 -24.73
C GLN F 137 39.42 17.64 -24.47
N HIS F 138 39.93 16.81 -23.54
CA HIS F 138 39.23 15.59 -23.18
C HIS F 138 37.88 15.90 -22.54
N ALA F 139 37.82 16.92 -21.69
CA ALA F 139 36.55 17.30 -21.07
C ALA F 139 35.56 17.79 -22.12
N CYS F 140 36.04 18.58 -23.08
CA CYS F 140 35.14 19.10 -24.11
C CYS F 140 34.71 18.02 -25.09
N THR F 141 35.54 16.98 -25.28
CA THR F 141 35.20 15.92 -26.22
C THR F 141 34.05 15.07 -25.72
N SER F 142 34.06 14.72 -24.43
CA SER F 142 33.00 13.90 -23.85
C SER F 142 31.65 14.61 -23.86
N LEU F 143 31.63 15.94 -23.84
CA LEU F 143 30.40 16.71 -23.86
C LEU F 143 29.98 17.08 -25.28
N ALA F 144 30.69 16.58 -26.29
CA ALA F 144 30.41 16.90 -27.70
C ALA F 144 30.44 18.41 -27.94
N ILE F 145 31.43 19.07 -27.35
CA ILE F 145 31.62 20.50 -27.48
C ILE F 145 32.90 20.75 -28.27
N ARG F 146 32.78 21.44 -29.39
CA ARG F 146 33.93 21.79 -30.21
C ARG F 146 34.49 23.14 -29.78
N HIS F 147 35.81 23.18 -29.57
CA HIS F 147 36.47 24.32 -28.95
C HIS F 147 37.46 24.91 -29.94
N THR F 148 37.36 26.22 -30.16
CA THR F 148 38.26 26.95 -31.04
C THR F 148 38.97 28.05 -30.25
N THR F 149 40.19 28.36 -30.67
CA THR F 149 41.04 29.32 -29.97
C THR F 149 41.45 30.45 -30.90
N HIS F 150 41.33 31.68 -30.41
CA HIS F 150 41.75 32.87 -31.15
C HIS F 150 42.55 33.76 -30.21
N ILE F 151 43.54 34.45 -30.78
CA ILE F 151 44.41 35.35 -30.04
C ILE F 151 44.32 36.72 -30.69
N PRO F 152 44.00 37.79 -29.93
CA PRO F 152 43.91 39.15 -30.47
C PRO F 152 45.25 39.68 -30.95
N VAL F 161 32.47 38.76 -24.28
CA VAL F 161 32.67 40.19 -24.49
C VAL F 161 33.38 40.80 -23.28
N GLU F 162 34.00 41.95 -23.50
CA GLU F 162 34.76 42.63 -22.46
C GLU F 162 33.93 43.63 -21.67
N ARG F 163 32.68 43.86 -22.06
CA ARG F 163 31.82 44.82 -21.36
C ARG F 163 31.12 44.19 -20.15
N THR F 164 30.67 42.94 -20.29
CA THR F 164 30.06 42.25 -19.16
C THR F 164 31.06 42.07 -18.03
N ASN F 165 32.32 41.78 -18.36
CA ASN F 165 33.37 41.74 -17.35
C ASN F 165 33.46 43.06 -16.60
N GLY F 166 33.49 44.16 -17.34
CA GLY F 166 33.64 45.46 -16.70
C GLY F 166 32.48 45.81 -15.79
N ILE F 167 31.25 45.55 -16.24
CA ILE F 167 30.09 45.85 -15.40
C ILE F 167 30.09 44.94 -14.17
N LEU F 168 30.57 43.71 -14.31
CA LEU F 168 30.68 42.82 -13.16
C LEU F 168 31.66 43.38 -12.13
N LYS F 169 32.82 43.87 -12.59
CA LYS F 169 33.78 44.46 -11.65
C LYS F 169 33.21 45.70 -10.98
N THR F 170 32.49 46.54 -11.74
CA THR F 170 31.90 47.73 -11.13
C THR F 170 30.86 47.36 -10.08
N LEU F 171 30.03 46.36 -10.36
CA LEU F 171 29.03 45.93 -9.38
C LEU F 171 29.70 45.38 -8.13
N LEU F 172 30.75 44.57 -8.30
CA LEU F 172 31.48 44.04 -7.15
C LEU F 172 32.10 45.16 -6.33
N TYR F 173 32.68 46.16 -7.00
CA TYR F 173 33.27 47.29 -6.29
C TYR F 173 32.22 48.07 -5.51
N LYS F 174 31.05 48.28 -6.11
CA LYS F 174 29.97 48.97 -5.41
C LYS F 174 29.51 48.19 -4.19
N TYR F 175 29.38 46.87 -4.32
CA TYR F 175 28.95 46.05 -3.19
C TYR F 175 29.98 46.08 -2.07
N PHE F 176 31.26 46.03 -2.41
CA PHE F 176 32.30 46.11 -1.38
C PHE F 176 32.35 47.49 -0.75
N SER F 177 32.07 48.53 -1.53
CA SER F 177 32.01 49.88 -0.98
C SER F 177 30.86 50.02 0.00
N ASP F 178 29.71 49.40 -0.30
CA ASP F 178 28.59 49.45 0.63
C ASP F 178 28.93 48.81 1.96
N ASN F 179 29.63 47.68 1.93
CA ASN F 179 30.12 47.02 3.13
C ASN F 179 31.39 46.21 2.86
N PRO F 180 32.45 46.39 3.65
CA PRO F 180 33.67 45.62 3.44
C PRO F 180 33.65 44.23 4.04
N ASN F 181 32.66 43.91 4.87
CA ASN F 181 32.61 42.63 5.57
C ASN F 181 31.71 41.66 4.79
N LEU F 182 32.24 41.20 3.66
CA LEU F 182 31.57 40.19 2.85
C LEU F 182 32.50 39.02 2.58
N PRO F 183 31.99 37.80 2.53
CA PRO F 183 32.85 36.62 2.31
C PRO F 183 33.27 36.40 0.87
N MET F 184 33.04 37.39 -0.01
CA MET F 184 33.49 37.39 -1.40
C MET F 184 32.65 36.39 -2.20
N ASP F 185 31.82 35.61 -1.52
CA ASP F 185 30.88 34.71 -2.15
C ASP F 185 29.48 35.28 -2.25
N ASN F 186 28.98 35.88 -1.17
CA ASN F 186 27.67 36.52 -1.22
C ASN F 186 27.65 37.66 -2.22
N ALA F 187 28.73 38.45 -2.27
CA ALA F 187 28.78 39.55 -3.23
C ALA F 187 28.72 39.04 -4.66
N LEU F 188 29.47 37.97 -4.96
CA LEU F 188 29.44 37.41 -6.32
C LEU F 188 28.07 36.85 -6.66
N SER F 189 27.45 36.13 -5.73
CA SER F 189 26.12 35.57 -5.99
C SER F 189 25.10 36.67 -6.21
N VAL F 190 25.15 37.73 -5.40
CA VAL F 190 24.22 38.84 -5.59
C VAL F 190 24.46 39.53 -6.91
N ALA F 191 25.74 39.73 -7.29
CA ALA F 191 26.05 40.39 -8.55
C ALA F 191 25.52 39.58 -9.73
N LEU F 192 25.69 38.26 -9.70
CA LEU F 192 25.15 37.43 -10.77
C LEU F 192 23.62 37.53 -10.83
N TRP F 193 22.97 37.52 -9.66
CA TRP F 193 21.52 37.66 -9.62
C TRP F 193 21.08 38.99 -10.24
N THR F 194 21.81 40.07 -9.92
CA THR F 194 21.44 41.38 -10.44
C THR F 194 21.64 41.46 -11.94
N ILE F 195 22.77 40.93 -12.44
CA ILE F 195 23.05 41.01 -13.87
C ILE F 195 22.03 40.20 -14.67
N ASN F 196 21.69 39.01 -14.19
CA ASN F 196 20.87 38.11 -14.99
C ASN F 196 19.37 38.31 -14.81
N HIS F 197 18.92 38.56 -13.58
CA HIS F 197 17.48 38.56 -13.29
C HIS F 197 16.89 39.94 -13.08
N LEU F 198 17.68 40.94 -12.70
CA LEU F 198 17.14 42.24 -12.33
C LEU F 198 17.38 43.30 -13.39
N ASN F 199 18.61 43.47 -13.87
CA ASN F 199 18.88 44.45 -14.91
C ASN F 199 18.21 44.03 -16.22
N VAL F 200 17.73 45.01 -16.97
CA VAL F 200 17.02 44.78 -18.21
C VAL F 200 17.79 45.43 -19.35
N LEU F 201 17.85 44.74 -20.49
CA LEU F 201 18.55 45.27 -21.65
C LEU F 201 17.82 46.48 -22.23
N THR F 202 18.59 47.41 -22.76
CA THR F 202 18.02 48.66 -23.28
C THR F 202 17.35 48.45 -24.63
N HIS F 203 17.88 47.57 -25.47
CA HIS F 203 17.38 47.43 -26.83
C HIS F 203 16.08 46.64 -26.87
N CYS F 204 16.11 45.38 -26.42
CA CYS F 204 14.96 44.49 -26.51
C CYS F 204 14.04 44.58 -25.31
N GLN F 205 14.36 45.40 -24.32
CA GLN F 205 13.54 45.56 -23.11
C GLN F 205 13.29 44.22 -22.43
N LYS F 206 14.33 43.38 -22.38
CA LYS F 206 14.26 42.09 -21.72
C LYS F 206 15.47 41.91 -20.83
N THR F 207 15.27 41.22 -19.71
CA THR F 207 16.40 40.85 -18.88
C THR F 207 17.19 39.73 -19.56
N ARG F 208 18.45 39.59 -19.14
CA ARG F 208 19.33 38.60 -19.76
C ARG F 208 18.78 37.19 -19.58
N TRP F 209 18.26 36.88 -18.39
CA TRP F 209 17.64 35.58 -18.16
C TRP F 209 16.42 35.40 -19.05
N GLN F 210 15.58 36.45 -19.16
CA GLN F 210 14.37 36.35 -19.95
C GLN F 210 14.68 36.13 -21.43
N LEU F 211 15.66 36.87 -21.96
CA LEU F 211 16.01 36.71 -23.36
C LEU F 211 16.69 35.37 -23.63
N HIS F 212 17.58 34.95 -22.72
CA HIS F 212 18.28 33.68 -22.89
C HIS F 212 17.31 32.51 -22.87
N HIS F 213 16.33 32.54 -21.97
CA HIS F 213 15.48 31.38 -21.72
C HIS F 213 14.07 31.55 -22.29
N SER F 214 13.88 32.50 -23.20
CA SER F 214 12.59 32.64 -23.86
C SER F 214 12.38 31.48 -24.82
N PRO F 215 11.27 30.75 -24.71
CA PRO F 215 11.05 29.61 -25.62
C PRO F 215 10.99 30.08 -27.07
N ARG F 216 11.56 29.26 -27.95
CA ARG F 216 11.61 29.59 -29.36
C ARG F 216 10.27 29.26 -30.03
N LEU F 217 10.11 29.79 -31.23
CA LEU F 217 8.87 29.59 -31.98
C LEU F 217 8.85 28.20 -32.60
N PRO F 218 7.83 27.38 -32.32
CA PRO F 218 7.80 26.02 -32.88
C PRO F 218 7.66 26.06 -34.39
N PRO F 219 8.18 25.05 -35.08
CA PRO F 219 8.03 25.02 -36.55
C PRO F 219 6.59 24.82 -36.96
N ILE F 220 6.26 25.31 -38.16
CA ILE F 220 4.92 25.24 -38.70
C ILE F 220 4.93 24.26 -39.87
N PRO F 221 4.38 23.06 -39.72
CA PRO F 221 4.32 22.12 -40.85
C PRO F 221 3.47 22.68 -41.98
N GLU F 222 3.85 22.35 -43.22
CA GLU F 222 3.17 22.83 -44.40
C GLU F 222 2.09 21.87 -44.85
N GLU F 223 1.02 22.44 -45.41
CA GLU F 223 -0.13 21.69 -45.92
C GLU F 223 -0.80 20.84 -44.85
N LYS F 224 -0.58 21.17 -43.57
CA LYS F 224 -1.17 20.46 -42.46
C LYS F 224 -1.57 21.46 -41.37
N PRO F 225 -2.85 21.51 -41.00
CA PRO F 225 -3.26 22.45 -39.95
C PRO F 225 -2.58 22.14 -38.62
N VAL F 226 -2.25 23.20 -37.89
CA VAL F 226 -1.61 23.06 -36.58
C VAL F 226 -2.71 22.74 -35.58
N THR F 227 -2.91 21.44 -35.30
CA THR F 227 -3.95 21.03 -34.37
C THR F 227 -3.61 21.42 -32.95
N THR F 228 -4.65 21.70 -32.17
CA THR F 228 -4.47 22.06 -30.77
C THR F 228 -4.17 20.81 -29.95
N SER F 229 -3.16 20.89 -29.10
CA SER F 229 -2.79 19.75 -28.26
C SER F 229 -3.86 19.50 -27.22
N LYS F 230 -4.29 18.24 -27.10
CA LYS F 230 -5.33 17.85 -26.15
C LYS F 230 -4.71 17.09 -25.00
N THR F 231 -5.01 17.51 -23.77
CA THR F 231 -4.51 16.87 -22.58
C THR F 231 -5.50 15.82 -22.09
N HIS F 232 -4.97 14.78 -21.44
CA HIS F 232 -5.79 13.67 -20.99
C HIS F 232 -6.74 14.10 -19.87
N TRP F 233 -7.71 13.24 -19.59
CA TRP F 233 -8.69 13.45 -18.55
C TRP F 233 -8.26 12.74 -17.28
N TYR F 234 -8.86 13.12 -16.16
CA TYR F 234 -8.44 12.61 -14.86
C TYR F 234 -9.64 12.35 -13.96
N TYR F 235 -9.53 11.31 -13.14
CA TYR F 235 -10.35 11.12 -11.96
C TYR F 235 -9.62 11.73 -10.77
N PHE F 236 -10.35 12.49 -9.96
CA PHE F 236 -9.74 13.23 -8.86
C PHE F 236 -10.52 13.01 -7.57
N LYS F 237 -9.81 13.17 -6.44
CA LYS F 237 -10.40 13.12 -5.12
C LYS F 237 -10.05 14.38 -4.35
N ILE F 238 -11.01 14.89 -3.60
CA ILE F 238 -10.81 16.12 -2.84
C ILE F 238 -9.93 15.81 -1.63
N PRO F 239 -8.81 16.51 -1.46
CA PRO F 239 -7.96 16.26 -0.29
C PRO F 239 -8.65 16.64 1.01
N GLY F 240 -8.29 15.94 2.08
CA GLY F 240 -8.84 16.25 3.39
C GLY F 240 -10.23 15.75 3.64
N LEU F 241 -10.71 14.78 2.86
CA LEU F 241 -12.05 14.22 3.06
C LEU F 241 -12.05 12.72 3.33
N ASN F 242 -10.94 12.03 3.11
CA ASN F 242 -10.78 10.60 3.39
C ASN F 242 -11.80 9.77 2.61
N SER F 243 -12.28 10.28 1.47
CA SER F 243 -13.22 9.54 0.65
C SER F 243 -12.49 8.49 -0.19
N ARG F 244 -13.26 7.49 -0.64
CA ARG F 244 -12.73 6.42 -1.48
C ARG F 244 -13.39 6.40 -2.86
N GLN F 245 -13.91 7.55 -3.30
CA GLN F 245 -14.62 7.66 -4.57
C GLN F 245 -13.87 8.59 -5.50
N TRP F 246 -13.71 8.17 -6.76
CA TRP F 246 -13.23 9.07 -7.80
C TRP F 246 -14.42 9.72 -8.51
N LYS F 247 -14.44 11.05 -8.53
CA LYS F 247 -15.62 11.80 -8.93
C LYS F 247 -15.45 12.36 -10.34
N GLY F 248 -15.79 11.55 -11.33
CA GLY F 248 -15.97 12.01 -12.69
C GLY F 248 -14.68 12.21 -13.47
N PRO F 249 -14.67 11.73 -14.71
CA PRO F 249 -13.55 12.04 -15.63
C PRO F 249 -13.66 13.48 -16.10
N GLN F 250 -12.61 14.27 -15.86
CA GLN F 250 -12.67 15.69 -16.15
C GLN F 250 -11.32 16.18 -16.66
N ARG F 251 -11.36 17.24 -17.46
CA ARG F 251 -10.18 17.76 -18.14
C ARG F 251 -9.36 18.63 -17.19
N ALA F 252 -8.04 18.57 -17.36
CA ALA F 252 -7.11 19.33 -16.53
C ALA F 252 -6.70 20.61 -17.26
N LEU F 253 -6.83 21.74 -16.58
CA LEU F 253 -6.46 23.02 -17.18
C LEU F 253 -4.94 23.15 -17.31
N GLN F 254 -4.22 22.94 -16.21
CA GLN F 254 -2.77 23.07 -16.19
C GLN F 254 -2.16 21.94 -15.37
N GLU F 255 -0.91 21.63 -15.66
CA GLU F 255 -0.17 20.59 -14.96
C GLU F 255 1.17 21.13 -14.51
N ALA F 256 1.64 20.68 -13.36
CA ALA F 256 2.90 21.12 -12.79
C ALA F 256 3.58 19.93 -12.11
N ALA F 257 4.60 20.20 -11.31
CA ALA F 257 5.34 19.16 -10.62
C ALA F 257 4.64 18.84 -9.30
N GLY F 258 4.04 17.66 -9.22
CA GLY F 258 3.38 17.23 -8.01
C GLY F 258 1.96 17.70 -7.84
N ALA F 259 1.38 18.35 -8.84
CA ALA F 259 0.01 18.86 -8.75
C ALA F 259 -0.50 19.12 -10.15
N ALA F 260 -1.82 19.30 -10.26
CA ALA F 260 -2.46 19.61 -11.53
C ALA F 260 -3.76 20.34 -11.25
N LEU F 261 -4.10 21.30 -12.12
CA LEU F 261 -5.31 22.09 -11.93
C LEU F 261 -6.53 21.30 -12.38
N ILE F 262 -7.49 21.12 -11.48
CA ILE F 262 -8.75 20.46 -11.78
C ILE F 262 -9.88 21.37 -11.29
N PRO F 263 -10.75 21.86 -12.17
CA PRO F 263 -11.88 22.69 -11.72
C PRO F 263 -12.96 21.82 -11.09
N VAL F 264 -13.03 21.84 -9.76
CA VAL F 264 -13.93 20.93 -9.05
C VAL F 264 -15.38 21.22 -9.38
N SER F 265 -15.70 22.45 -9.75
CA SER F 265 -17.06 22.82 -10.15
C SER F 265 -16.96 23.72 -11.38
N ASP F 266 -18.08 24.33 -11.75
CA ASP F 266 -18.13 25.27 -12.85
C ASP F 266 -17.72 26.68 -12.45
N THR F 267 -17.21 26.86 -11.24
CA THR F 267 -16.87 28.18 -10.72
C THR F 267 -15.43 28.29 -10.25
N ALA F 268 -14.87 27.22 -9.69
CA ALA F 268 -13.54 27.28 -9.08
C ALA F 268 -12.70 26.09 -9.52
N ALA F 269 -11.38 26.25 -9.39
CA ALA F 269 -10.42 25.22 -9.72
C ALA F 269 -9.43 25.05 -8.57
N GLN F 270 -8.88 23.85 -8.45
CA GLN F 270 -7.99 23.54 -7.33
C GLN F 270 -6.82 22.69 -7.82
N TRP F 271 -5.68 22.87 -7.16
CA TRP F 271 -4.48 22.08 -7.44
C TRP F 271 -4.58 20.75 -6.69
N ILE F 272 -4.68 19.66 -7.43
CA ILE F 272 -4.82 18.32 -6.86
C ILE F 272 -3.49 17.60 -7.02
N PRO F 273 -2.96 16.98 -5.97
CA PRO F 273 -1.70 16.23 -6.10
C PRO F 273 -1.86 15.01 -6.99
N TRP F 274 -0.72 14.56 -7.53
CA TRP F 274 -0.73 13.42 -8.44
C TRP F 274 -1.20 12.14 -7.75
N LYS F 275 -0.94 11.99 -6.45
CA LYS F 275 -1.35 10.80 -5.73
C LYS F 275 -2.87 10.65 -5.66
N LEU F 276 -3.62 11.72 -5.90
CA LEU F 276 -5.08 11.66 -5.88
C LEU F 276 -5.68 11.79 -7.28
N LEU F 277 -4.87 11.57 -8.32
CA LEU F 277 -5.32 11.66 -9.70
C LEU F 277 -5.07 10.34 -10.42
N LYS F 278 -6.03 9.94 -11.25
CA LYS F 278 -5.93 8.72 -12.04
C LYS F 278 -6.25 9.04 -13.50
N ARG F 279 -5.46 8.49 -14.40
CA ARG F 279 -5.69 8.72 -15.83
C ARG F 279 -6.99 8.08 -16.29
N ALA F 280 -7.65 8.73 -17.25
CA ALA F 280 -8.93 8.27 -17.75
C ALA F 280 -8.94 8.39 -19.27
N VAL F 281 -10.09 8.08 -19.87
CA VAL F 281 -10.28 8.13 -21.31
C VAL F 281 -11.47 9.03 -21.59
N CYS F 282 -11.46 9.70 -22.74
CA CYS F 282 -12.54 10.60 -23.10
C CYS F 282 -13.86 9.83 -23.19
N PRO F 283 -14.93 10.32 -22.56
CA PRO F 283 -16.20 9.57 -22.58
C PRO F 283 -16.78 9.38 -23.97
N ARG F 284 -16.45 10.24 -24.92
CA ARG F 284 -16.98 10.19 -26.28
C ARG F 284 -18.50 10.24 -26.28
N SER G 7 -25.27 -10.65 29.26
CA SER G 7 -25.27 -9.27 28.79
C SER G 7 -23.95 -8.93 28.12
N PRO G 8 -24.03 -8.39 26.89
CA PRO G 8 -22.80 -7.98 26.20
C PRO G 8 -21.98 -6.96 26.96
N ALA G 9 -22.63 -6.09 27.74
CA ALA G 9 -21.92 -5.01 28.42
C ALA G 9 -20.91 -5.57 29.44
N LYS G 10 -21.36 -6.47 30.31
CA LYS G 10 -20.46 -7.03 31.31
C LYS G 10 -19.40 -7.92 30.67
N LEU G 11 -19.77 -8.66 29.63
CA LEU G 11 -18.80 -9.51 28.95
C LEU G 11 -17.69 -8.69 28.33
N HIS G 12 -18.03 -7.57 27.70
CA HIS G 12 -17.00 -6.71 27.13
C HIS G 12 -16.21 -5.98 28.21
N SER G 13 -16.87 -5.60 29.30
CA SER G 13 -16.16 -4.95 30.40
C SER G 13 -15.20 -5.90 31.12
N PHE G 14 -15.42 -7.21 30.98
CA PHE G 14 -14.55 -8.19 31.61
C PHE G 14 -13.45 -8.68 30.68
N THR G 15 -13.79 -9.03 29.44
CA THR G 15 -12.84 -9.66 28.53
C THR G 15 -12.43 -8.79 27.36
N HIS G 16 -13.15 -7.69 27.08
CA HIS G 16 -12.85 -6.80 25.96
C HIS G 16 -12.82 -7.58 24.64
N CYS G 17 -13.83 -8.40 24.43
CA CYS G 17 -13.90 -9.22 23.21
C CYS G 17 -14.29 -8.35 22.02
N GLY G 18 -14.48 -9.00 20.87
CA GLY G 18 -14.78 -8.32 19.63
C GLY G 18 -16.24 -8.03 19.44
N GLN G 19 -16.62 -7.79 18.18
CA GLN G 19 -18.00 -7.44 17.83
C GLN G 19 -18.88 -8.67 17.69
N ALA G 20 -18.46 -9.62 16.85
CA ALA G 20 -19.24 -10.83 16.66
C ALA G 20 -19.30 -11.69 17.92
N ALA G 21 -18.29 -11.60 18.78
CA ALA G 21 -18.35 -12.29 20.06
C ALA G 21 -19.52 -11.79 20.90
N LEU G 22 -19.79 -10.48 20.86
CA LEU G 22 -20.97 -9.95 21.51
C LEU G 22 -22.25 -10.29 20.74
N THR G 23 -22.15 -10.40 19.41
CA THR G 23 -23.33 -10.72 18.60
C THR G 23 -23.87 -12.11 18.91
N LEU G 24 -22.98 -13.10 19.03
CA LEU G 24 -23.43 -14.47 19.30
C LEU G 24 -24.01 -14.66 20.69
N HIS G 25 -23.73 -13.75 21.62
CA HIS G 25 -24.33 -13.79 22.95
C HIS G 25 -25.66 -13.04 23.02
N GLY G 26 -26.08 -12.44 21.91
CA GLY G 26 -27.34 -11.72 21.84
C GLY G 26 -27.14 -10.21 21.90
N ALA G 27 -27.12 -9.58 20.73
CA ALA G 27 -26.96 -8.14 20.59
C ALA G 27 -27.09 -7.80 19.11
N THR G 28 -27.72 -6.66 18.82
CA THR G 28 -27.77 -6.17 17.46
C THR G 28 -26.39 -5.65 17.05
N THR G 29 -26.17 -5.58 15.73
CA THR G 29 -24.88 -5.12 15.23
C THR G 29 -24.61 -3.68 15.66
N THR G 30 -25.63 -2.83 15.61
CA THR G 30 -25.45 -1.44 16.01
C THR G 30 -25.13 -1.32 17.50
N GLU G 31 -25.79 -2.12 18.34
CA GLU G 31 -25.52 -2.06 19.78
C GLU G 31 -24.10 -2.51 20.09
N ALA G 32 -23.65 -3.60 19.47
CA ALA G 32 -22.27 -4.05 19.68
C ALA G 32 -21.27 -3.02 19.17
N LEU G 33 -21.57 -2.40 18.02
CA LEU G 33 -20.70 -1.36 17.49
C LEU G 33 -20.65 -0.16 18.43
N ASN G 34 -21.79 0.20 19.02
CA ASN G 34 -21.83 1.30 19.97
C ASN G 34 -21.02 0.96 21.22
N ILE G 35 -21.09 -0.28 21.69
CA ILE G 35 -20.27 -0.69 22.84
C ILE G 35 -18.79 -0.60 22.49
N LEU G 36 -18.41 -1.03 21.29
CA LEU G 36 -17.01 -0.99 20.89
C LEU G 36 -16.49 0.44 20.82
N HIS G 37 -17.23 1.34 20.16
CA HIS G 37 -16.76 2.71 20.04
C HIS G 37 -16.92 3.51 21.34
N SER G 38 -17.81 3.11 22.24
CA SER G 38 -17.94 3.80 23.52
C SER G 38 -16.94 3.31 24.55
N CYS G 39 -16.22 2.23 24.26
CA CYS G 39 -15.22 1.74 25.19
C CYS G 39 -14.06 2.71 25.29
N HIS G 40 -13.55 2.90 26.51
CA HIS G 40 -12.46 3.85 26.73
C HIS G 40 -11.09 3.19 26.62
N ALA G 41 -10.94 1.99 27.18
CA ALA G 41 -9.65 1.30 27.09
C ALA G 41 -9.43 0.67 25.72
N CYS G 42 -10.51 0.27 25.04
CA CYS G 42 -10.38 -0.43 23.77
C CYS G 42 -9.94 0.49 22.64
N ARG G 43 -9.98 1.80 22.83
CA ARG G 43 -9.59 2.75 21.78
C ARG G 43 -8.21 3.34 21.96
N LYS G 44 -7.75 3.56 23.21
CA LYS G 44 -6.40 4.03 23.41
C LYS G 44 -5.35 2.96 23.15
N ASN G 45 -5.69 1.68 23.33
CA ASN G 45 -4.73 0.61 23.16
C ASN G 45 -4.64 0.09 21.74
N ASN G 46 -5.65 0.35 20.91
CA ASN G 46 -5.59 -0.06 19.51
C ASN G 46 -4.79 0.96 18.71
N PRO G 47 -3.68 0.56 18.08
CA PRO G 47 -2.88 1.51 17.29
C PRO G 47 -3.45 1.81 15.92
N GLN G 48 -4.62 1.28 15.58
CA GLN G 48 -5.22 1.49 14.27
C GLN G 48 -6.11 2.72 14.29
N HIS G 49 -5.96 3.57 13.27
CA HIS G 49 -6.77 4.77 13.12
C HIS G 49 -6.97 5.04 11.64
N GLN G 50 -7.90 5.95 11.34
CA GLN G 50 -8.20 6.30 9.94
C GLN G 50 -8.54 7.80 9.92
N MET G 51 -7.59 8.61 9.47
CA MET G 51 -7.72 10.05 9.43
C MET G 51 -7.31 10.55 8.05
N PRO G 52 -7.81 11.72 7.63
CA PRO G 52 -7.43 12.24 6.31
C PRO G 52 -5.94 12.53 6.22
N ARG G 53 -5.40 12.36 5.01
CA ARG G 53 -3.99 12.55 4.75
C ARG G 53 -3.70 14.02 4.47
N GLY G 54 -2.46 14.43 4.76
CA GLY G 54 -2.01 15.78 4.53
C GLY G 54 -1.10 15.88 3.31
N HIS G 55 -1.02 17.10 2.77
CA HIS G 55 -0.18 17.39 1.62
C HIS G 55 0.51 18.72 1.84
N ILE G 56 1.80 18.79 1.49
CA ILE G 56 2.55 20.01 1.69
C ILE G 56 1.98 21.14 0.84
N ARG G 57 2.15 22.37 1.32
CA ARG G 57 1.65 23.53 0.60
C ARG G 57 2.48 23.77 -0.66
N ARG G 58 1.80 23.95 -1.79
CA ARG G 58 2.46 24.12 -3.08
C ARG G 58 2.15 25.49 -3.65
N GLY G 59 3.16 26.11 -4.27
CA GLY G 59 2.99 27.43 -4.81
C GLY G 59 2.10 27.45 -6.03
N LEU G 60 1.52 28.63 -6.29
CA LEU G 60 0.62 28.84 -7.42
C LEU G 60 1.36 29.16 -8.71
N LEU G 61 2.66 29.47 -8.64
CA LEU G 61 3.43 29.87 -9.81
C LEU G 61 4.90 29.67 -9.50
N PRO G 62 5.78 29.69 -10.51
CA PRO G 62 7.21 29.56 -10.24
C PRO G 62 7.72 30.67 -9.32
N ASN G 63 8.69 30.31 -8.48
CA ASN G 63 9.30 31.24 -7.52
C ASN G 63 8.27 31.80 -6.54
N HIS G 64 7.34 30.95 -6.09
CA HIS G 64 6.37 31.32 -5.07
C HIS G 64 6.71 30.73 -3.71
N ILE G 65 6.90 29.41 -3.65
CA ILE G 65 7.24 28.72 -2.40
C ILE G 65 8.44 27.83 -2.66
N TRP G 66 9.46 27.93 -1.80
CA TRP G 66 10.63 27.08 -1.87
C TRP G 66 10.69 26.19 -0.64
N GLN G 67 11.53 25.16 -0.71
CA GLN G 67 11.68 24.20 0.37
C GLN G 67 13.14 23.79 0.48
N GLY G 68 13.71 23.91 1.67
CA GLY G 68 15.12 23.69 1.86
C GLY G 68 15.42 22.70 2.97
N ASP G 69 16.58 22.06 2.85
CA ASP G 69 17.06 21.13 3.86
C ASP G 69 18.57 20.99 3.72
N ILE G 70 19.18 20.32 4.69
CA ILE G 70 20.61 20.08 4.72
C ILE G 70 20.83 18.57 4.84
N THR G 71 21.72 18.03 4.01
CA THR G 71 21.98 16.60 3.96
C THR G 71 23.49 16.38 4.07
N HIS G 72 23.88 15.19 4.55
CA HIS G 72 25.27 14.84 4.69
C HIS G 72 25.69 13.86 3.59
N PHE G 73 26.95 13.97 3.18
CA PHE G 73 27.50 13.09 2.17
C PHE G 73 28.93 12.73 2.55
N LYS G 74 29.25 11.43 2.49
CA LYS G 74 30.58 10.95 2.84
C LYS G 74 31.35 10.66 1.56
N TYR G 75 32.53 11.30 1.41
CA TYR G 75 33.36 11.12 0.23
C TYR G 75 34.79 11.47 0.58
N LYS G 76 35.71 10.55 0.25
CA LYS G 76 37.14 10.74 0.49
C LYS G 76 37.39 11.07 1.97
N ASN G 77 36.77 10.30 2.85
CA ASN G 77 36.87 10.44 4.30
C ASN G 77 36.44 11.82 4.79
N THR G 78 35.67 12.56 3.98
CA THR G 78 35.21 13.89 4.33
C THR G 78 33.69 13.92 4.30
N LEU G 79 33.09 14.58 5.29
CA LEU G 79 31.64 14.66 5.43
C LEU G 79 31.20 16.05 4.97
N TYR G 80 30.85 16.13 3.69
CA TYR G 80 30.35 17.38 3.13
C TYR G 80 28.88 17.58 3.48
N ARG G 81 28.48 18.84 3.62
CA ARG G 81 27.10 19.20 3.93
C ARG G 81 26.49 19.88 2.71
N LEU G 82 25.48 19.24 2.12
CA LEU G 82 24.80 19.77 0.95
C LEU G 82 23.56 20.53 1.40
N HIS G 83 23.53 21.82 1.12
CA HIS G 83 22.34 22.65 1.32
C HIS G 83 21.52 22.59 0.04
N VAL G 84 20.30 22.08 0.13
CA VAL G 84 19.45 21.82 -1.03
C VAL G 84 18.20 22.69 -0.92
N TRP G 85 17.91 23.44 -1.98
CA TRP G 85 16.68 24.21 -2.11
C TRP G 85 15.94 23.73 -3.35
N VAL G 86 14.63 23.53 -3.22
CA VAL G 86 13.81 23.03 -4.32
C VAL G 86 12.61 23.96 -4.49
N ASP G 87 12.32 24.31 -5.74
CA ASP G 87 11.12 25.06 -6.05
C ASP G 87 9.91 24.14 -5.98
N THR G 88 8.87 24.57 -5.27
CA THR G 88 7.72 23.70 -5.06
C THR G 88 6.90 23.53 -6.34
N PHE G 89 6.78 24.60 -7.14
CA PHE G 89 5.94 24.54 -8.33
C PHE G 89 6.55 23.62 -9.39
N SER G 90 7.84 23.78 -9.69
CA SER G 90 8.46 23.08 -10.80
C SER G 90 9.44 21.99 -10.39
N GLY G 91 9.88 21.97 -9.13
CA GLY G 91 10.84 20.97 -8.70
C GLY G 91 12.28 21.29 -9.01
N SER G 92 12.58 22.50 -9.48
CA SER G 92 13.95 22.87 -9.79
C SER G 92 14.81 22.86 -8.53
N VAL G 93 16.04 22.37 -8.66
CA VAL G 93 16.92 22.10 -7.53
C VAL G 93 18.15 22.99 -7.63
N SER G 94 18.50 23.65 -6.53
CA SER G 94 19.75 24.37 -6.39
C SER G 94 20.46 23.84 -5.14
N ALA G 95 21.65 23.29 -5.31
CA ALA G 95 22.37 22.66 -4.21
C ALA G 95 23.78 23.21 -4.14
N THR G 96 24.23 23.50 -2.91
CA THR G 96 25.59 23.98 -2.67
C THR G 96 26.24 23.10 -1.61
N HIS G 97 27.50 22.73 -1.83
CA HIS G 97 28.23 21.87 -0.91
C HIS G 97 29.15 22.73 -0.05
N LYS G 98 29.12 22.51 1.26
CA LYS G 98 29.91 23.25 2.22
C LYS G 98 30.60 22.29 3.18
N LYS G 99 31.50 22.85 4.00
CA LYS G 99 32.27 22.06 4.96
C LYS G 99 31.54 21.86 6.28
N ARG G 100 30.87 22.90 6.77
CA ARG G 100 30.21 22.85 8.07
C ARG G 100 28.84 23.50 7.96
N GLU G 101 28.07 23.41 9.05
CA GLU G 101 26.74 23.99 9.13
C GLU G 101 26.79 25.24 10.00
N THR G 102 26.45 26.38 9.41
CA THR G 102 26.48 27.66 10.10
C THR G 102 25.49 28.59 9.41
N SER G 103 25.01 29.59 10.15
CA SER G 103 24.05 30.55 9.59
C SER G 103 24.63 31.24 8.37
N SER G 104 25.94 31.53 8.37
CA SER G 104 26.57 32.11 7.20
C SER G 104 26.50 31.17 6.00
N GLU G 105 26.71 29.87 6.23
CA GLU G 105 26.60 28.90 5.14
C GLU G 105 25.18 28.87 4.58
N ALA G 106 24.18 28.90 5.46
CA ALA G 106 22.79 28.89 5.01
C ALA G 106 22.47 30.15 4.20
N ILE G 107 22.94 31.31 4.66
CA ILE G 107 22.69 32.55 3.93
C ILE G 107 23.37 32.52 2.56
N SER G 108 24.61 32.05 2.50
CA SER G 108 25.31 31.96 1.22
C SER G 108 24.62 30.99 0.29
N SER G 109 24.15 29.85 0.81
CA SER G 109 23.43 28.89 -0.02
C SER G 109 22.14 29.48 -0.56
N LEU G 110 21.41 30.22 0.29
CA LEU G 110 20.17 30.86 -0.16
C LEU G 110 20.45 31.89 -1.25
N LEU G 111 21.51 32.69 -1.08
CA LEU G 111 21.86 33.68 -2.10
C LEU G 111 22.26 33.02 -3.41
N HIS G 112 23.01 31.91 -3.33
CA HIS G 112 23.35 31.17 -4.55
C HIS G 112 22.10 30.62 -5.22
N ALA G 113 21.14 30.11 -4.42
CA ALA G 113 19.90 29.63 -4.99
C ALA G 113 19.11 30.75 -5.66
N ILE G 114 19.13 31.94 -5.07
CA ILE G 114 18.47 33.09 -5.69
C ILE G 114 19.13 33.43 -7.01
N ALA G 115 20.47 33.44 -7.04
CA ALA G 115 21.19 33.73 -8.28
C ALA G 115 20.98 32.66 -9.34
N HIS G 116 20.68 31.43 -8.93
CA HIS G 116 20.52 30.34 -9.89
C HIS G 116 19.08 30.22 -10.41
N LEU G 117 18.09 30.47 -9.57
CA LEU G 117 16.70 30.26 -9.93
C LEU G 117 15.88 31.54 -9.95
N GLY G 118 15.89 32.31 -8.87
CA GLY G 118 15.10 33.52 -8.78
C GLY G 118 14.83 33.87 -7.34
N ARG G 119 13.97 34.87 -7.13
CA ARG G 119 13.67 35.34 -5.80
C ARG G 119 12.33 34.80 -5.33
N PRO G 120 12.32 33.96 -4.30
CA PRO G 120 11.05 33.43 -3.79
C PRO G 120 10.40 34.35 -2.77
N SER G 121 9.08 34.19 -2.63
CA SER G 121 8.31 34.98 -1.69
C SER G 121 8.24 34.30 -0.32
N HIS G 122 7.79 33.05 -0.29
CA HIS G 122 7.71 32.27 0.94
C HIS G 122 8.63 31.06 0.86
N ILE G 123 9.31 30.77 1.95
CA ILE G 123 10.16 29.59 2.06
C ILE G 123 9.86 28.92 3.40
N ASN G 124 9.82 27.59 3.40
CA ASN G 124 9.57 26.82 4.61
C ASN G 124 10.61 25.71 4.73
N THR G 125 11.19 25.58 5.92
CA THR G 125 12.11 24.50 6.25
C THR G 125 11.72 23.94 7.61
N ASP G 126 12.44 22.90 8.04
CA ASP G 126 12.21 22.36 9.37
C ASP G 126 12.81 23.29 10.42
N ASN G 127 12.72 22.87 11.68
CA ASN G 127 13.26 23.67 12.79
C ASN G 127 14.71 23.30 13.08
N GLY G 128 15.54 23.48 12.05
CA GLY G 128 16.95 23.18 12.15
C GLY G 128 17.70 24.16 13.02
N PRO G 129 18.91 23.80 13.44
CA PRO G 129 19.69 24.70 14.30
C PRO G 129 20.18 25.96 13.59
N ALA G 130 20.18 25.98 12.26
CA ALA G 130 20.69 27.12 11.51
C ALA G 130 19.60 27.99 10.89
N TYR G 131 18.34 27.55 10.90
CA TYR G 131 17.26 28.31 10.31
C TYR G 131 16.58 29.25 11.30
N ALA G 132 16.89 29.16 12.59
CA ALA G 132 16.24 29.97 13.61
C ALA G 132 17.14 31.06 14.18
N SER G 133 18.33 31.25 13.63
CA SER G 133 19.25 32.25 14.16
C SER G 133 18.83 33.65 13.72
N GLN G 134 19.39 34.65 14.41
CA GLN G 134 19.08 36.05 14.09
C GLN G 134 19.60 36.42 12.70
N GLU G 135 20.78 35.91 12.33
CA GLU G 135 21.37 36.27 11.05
C GLU G 135 20.50 35.80 9.89
N PHE G 136 19.99 34.57 9.96
CA PHE G 136 19.14 34.06 8.88
C PHE G 136 17.85 34.85 8.77
N GLN G 137 17.24 35.20 9.91
CA GLN G 137 16.02 35.99 9.88
C GLN G 137 16.27 37.37 9.30
N HIS G 138 17.39 38.00 9.66
CA HIS G 138 17.73 39.31 9.11
C HIS G 138 17.95 39.22 7.61
N ALA G 139 18.65 38.18 7.15
CA ALA G 139 18.84 38.01 5.72
C ALA G 139 17.52 37.80 4.99
N CYS G 140 16.62 37.01 5.58
CA CYS G 140 15.32 36.78 4.97
C CYS G 140 14.49 38.05 4.88
N THR G 141 14.49 38.85 5.96
CA THR G 141 13.69 40.07 5.97
C THR G 141 14.32 41.19 5.15
N SER G 142 15.63 41.11 4.87
CA SER G 142 16.25 42.09 3.99
C SER G 142 15.75 41.98 2.55
N LEU G 143 15.39 40.77 2.11
CA LEU G 143 14.85 40.55 0.77
C LEU G 143 13.34 40.40 0.77
N ALA G 144 12.68 40.71 1.89
CA ALA G 144 11.23 40.58 2.03
C ALA G 144 10.76 39.16 1.73
N ILE G 145 11.45 38.18 2.32
CA ILE G 145 11.13 36.76 2.16
C ILE G 145 10.58 36.26 3.49
N ARG G 146 9.40 35.66 3.45
CA ARG G 146 8.75 35.15 4.65
C ARG G 146 9.24 33.73 4.91
N HIS G 147 9.99 33.54 5.99
CA HIS G 147 10.52 32.23 6.37
C HIS G 147 9.65 31.68 7.50
N THR G 148 9.04 30.52 7.25
CA THR G 148 8.20 29.85 8.23
C THR G 148 8.90 28.57 8.71
N THR G 149 8.25 27.87 9.63
CA THR G 149 8.79 26.67 10.23
C THR G 149 7.74 25.56 10.20
N HIS G 150 8.20 24.33 10.37
CA HIS G 150 7.35 23.15 10.38
C HIS G 150 7.08 22.70 11.81
N ILE G 151 6.26 21.66 11.93
CA ILE G 151 6.03 21.02 13.23
C ILE G 151 7.31 20.29 13.62
N PRO G 152 7.85 20.53 14.81
CA PRO G 152 9.13 19.91 15.18
C PRO G 152 9.05 18.40 15.21
N TYR G 153 10.15 17.76 14.81
CA TYR G 153 10.30 16.30 14.82
C TYR G 153 9.26 15.63 13.92
N ASN G 154 8.86 16.30 12.84
CA ASN G 154 7.91 15.76 11.86
C ASN G 154 8.54 15.93 10.49
N PRO G 155 9.42 15.02 10.08
CA PRO G 155 10.06 15.15 8.76
C PRO G 155 9.13 14.95 7.58
N THR G 156 7.92 14.42 7.81
CA THR G 156 7.00 14.19 6.71
C THR G 156 6.52 15.49 6.07
N SER G 157 6.49 16.59 6.82
CA SER G 157 6.01 17.87 6.30
C SER G 157 6.95 18.45 5.25
N SER G 158 8.16 17.92 5.11
CA SER G 158 9.13 18.38 4.11
C SER G 158 9.47 17.25 3.14
N GLY G 159 8.44 16.52 2.69
CA GLY G 159 8.69 15.33 1.89
C GLY G 159 9.41 15.64 0.58
N LEU G 160 9.03 16.75 -0.07
CA LEU G 160 9.61 17.07 -1.37
C LEU G 160 11.13 17.27 -1.28
N VAL G 161 11.58 18.04 -0.29
CA VAL G 161 13.01 18.33 -0.21
C VAL G 161 13.80 17.10 0.21
N GLU G 162 13.26 16.28 1.13
CA GLU G 162 13.97 15.06 1.50
C GLU G 162 14.07 14.09 0.33
N ARG G 163 12.99 13.97 -0.45
CA ARG G 163 13.03 13.12 -1.64
C ARG G 163 14.03 13.65 -2.66
N THR G 164 14.09 14.97 -2.82
CA THR G 164 15.09 15.57 -3.71
C THR G 164 16.50 15.26 -3.21
N ASN G 165 16.71 15.30 -1.90
CA ASN G 165 18.00 14.93 -1.34
C ASN G 165 18.34 13.49 -1.68
N GLY G 166 17.36 12.59 -1.59
CA GLY G 166 17.60 11.20 -1.95
C GLY G 166 17.97 11.03 -3.41
N ILE G 167 17.28 11.74 -4.30
CA ILE G 167 17.59 11.66 -5.73
C ILE G 167 18.99 12.17 -6.00
N LEU G 168 19.34 13.31 -5.41
CA LEU G 168 20.66 13.90 -5.62
C LEU G 168 21.75 12.96 -5.10
N LYS G 169 21.56 12.38 -3.92
CA LYS G 169 22.54 11.46 -3.38
C LYS G 169 22.68 10.21 -4.25
N THR G 170 21.56 9.69 -4.77
CA THR G 170 21.63 8.53 -5.63
C THR G 170 22.44 8.82 -6.89
N LEU G 171 22.22 10.00 -7.51
CA LEU G 171 23.00 10.35 -8.69
C LEU G 171 24.47 10.53 -8.35
N LEU G 172 24.78 11.14 -7.20
CA LEU G 172 26.16 11.29 -6.79
C LEU G 172 26.83 9.93 -6.59
N TYR G 173 26.12 8.98 -5.97
CA TYR G 173 26.67 7.65 -5.78
C TYR G 173 26.90 6.95 -7.11
N LYS G 174 25.98 7.13 -8.06
CA LYS G 174 26.17 6.57 -9.39
C LYS G 174 27.43 7.13 -10.04
N TYR G 175 27.63 8.45 -9.92
CA TYR G 175 28.82 9.07 -10.52
C TYR G 175 30.10 8.58 -9.85
N PHE G 176 30.08 8.46 -8.52
CA PHE G 176 31.27 8.04 -7.79
C PHE G 176 31.56 6.55 -7.94
N SER G 177 30.58 5.75 -8.35
CA SER G 177 30.82 4.34 -8.56
C SER G 177 31.74 4.09 -9.75
N ASP G 178 31.69 4.95 -10.76
CA ASP G 178 32.51 4.77 -11.95
C ASP G 178 33.90 5.36 -11.76
N ASN G 179 33.97 6.63 -11.37
CA ASN G 179 35.23 7.35 -11.19
C ASN G 179 35.34 7.79 -9.73
N PRO G 180 35.97 6.99 -8.87
CA PRO G 180 36.11 7.40 -7.47
C PRO G 180 36.99 8.62 -7.27
N ASN G 181 37.83 8.97 -8.25
CA ASN G 181 38.73 10.11 -8.14
C ASN G 181 38.12 11.41 -8.65
N LEU G 182 36.85 11.38 -9.06
CA LEU G 182 36.20 12.58 -9.56
C LEU G 182 36.03 13.58 -8.43
N PRO G 183 36.35 14.86 -8.65
CA PRO G 183 36.14 15.87 -7.60
C PRO G 183 34.66 16.05 -7.30
N MET G 184 34.39 16.46 -6.06
CA MET G 184 33.01 16.62 -5.60
C MET G 184 32.27 17.69 -6.39
N ASP G 185 32.94 18.82 -6.68
CA ASP G 185 32.27 19.92 -7.38
C ASP G 185 31.86 19.52 -8.79
N ASN G 186 32.73 18.79 -9.50
CA ASN G 186 32.37 18.30 -10.83
C ASN G 186 31.15 17.39 -10.78
N ALA G 187 31.14 16.45 -9.84
CA ALA G 187 30.02 15.52 -9.74
C ALA G 187 28.73 16.26 -9.40
N LEU G 188 28.80 17.22 -8.48
CA LEU G 188 27.60 17.98 -8.11
C LEU G 188 27.08 18.80 -9.28
N SER G 189 27.98 19.43 -10.04
CA SER G 189 27.55 20.22 -11.19
C SER G 189 26.90 19.33 -12.25
N VAL G 190 27.50 18.18 -12.53
CA VAL G 190 26.94 17.28 -13.54
C VAL G 190 25.58 16.76 -13.08
N ALA G 191 25.46 16.40 -11.80
CA ALA G 191 24.18 15.90 -11.30
C ALA G 191 23.10 16.98 -11.34
N LEU G 192 23.45 18.22 -10.99
CA LEU G 192 22.49 19.31 -11.04
C LEU G 192 22.03 19.56 -12.48
N TRP G 193 22.96 19.55 -13.43
CA TRP G 193 22.59 19.71 -14.84
C TRP G 193 21.70 18.58 -15.30
N THR G 194 22.01 17.34 -14.92
CA THR G 194 21.21 16.20 -15.33
C THR G 194 19.80 16.29 -14.76
N ILE G 195 19.68 16.66 -13.48
CA ILE G 195 18.37 16.73 -12.85
C ILE G 195 17.53 17.85 -13.46
N ASN G 196 18.11 19.04 -13.58
CA ASN G 196 17.32 20.21 -13.99
C ASN G 196 17.02 20.20 -15.48
N HIS G 197 17.99 19.82 -16.32
CA HIS G 197 17.87 20.01 -17.75
C HIS G 197 17.65 18.72 -18.54
N LEU G 198 18.06 17.57 -18.01
CA LEU G 198 17.99 16.32 -18.75
C LEU G 198 16.86 15.42 -18.28
N ASN G 199 16.80 15.12 -16.98
CA ASN G 199 15.78 14.23 -16.46
C ASN G 199 14.41 14.87 -16.57
N VAL G 200 13.42 14.08 -17.00
CA VAL G 200 12.04 14.54 -17.16
C VAL G 200 11.22 14.04 -15.98
N LEU G 201 10.23 14.83 -15.59
CA LEU G 201 9.35 14.43 -14.50
C LEU G 201 8.47 13.26 -14.93
N THR G 202 8.16 12.39 -13.95
CA THR G 202 7.48 11.14 -14.26
C THR G 202 6.07 11.37 -14.82
N HIS G 203 5.32 12.30 -14.22
CA HIS G 203 3.91 12.44 -14.55
C HIS G 203 3.66 13.40 -15.71
N CYS G 204 4.09 14.65 -15.58
CA CYS G 204 3.83 15.65 -16.61
C CYS G 204 4.72 15.48 -17.84
N GLN G 205 5.74 14.63 -17.76
CA GLN G 205 6.65 14.37 -18.89
C GLN G 205 7.33 15.64 -19.38
N LYS G 206 7.55 16.60 -18.47
CA LYS G 206 8.29 17.82 -18.77
C LYS G 206 9.38 17.99 -17.72
N THR G 207 10.56 18.40 -18.18
CA THR G 207 11.65 18.64 -17.25
C THR G 207 11.34 19.83 -16.35
N ARG G 208 12.03 19.88 -15.21
CA ARG G 208 11.83 20.97 -14.27
C ARG G 208 12.18 22.31 -14.92
N TRP G 209 13.12 22.29 -15.87
CA TRP G 209 13.63 23.53 -16.43
C TRP G 209 12.58 24.18 -17.34
N GLN G 210 11.84 23.37 -18.09
CA GLN G 210 10.77 23.91 -18.94
C GLN G 210 9.66 24.52 -18.09
N LEU G 211 9.30 23.86 -16.98
CA LEU G 211 8.24 24.38 -16.13
C LEU G 211 8.67 25.66 -15.42
N HIS G 212 9.93 25.73 -14.99
CA HIS G 212 10.41 26.93 -14.30
C HIS G 212 10.38 28.15 -15.21
N HIS G 213 10.79 27.98 -16.46
CA HIS G 213 10.83 29.08 -17.42
C HIS G 213 9.69 29.03 -18.43
N SER G 214 8.62 28.31 -18.11
CA SER G 214 7.40 28.43 -18.87
C SER G 214 6.84 29.83 -18.69
N PRO G 215 6.08 30.34 -19.67
CA PRO G 215 5.58 31.72 -19.58
C PRO G 215 4.75 31.91 -18.31
N ARG G 216 5.00 33.02 -17.61
CA ARG G 216 4.28 33.38 -16.39
C ARG G 216 2.96 34.05 -16.68
N LEU G 217 2.51 33.95 -17.92
CA LEU G 217 1.22 34.51 -18.32
C LEU G 217 0.05 34.02 -17.49
N PRO G 218 -0.08 32.74 -17.14
CA PRO G 218 -1.23 32.32 -16.31
C PRO G 218 -1.25 33.06 -14.98
N PRO G 219 -2.38 33.65 -14.62
CA PRO G 219 -2.45 34.39 -13.36
C PRO G 219 -2.52 33.46 -12.16
N ILE G 220 -2.53 34.07 -10.98
CA ILE G 220 -2.62 33.33 -9.72
C ILE G 220 -4.09 33.16 -9.36
N PRO G 221 -4.60 31.93 -9.29
CA PRO G 221 -6.00 31.73 -8.88
C PRO G 221 -6.27 32.29 -7.49
N GLU G 222 -7.45 32.86 -7.32
CA GLU G 222 -7.85 33.38 -6.02
C GLU G 222 -8.08 32.24 -5.03
N GLU G 223 -7.73 32.49 -3.77
CA GLU G 223 -7.87 31.50 -2.71
C GLU G 223 -8.93 31.95 -1.72
N LYS G 224 -9.40 30.99 -0.92
CA LYS G 224 -10.42 31.24 0.09
C LYS G 224 -9.89 30.76 1.44
N PRO G 225 -9.67 31.66 2.40
CA PRO G 225 -9.19 31.25 3.72
C PRO G 225 -10.26 30.71 4.66
N VAL G 226 -11.46 30.44 4.16
CA VAL G 226 -12.55 29.95 5.00
C VAL G 226 -12.29 28.49 5.35
N THR G 227 -12.31 28.17 6.64
CA THR G 227 -12.10 26.83 7.14
C THR G 227 -13.33 26.37 7.91
N THR G 228 -13.24 25.16 8.47
CA THR G 228 -14.34 24.62 9.26
C THR G 228 -14.53 25.39 10.55
N SER G 229 -15.78 25.63 10.91
CA SER G 229 -16.12 26.37 12.13
C SER G 229 -16.40 25.46 13.32
N LYS G 230 -16.23 24.16 13.18
CA LYS G 230 -16.52 23.19 14.23
C LYS G 230 -15.24 22.53 14.72
N THR G 231 -15.32 21.97 15.92
CA THR G 231 -14.22 21.25 16.54
C THR G 231 -14.72 19.92 17.07
N HIS G 232 -13.79 18.98 17.24
CA HIS G 232 -14.12 17.63 17.70
C HIS G 232 -13.18 17.25 18.83
N TRP G 233 -13.29 16.00 19.29
CA TRP G 233 -12.43 15.45 20.33
C TRP G 233 -11.46 14.46 19.69
N TYR G 234 -10.20 14.56 20.06
CA TYR G 234 -9.14 13.79 19.41
C TYR G 234 -8.24 13.13 20.45
N TYR G 235 -7.91 11.86 20.23
CA TYR G 235 -6.77 11.25 20.90
C TYR G 235 -5.50 11.65 20.18
N PHE G 236 -4.50 12.08 20.95
CA PHE G 236 -3.31 12.69 20.39
C PHE G 236 -2.06 11.98 20.87
N LYS G 237 -1.02 12.05 20.04
CA LYS G 237 0.32 11.58 20.37
C LYS G 237 1.32 12.67 20.06
N ILE G 238 2.30 12.83 20.94
CA ILE G 238 3.33 13.86 20.76
C ILE G 238 4.24 13.43 19.60
N PRO G 239 4.44 14.29 18.60
CA PRO G 239 5.31 13.89 17.47
C PRO G 239 6.73 13.57 17.88
N GLY G 240 7.27 14.26 18.89
CA GLY G 240 8.66 14.07 19.25
C GLY G 240 8.96 12.68 19.78
N LEU G 241 8.13 12.16 20.68
CA LEU G 241 8.33 10.86 21.31
C LEU G 241 7.18 9.93 20.95
N ASN G 242 7.51 8.72 20.55
CA ASN G 242 6.51 7.73 20.19
C ASN G 242 6.06 6.97 21.42
N SER G 243 4.74 6.79 21.55
CA SER G 243 4.15 6.10 22.68
C SER G 243 3.25 4.98 22.17
N ARG G 244 3.12 3.94 23.00
CA ARG G 244 2.35 2.77 22.61
C ARG G 244 0.86 3.09 22.51
N GLN G 245 0.33 3.85 23.47
CA GLN G 245 -1.10 4.10 23.56
C GLN G 245 -1.39 5.58 23.36
N TRP G 246 -2.63 5.87 22.95
CA TRP G 246 -3.06 7.23 22.73
C TRP G 246 -3.22 7.97 24.06
N LYS G 247 -3.29 9.30 23.97
CA LYS G 247 -3.45 10.16 25.13
C LYS G 247 -4.71 10.99 24.99
N GLY G 248 -5.27 11.40 26.13
CA GLY G 248 -6.45 12.22 26.15
C GLY G 248 -7.67 11.46 26.61
N PRO G 249 -8.82 11.68 25.93
CA PRO G 249 -8.97 12.62 24.81
C PRO G 249 -9.14 14.07 25.27
N GLN G 250 -8.91 15.01 24.35
CA GLN G 250 -9.05 16.43 24.61
C GLN G 250 -9.82 17.06 23.47
N ARG G 251 -10.12 18.36 23.61
CA ARG G 251 -10.84 19.11 22.60
C ARG G 251 -9.91 20.11 21.94
N ALA G 252 -9.92 20.12 20.61
CA ALA G 252 -9.04 21.01 19.85
C ALA G 252 -9.54 22.45 19.91
N LEU G 253 -8.63 23.37 20.18
CA LEU G 253 -8.98 24.79 20.18
C LEU G 253 -9.42 25.24 18.78
N GLN G 254 -8.66 24.83 17.76
CA GLN G 254 -9.01 25.13 16.38
C GLN G 254 -8.25 24.16 15.47
N GLU G 255 -8.88 23.75 14.38
CA GLU G 255 -8.29 22.81 13.45
C GLU G 255 -8.27 23.41 12.05
N ALA G 256 -7.19 23.13 11.33
CA ALA G 256 -7.01 23.56 9.95
C ALA G 256 -6.81 22.34 9.06
N ALA G 257 -6.48 22.58 7.80
CA ALA G 257 -6.27 21.51 6.84
C ALA G 257 -4.87 20.93 7.02
N GLY G 258 -4.79 19.69 7.50
CA GLY G 258 -3.53 18.99 7.66
C GLY G 258 -3.09 18.80 9.10
N ALA G 259 -3.60 19.59 10.02
CA ALA G 259 -3.19 19.49 11.43
C ALA G 259 -4.29 20.11 12.29
N ALA G 260 -4.08 20.06 13.61
CA ALA G 260 -5.04 20.61 14.55
C ALA G 260 -4.31 21.10 15.79
N LEU G 261 -4.90 22.10 16.44
CA LEU G 261 -4.34 22.65 17.68
C LEU G 261 -4.90 21.89 18.86
N ILE G 262 -4.09 21.03 19.45
CA ILE G 262 -4.47 20.18 20.57
C ILE G 262 -3.77 20.70 21.82
N PRO G 263 -4.49 20.96 22.92
CA PRO G 263 -3.84 21.37 24.17
C PRO G 263 -3.21 20.17 24.87
N VAL G 264 -1.87 20.12 24.86
CA VAL G 264 -1.16 19.02 25.49
C VAL G 264 -1.39 19.04 27.00
N SER G 265 -1.27 20.22 27.61
CA SER G 265 -1.47 20.36 29.05
C SER G 265 -2.40 21.53 29.34
N ASP G 266 -2.53 21.89 30.62
CA ASP G 266 -3.39 22.99 31.02
C ASP G 266 -2.75 24.36 30.84
N THR G 267 -1.46 24.42 30.47
CA THR G 267 -0.74 25.67 30.35
C THR G 267 -0.64 26.14 28.90
N ALA G 268 -0.07 25.31 28.02
CA ALA G 268 0.16 25.69 26.64
C ALA G 268 -0.33 24.58 25.71
N ALA G 269 -0.73 24.99 24.51
CA ALA G 269 -1.23 24.07 23.49
C ALA G 269 -0.09 23.69 22.54
N GLN G 270 -0.43 22.89 21.54
CA GLN G 270 0.55 22.43 20.55
C GLN G 270 -0.18 22.10 19.26
N TRP G 271 0.59 21.98 18.18
CA TRP G 271 0.06 21.62 16.88
C TRP G 271 0.40 20.16 16.60
N ILE G 272 -0.62 19.37 16.25
CA ILE G 272 -0.48 17.93 16.03
C ILE G 272 -0.94 17.64 14.61
N PRO G 273 -0.15 16.94 13.80
CA PRO G 273 -0.59 16.59 12.45
C PRO G 273 -1.71 15.55 12.50
N TRP G 274 -2.36 15.38 11.34
CA TRP G 274 -3.47 14.44 11.23
C TRP G 274 -3.01 12.99 11.27
N LYS G 275 -1.72 12.72 11.12
CA LYS G 275 -1.21 11.35 11.17
C LYS G 275 -1.13 10.80 12.58
N LEU G 276 -1.13 11.67 13.60
CA LEU G 276 -1.03 11.26 14.99
C LEU G 276 -2.28 11.63 15.78
N LEU G 277 -3.42 11.70 15.10
CA LEU G 277 -4.70 12.00 15.73
C LEU G 277 -5.69 10.88 15.46
N LYS G 278 -6.53 10.61 16.45
CA LYS G 278 -7.55 9.57 16.35
C LYS G 278 -8.90 10.13 16.78
N ARG G 279 -9.95 9.75 16.05
CA ARG G 279 -11.30 10.21 16.37
C ARG G 279 -11.73 9.66 17.72
N ALA G 280 -12.48 10.48 18.46
CA ALA G 280 -12.98 10.14 19.78
C ALA G 280 -14.50 10.21 19.79
N VAL G 281 -15.09 9.76 20.89
CA VAL G 281 -16.54 9.81 21.10
C VAL G 281 -16.86 11.09 21.85
N CYS G 282 -18.05 11.65 21.60
CA CYS G 282 -18.44 12.89 22.24
C CYS G 282 -18.75 12.65 23.71
N PRO G 283 -18.05 13.31 24.64
CA PRO G 283 -18.36 13.12 26.06
C PRO G 283 -19.77 13.56 26.45
N ARG G 284 -20.36 14.50 25.72
CA ARG G 284 -21.70 14.97 26.03
C ARG G 284 -22.72 14.46 25.01
N LEU H 344 -19.62 47.50 -13.09
CA LEU H 344 -20.77 46.60 -13.15
C LEU H 344 -20.73 45.58 -12.03
N LEU H 345 -20.44 44.32 -12.36
CA LEU H 345 -20.39 43.25 -11.40
C LEU H 345 -19.29 42.26 -11.81
N HIS H 346 -18.84 41.48 -10.84
CA HIS H 346 -17.83 40.47 -11.11
C HIS H 346 -18.39 39.38 -12.03
N ILE H 347 -17.55 38.93 -12.96
CA ILE H 347 -18.02 38.00 -13.99
C ILE H 347 -18.33 36.63 -13.40
N ARG H 348 -17.69 36.27 -12.29
CA ARG H 348 -17.90 34.96 -11.69
C ARG H 348 -19.02 34.96 -10.64
N ASP H 349 -19.60 36.11 -10.34
CA ASP H 349 -20.67 36.22 -9.35
C ASP H 349 -22.05 36.36 -9.98
N VAL H 350 -22.24 35.78 -11.16
CA VAL H 350 -23.52 35.85 -11.87
C VAL H 350 -23.92 34.44 -12.27
N PRO H 351 -25.22 34.17 -12.39
CA PRO H 351 -25.64 32.82 -12.75
C PRO H 351 -25.30 32.52 -14.19
N PRO H 352 -25.09 31.24 -14.52
CA PRO H 352 -24.63 30.90 -15.88
C PRO H 352 -25.63 31.22 -16.97
N ALA H 353 -26.91 31.42 -16.63
CA ALA H 353 -27.92 31.71 -17.65
C ALA H 353 -27.60 33.01 -18.37
N ASP H 354 -27.20 34.04 -17.63
CA ASP H 354 -26.84 35.33 -18.20
C ASP H 354 -25.37 35.66 -17.99
N GLN H 355 -24.53 34.65 -17.72
CA GLN H 355 -23.10 34.90 -17.54
C GLN H 355 -22.47 35.42 -18.83
N GLU H 356 -22.84 34.86 -19.98
CA GLU H 356 -22.32 35.36 -21.24
C GLU H 356 -22.80 36.77 -21.54
N LYS H 357 -23.98 37.14 -21.04
CA LYS H 357 -24.47 38.50 -21.23
C LYS H 357 -23.55 39.50 -20.53
N LEU H 358 -23.21 39.24 -19.27
CA LEU H 358 -22.29 40.12 -18.57
C LEU H 358 -20.88 40.02 -19.15
N PHE H 359 -20.52 38.86 -19.68
CA PHE H 359 -19.26 38.72 -20.41
C PHE H 359 -19.19 39.73 -21.56
N ILE H 360 -20.23 39.77 -22.39
CA ILE H 360 -20.27 40.70 -23.50
C ILE H 360 -20.30 42.14 -23.01
N GLN H 361 -21.10 42.42 -21.97
CA GLN H 361 -21.22 43.78 -21.46
C GLN H 361 -19.90 44.29 -20.92
N LYS H 362 -19.17 43.45 -20.17
CA LYS H 362 -17.88 43.87 -19.64
C LYS H 362 -16.82 43.97 -20.74
N LEU H 363 -16.94 43.16 -21.79
CA LEU H 363 -16.09 43.35 -22.97
C LEU H 363 -16.35 44.71 -23.61
N ARG H 364 -17.63 45.12 -23.67
CA ARG H 364 -17.97 46.42 -24.25
C ARG H 364 -17.47 47.58 -23.41
N GLN H 365 -17.22 47.37 -22.11
CA GLN H 365 -16.81 48.47 -21.25
C GLN H 365 -15.45 49.03 -21.64
N CYS H 366 -14.54 48.18 -22.09
CA CYS H 366 -13.19 48.61 -22.46
C CYS H 366 -13.09 49.13 -23.89
N CYS H 367 -14.21 49.15 -24.62
CA CYS H 367 -14.20 49.68 -25.98
C CYS H 367 -13.89 51.17 -26.04
N VAL H 368 -14.17 51.91 -24.96
CA VAL H 368 -13.88 53.34 -24.94
C VAL H 368 -12.37 53.55 -24.82
N LEU H 369 -11.88 54.60 -25.48
CA LEU H 369 -10.46 54.88 -25.55
C LEU H 369 -10.00 55.72 -24.36
N PHE H 370 -8.71 55.63 -24.08
CA PHE H 370 -8.06 56.46 -23.06
C PHE H 370 -6.67 56.79 -23.55
N ASP H 371 -6.40 58.07 -23.78
CA ASP H 371 -5.15 58.52 -24.38
C ASP H 371 -4.26 59.14 -23.31
N PHE H 372 -3.06 58.57 -23.14
CA PHE H 372 -2.05 59.16 -22.28
C PHE H 372 -1.23 60.22 -22.97
N VAL H 373 -1.17 60.20 -24.31
CA VAL H 373 -0.36 61.17 -25.04
C VAL H 373 -0.96 62.57 -24.92
N SER H 374 -2.30 62.67 -24.92
CA SER H 374 -2.94 63.97 -24.83
C SER H 374 -2.59 64.67 -23.52
N ASP H 375 -2.65 63.95 -22.40
CA ASP H 375 -2.27 64.48 -21.11
C ASP H 375 -2.08 63.33 -20.14
N PRO H 376 -1.05 63.36 -19.29
CA PRO H 376 -0.81 62.22 -18.39
C PRO H 376 -1.94 61.95 -17.41
N LEU H 377 -2.66 62.98 -16.96
CA LEU H 377 -3.71 62.83 -15.96
C LEU H 377 -5.05 63.14 -16.61
N SER H 378 -5.82 62.09 -16.90
CA SER H 378 -7.14 62.24 -17.51
C SER H 378 -7.93 60.97 -17.25
N ASP H 379 -9.04 61.10 -16.52
CA ASP H 379 -9.93 59.97 -16.21
C ASP H 379 -9.14 58.84 -15.53
N LEU H 380 -8.56 59.18 -14.37
CA LEU H 380 -7.71 58.22 -13.67
C LEU H 380 -8.52 57.02 -13.17
N LYS H 381 -9.68 57.27 -12.57
CA LYS H 381 -10.46 56.16 -12.03
C LYS H 381 -11.09 55.34 -13.15
N TRP H 382 -11.45 55.97 -14.27
CA TRP H 382 -11.91 55.22 -15.43
C TRP H 382 -10.81 54.28 -15.92
N LYS H 383 -9.57 54.78 -15.98
CA LYS H 383 -8.46 53.94 -16.41
C LYS H 383 -8.21 52.80 -15.44
N GLU H 384 -8.33 53.06 -14.14
CA GLU H 384 -8.17 52.01 -13.15
C GLU H 384 -9.24 50.94 -13.30
N VAL H 385 -10.49 51.35 -13.52
CA VAL H 385 -11.57 50.38 -13.75
C VAL H 385 -11.30 49.58 -15.01
N LYS H 386 -10.83 50.24 -16.07
CA LYS H 386 -10.52 49.52 -17.30
C LYS H 386 -9.42 48.48 -17.08
N ARG H 387 -8.37 48.85 -16.34
CA ARG H 387 -7.29 47.91 -16.07
C ARG H 387 -7.77 46.73 -15.24
N ALA H 388 -8.57 47.00 -14.20
CA ALA H 388 -9.11 45.92 -13.38
C ALA H 388 -10.01 45.01 -14.19
N ALA H 389 -10.85 45.59 -15.05
CA ALA H 389 -11.73 44.78 -15.89
C ALA H 389 -10.92 43.91 -16.84
N LEU H 390 -9.87 44.47 -17.45
CA LEU H 390 -9.03 43.69 -18.34
C LEU H 390 -8.36 42.53 -17.61
N SER H 391 -7.86 42.79 -16.39
CA SER H 391 -7.26 41.72 -15.59
C SER H 391 -8.27 40.64 -15.26
N GLU H 392 -9.50 41.04 -14.90
CA GLU H 392 -10.53 40.06 -14.57
C GLU H 392 -10.90 39.23 -15.80
N MET H 393 -11.00 39.87 -16.97
CA MET H 393 -11.31 39.13 -18.18
C MET H 393 -10.21 38.14 -18.54
N VAL H 394 -8.94 38.56 -18.43
CA VAL H 394 -7.86 37.67 -18.83
C VAL H 394 -7.70 36.53 -17.82
N GLU H 395 -8.04 36.75 -16.55
CA GLU H 395 -7.99 35.64 -15.59
C GLU H 395 -9.19 34.71 -15.75
N TYR H 396 -10.34 35.25 -16.19
CA TYR H 396 -11.53 34.42 -16.35
C TYR H 396 -11.42 33.53 -17.59
N ILE H 397 -10.86 34.06 -18.68
CA ILE H 397 -10.85 33.32 -19.93
C ILE H 397 -10.01 32.04 -19.85
N THR H 398 -9.03 32.00 -18.94
CA THR H 398 -8.09 30.88 -18.87
C THR H 398 -8.38 29.95 -17.68
N HIS H 399 -9.63 29.93 -17.20
CA HIS H 399 -9.96 29.07 -16.07
C HIS H 399 -11.27 28.32 -16.26
N ASN H 400 -11.91 28.41 -17.42
CA ASN H 400 -13.17 27.73 -17.66
C ASN H 400 -13.22 27.22 -19.09
N ARG H 401 -14.08 26.23 -19.32
CA ARG H 401 -14.26 25.63 -20.63
C ARG H 401 -15.67 25.91 -21.15
N ASN H 402 -15.84 25.73 -22.46
CA ASN H 402 -17.11 25.98 -23.15
C ASN H 402 -17.59 27.41 -22.92
N VAL H 403 -16.66 28.35 -22.96
CA VAL H 403 -16.96 29.76 -22.75
C VAL H 403 -17.19 30.49 -24.07
N ILE H 404 -16.35 30.23 -25.07
CA ILE H 404 -16.46 30.91 -26.34
C ILE H 404 -17.71 30.42 -27.07
N THR H 405 -18.53 31.37 -27.53
CA THR H 405 -19.81 31.08 -28.17
C THR H 405 -19.89 31.93 -29.44
N GLU H 406 -20.83 31.56 -30.31
CA GLU H 406 -20.98 32.21 -31.62
C GLU H 406 -21.06 33.73 -31.57
N PRO H 407 -21.86 34.36 -30.71
CA PRO H 407 -21.91 35.83 -30.68
C PRO H 407 -20.78 36.48 -29.91
N ILE H 408 -19.70 35.76 -29.61
CA ILE H 408 -18.58 36.31 -28.85
C ILE H 408 -17.41 36.58 -29.80
N TYR H 409 -17.34 35.80 -30.89
CA TYR H 409 -16.18 35.90 -31.79
C TYR H 409 -16.02 37.30 -32.37
N PRO H 410 -17.06 37.97 -32.93
CA PRO H 410 -16.85 39.31 -33.50
C PRO H 410 -16.33 40.34 -32.51
N GLU H 411 -17.11 40.54 -31.44
CA GLU H 411 -16.99 41.77 -30.66
C GLU H 411 -15.62 41.89 -30.00
N VAL H 412 -15.11 40.79 -29.44
CA VAL H 412 -13.77 40.85 -28.84
C VAL H 412 -12.74 41.28 -29.87
N VAL H 413 -12.79 40.70 -31.08
CA VAL H 413 -11.91 41.14 -32.14
C VAL H 413 -12.17 42.61 -32.46
N HIS H 414 -13.45 42.99 -32.52
CA HIS H 414 -13.79 44.40 -32.71
C HIS H 414 -13.19 45.24 -31.59
N MET H 415 -13.30 44.77 -30.35
CA MET H 415 -12.65 45.47 -29.25
C MET H 415 -11.15 45.58 -29.50
N PHE H 416 -10.53 44.48 -29.90
CA PHE H 416 -9.14 44.53 -30.31
C PHE H 416 -8.97 45.51 -31.46
N ALA H 417 -9.88 45.44 -32.44
CA ALA H 417 -9.84 46.37 -33.57
C ALA H 417 -9.99 47.81 -33.12
N VAL H 418 -10.72 48.05 -32.03
CA VAL H 418 -10.87 49.41 -31.55
C VAL H 418 -9.56 49.94 -30.97
N ASN H 419 -8.81 49.08 -30.29
CA ASN H 419 -7.68 49.57 -29.48
C ASN H 419 -6.35 49.56 -30.23
N MET H 420 -6.04 48.49 -30.94
CA MET H 420 -4.70 48.34 -31.51
C MET H 420 -4.56 49.00 -32.88
N PHE H 421 -5.48 48.71 -33.79
CA PHE H 421 -5.40 49.27 -35.13
C PHE H 421 -5.72 50.75 -35.09
N ARG H 422 -4.70 51.58 -35.29
CA ARG H 422 -4.85 53.02 -35.22
C ARG H 422 -3.70 53.66 -35.98
N THR H 423 -3.77 54.98 -36.12
CA THR H 423 -2.67 55.71 -36.75
C THR H 423 -1.40 55.60 -35.91
N LEU H 424 -0.28 55.41 -36.59
CA LEU H 424 0.97 55.23 -35.90
C LEU H 424 1.48 56.55 -35.33
N PRO H 425 2.20 56.50 -34.21
CA PRO H 425 2.81 57.73 -33.70
C PRO H 425 3.82 58.28 -34.67
N PRO H 426 4.02 59.59 -34.69
CA PRO H 426 5.00 60.18 -35.62
C PRO H 426 6.40 59.66 -35.36
N SER H 427 7.14 59.45 -36.46
CA SER H 427 8.48 58.91 -36.36
C SER H 427 9.43 59.92 -35.72
N SER H 428 10.35 59.41 -34.89
CA SER H 428 11.33 60.27 -34.25
C SER H 428 12.73 59.67 -34.25
N ASN H 429 12.93 58.54 -34.94
CA ASN H 429 14.24 57.88 -35.02
C ASN H 429 14.81 57.58 -33.63
N GLU H 441 18.43 54.85 -27.15
CA GLU H 441 17.26 54.32 -26.46
C GLU H 441 15.98 54.81 -27.13
N PRO H 442 15.19 53.89 -27.68
CA PRO H 442 13.93 54.28 -28.31
C PRO H 442 12.83 54.56 -27.30
N THR H 443 11.90 55.42 -27.70
CA THR H 443 10.83 55.84 -26.81
C THR H 443 9.86 54.70 -26.56
N LEU H 444 9.19 54.75 -25.41
CA LEU H 444 8.20 53.77 -25.01
C LEU H 444 6.81 54.34 -25.20
N GLU H 445 5.90 53.50 -25.70
CA GLU H 445 4.54 53.95 -25.97
C GLU H 445 3.84 54.31 -24.65
N ALA H 446 3.08 55.41 -24.68
CA ALA H 446 2.56 55.99 -23.44
C ALA H 446 1.52 55.11 -22.77
N ALA H 447 0.68 54.43 -23.54
CA ALA H 447 -0.43 53.65 -23.01
C ALA H 447 -0.08 52.17 -22.88
N TRP H 448 1.17 51.88 -22.53
CA TRP H 448 1.63 50.49 -22.49
C TRP H 448 0.82 49.57 -21.59
N PRO H 449 0.38 49.96 -20.37
CA PRO H 449 -0.39 49.02 -19.54
C PRO H 449 -1.61 48.45 -20.24
N HIS H 450 -2.49 49.33 -20.74
CA HIS H 450 -3.72 48.86 -21.37
C HIS H 450 -3.41 48.01 -22.61
N LEU H 451 -2.43 48.44 -23.41
CA LEU H 451 -2.07 47.67 -24.60
C LEU H 451 -1.52 46.30 -24.23
N GLN H 452 -0.73 46.23 -23.16
CA GLN H 452 -0.17 44.93 -22.73
C GLN H 452 -1.27 43.99 -22.28
N LEU H 453 -2.24 44.50 -21.50
CA LEU H 453 -3.35 43.66 -21.07
C LEU H 453 -4.19 43.21 -22.26
N VAL H 454 -4.43 44.10 -23.22
CA VAL H 454 -5.20 43.73 -24.40
C VAL H 454 -4.46 42.69 -25.23
N TYR H 455 -3.15 42.86 -25.39
CA TYR H 455 -2.36 41.87 -26.13
C TYR H 455 -2.42 40.50 -25.45
N GLU H 456 -2.27 40.46 -24.13
CA GLU H 456 -2.35 39.21 -23.41
C GLU H 456 -3.73 38.58 -23.54
N PHE H 457 -4.79 39.39 -23.46
CA PHE H 457 -6.14 38.86 -23.59
C PHE H 457 -6.37 38.29 -24.98
N PHE H 458 -5.91 38.98 -26.03
CA PHE H 458 -6.06 38.46 -27.38
C PHE H 458 -5.27 37.17 -27.56
N LEU H 459 -4.05 37.12 -27.00
CA LEU H 459 -3.24 35.91 -27.09
C LEU H 459 -3.97 34.73 -26.44
N ARG H 460 -4.56 34.95 -25.26
CA ARG H 460 -5.31 33.87 -24.61
C ARG H 460 -6.59 33.53 -25.36
N PHE H 461 -7.22 34.53 -25.99
CA PHE H 461 -8.44 34.27 -26.74
C PHE H 461 -8.17 33.36 -27.94
N LEU H 462 -7.05 33.58 -28.63
CA LEU H 462 -6.77 32.80 -29.83
C LEU H 462 -6.29 31.40 -29.54
N GLU H 463 -5.55 31.19 -28.44
CA GLU H 463 -4.95 29.89 -28.15
C GLU H 463 -5.79 29.04 -27.21
N SER H 464 -6.98 29.50 -26.84
CA SER H 464 -7.82 28.71 -25.95
C SER H 464 -8.24 27.41 -26.65
N PRO H 465 -8.29 26.29 -25.93
CA PRO H 465 -8.67 25.02 -26.57
C PRO H 465 -10.10 25.03 -27.10
N ASP H 466 -10.96 25.91 -26.60
CA ASP H 466 -12.34 26.00 -27.08
C ASP H 466 -12.46 26.75 -28.39
N PHE H 467 -11.39 27.39 -28.86
CA PHE H 467 -11.45 28.15 -30.09
C PHE H 467 -11.60 27.22 -31.29
N GLN H 468 -12.56 27.54 -32.15
CA GLN H 468 -12.80 26.75 -33.36
C GLN H 468 -12.30 27.52 -34.56
N PRO H 469 -11.36 26.97 -35.34
CA PRO H 469 -10.82 27.70 -36.49
C PRO H 469 -11.77 27.82 -37.68
N ASN H 470 -13.01 27.36 -37.56
CA ASN H 470 -13.97 27.44 -38.64
C ASN H 470 -15.06 28.48 -38.38
N ILE H 471 -15.00 29.21 -37.26
CA ILE H 471 -15.99 30.23 -36.96
C ILE H 471 -15.45 31.60 -37.35
N ALA H 472 -14.16 31.81 -37.13
CA ALA H 472 -13.51 33.07 -37.44
C ALA H 472 -13.13 33.21 -38.91
N LYS H 473 -13.41 32.19 -39.73
CA LYS H 473 -13.07 32.27 -41.15
C LYS H 473 -13.82 33.38 -41.86
N LYS H 474 -15.07 33.65 -41.49
CA LYS H 474 -15.82 34.78 -42.02
C LYS H 474 -15.89 35.93 -41.01
N TYR H 475 -15.08 35.88 -39.95
CA TYR H 475 -14.85 37.01 -39.07
C TYR H 475 -13.46 37.59 -39.19
N ILE H 476 -12.45 36.76 -39.47
CA ILE H 476 -11.09 37.21 -39.71
C ILE H 476 -10.81 37.05 -41.20
N ASP H 477 -10.50 38.16 -41.86
CA ASP H 477 -10.29 38.16 -43.30
C ASP H 477 -8.91 38.72 -43.65
N GLN H 478 -8.69 38.98 -44.94
CA GLN H 478 -7.41 39.54 -45.37
C GLN H 478 -7.21 40.94 -44.82
N LYS H 479 -8.28 41.72 -44.73
CA LYS H 479 -8.18 43.10 -44.25
C LYS H 479 -7.63 43.14 -42.82
N PHE H 480 -8.07 42.20 -41.98
CA PHE H 480 -7.56 42.13 -40.62
C PHE H 480 -6.05 41.89 -40.62
N VAL H 481 -5.57 41.00 -41.50
CA VAL H 481 -4.15 40.70 -41.56
C VAL H 481 -3.36 41.89 -42.07
N LEU H 482 -3.88 42.61 -43.07
CA LEU H 482 -3.23 43.83 -43.52
C LEU H 482 -3.11 44.85 -42.39
N GLN H 483 -4.22 45.11 -41.68
CA GLN H 483 -4.19 46.11 -40.63
C GLN H 483 -3.30 45.68 -39.47
N LEU H 484 -3.14 44.37 -39.24
CA LEU H 484 -2.23 43.90 -38.20
C LEU H 484 -0.79 44.01 -38.65
N LEU H 485 -0.50 43.68 -39.91
CA LEU H 485 0.87 43.72 -40.40
C LEU H 485 1.37 45.17 -40.52
N GLU H 486 0.48 46.12 -40.81
CA GLU H 486 0.87 47.52 -40.82
C GLU H 486 1.25 48.04 -39.45
N LEU H 487 0.90 47.32 -38.37
CA LEU H 487 1.26 47.72 -37.02
C LEU H 487 2.68 47.30 -36.65
N PHE H 488 3.32 46.43 -37.43
CA PHE H 488 4.67 45.98 -37.14
C PHE H 488 5.71 47.08 -37.26
N ASP H 489 5.35 48.23 -37.83
CA ASP H 489 6.24 49.39 -37.91
C ASP H 489 6.41 50.10 -36.58
N SER H 490 5.75 49.62 -35.53
CA SER H 490 5.79 50.28 -34.22
C SER H 490 7.21 50.27 -33.67
N GLU H 491 7.58 51.36 -32.99
CA GLU H 491 8.91 51.52 -32.41
C GLU H 491 9.06 50.79 -31.08
N ASP H 492 7.96 50.43 -30.43
CA ASP H 492 8.04 49.77 -29.13
C ASP H 492 8.50 48.33 -29.30
N PRO H 493 9.58 47.91 -28.64
CA PRO H 493 10.03 46.52 -28.82
C PRO H 493 9.11 45.50 -28.18
N ARG H 494 8.50 45.83 -27.03
CA ARG H 494 7.56 44.92 -26.41
C ARG H 494 6.34 44.70 -27.29
N GLU H 495 5.86 45.76 -27.93
CA GLU H 495 4.76 45.62 -28.88
C GLU H 495 5.15 44.72 -30.04
N ARG H 496 6.38 44.87 -30.53
CA ARG H 496 6.86 44.00 -31.61
C ARG H 496 6.91 42.55 -31.17
N ASP H 497 7.36 42.29 -29.94
CA ASP H 497 7.41 40.92 -29.44
C ASP H 497 6.01 40.30 -29.36
N PHE H 498 5.06 41.05 -28.79
CA PHE H 498 3.71 40.52 -28.69
C PHE H 498 3.07 40.35 -30.07
N LEU H 499 3.36 41.28 -30.98
CA LEU H 499 2.82 41.17 -32.33
C LEU H 499 3.36 39.94 -33.06
N LYS H 500 4.65 39.66 -32.91
CA LYS H 500 5.21 38.49 -33.58
C LYS H 500 4.68 37.19 -32.96
N THR H 501 4.57 37.13 -31.63
CA THR H 501 4.05 35.93 -31.00
C THR H 501 2.56 35.75 -31.24
N THR H 502 1.86 36.81 -31.64
CA THR H 502 0.46 36.67 -32.04
C THR H 502 0.33 36.29 -33.51
N LEU H 503 1.16 36.89 -34.37
CA LEU H 503 1.11 36.58 -35.79
C LEU H 503 1.52 35.14 -36.07
N HIS H 504 2.46 34.60 -35.29
CA HIS H 504 2.82 33.20 -35.44
C HIS H 504 1.60 32.30 -35.25
N ARG H 505 0.86 32.53 -34.17
CA ARG H 505 -0.32 31.71 -33.90
C ARG H 505 -1.39 31.90 -34.97
N ILE H 506 -1.60 33.14 -35.40
CA ILE H 506 -2.61 33.40 -36.41
C ILE H 506 -2.26 32.69 -37.72
N TYR H 507 -0.99 32.75 -38.12
CA TYR H 507 -0.56 32.04 -39.33
C TYR H 507 -0.69 30.53 -39.18
N GLY H 508 -0.32 30.00 -38.01
CA GLY H 508 -0.36 28.55 -37.83
C GLY H 508 -1.76 27.99 -37.80
N LYS H 509 -2.69 28.68 -37.14
CA LYS H 509 -4.03 28.12 -36.96
C LYS H 509 -4.81 28.08 -38.27
N PHE H 510 -4.77 29.16 -39.03
CA PHE H 510 -5.56 29.25 -40.26
C PHE H 510 -4.79 28.70 -41.45
N LEU H 511 -5.54 28.10 -42.37
CA LEU H 511 -4.96 27.48 -43.56
C LEU H 511 -5.16 28.30 -44.83
N GLY H 512 -6.27 29.01 -44.96
CA GLY H 512 -6.55 29.83 -46.12
C GLY H 512 -5.93 31.20 -46.10
N LEU H 513 -5.16 31.53 -45.06
CA LEU H 513 -4.54 32.84 -44.91
C LEU H 513 -3.03 32.77 -44.96
N ARG H 514 -2.47 31.73 -45.59
CA ARG H 514 -1.03 31.53 -45.61
C ARG H 514 -0.38 32.14 -46.85
N ALA H 515 -0.83 31.75 -48.05
CA ALA H 515 -0.26 32.29 -49.27
C ALA H 515 -0.48 33.79 -49.38
N TYR H 516 -1.59 34.30 -48.86
CA TYR H 516 -1.82 35.74 -48.87
C TYR H 516 -0.80 36.47 -48.01
N ILE H 517 -0.49 35.91 -46.83
CA ILE H 517 0.55 36.50 -45.98
C ILE H 517 1.90 36.41 -46.66
N ARG H 518 2.18 35.32 -47.37
CA ARG H 518 3.44 35.20 -48.10
C ARG H 518 3.55 36.27 -49.17
N LYS H 519 2.49 36.49 -49.94
CA LYS H 519 2.50 37.55 -50.95
C LYS H 519 2.68 38.91 -50.30
N GLN H 520 2.02 39.13 -49.15
CA GLN H 520 2.11 40.43 -48.49
C GLN H 520 3.52 40.69 -47.95
N ILE H 521 4.16 39.66 -47.39
CA ILE H 521 5.52 39.84 -46.88
C ILE H 521 6.48 40.06 -48.04
N ASN H 522 6.24 39.41 -49.19
CA ASN H 522 7.04 39.70 -50.37
C ASN H 522 6.88 41.14 -50.81
N ASN H 523 5.65 41.64 -50.82
CA ASN H 523 5.40 43.01 -51.24
C ASN H 523 6.03 44.02 -50.28
N ILE H 524 5.92 43.78 -48.97
CA ILE H 524 6.49 44.72 -48.02
C ILE H 524 8.02 44.65 -48.05
N PHE H 525 8.59 43.48 -48.33
CA PHE H 525 10.03 43.39 -48.51
C PHE H 525 10.47 44.17 -49.74
N TYR H 526 9.71 44.07 -50.84
CA TYR H 526 10.04 44.84 -52.03
C TYR H 526 9.97 46.34 -51.75
N ARG H 527 8.93 46.78 -51.04
CA ARG H 527 8.82 48.20 -50.71
C ARG H 527 9.96 48.65 -49.80
N PHE H 528 10.32 47.82 -48.82
CA PHE H 528 11.39 48.18 -47.89
C PHE H 528 12.74 48.26 -48.61
N ILE H 529 13.00 47.34 -49.54
CA ILE H 529 14.29 47.32 -50.21
C ILE H 529 14.37 48.31 -51.37
N TYR H 530 13.23 48.74 -51.91
CA TYR H 530 13.24 49.63 -53.06
C TYR H 530 12.61 50.99 -52.78
N GLU H 531 11.39 51.02 -52.24
CA GLU H 531 10.66 52.29 -52.14
C GLU H 531 11.08 53.09 -50.92
N THR H 532 10.83 52.56 -49.73
CA THR H 532 11.11 53.26 -48.47
C THR H 532 12.03 52.41 -47.62
N GLU H 533 13.12 53.00 -47.14
CA GLU H 533 14.12 52.30 -46.36
C GLU H 533 13.91 52.43 -44.86
N HIS H 534 12.80 53.04 -44.43
CA HIS H 534 12.53 53.26 -43.00
C HIS H 534 11.65 52.12 -42.49
N HIS H 535 12.25 51.24 -41.68
CA HIS H 535 11.50 50.14 -41.08
C HIS H 535 12.23 49.73 -39.80
N ASN H 536 11.46 49.20 -38.84
CA ASN H 536 12.00 48.82 -37.55
C ASN H 536 11.68 47.38 -37.12
N GLY H 537 10.85 46.67 -37.88
CA GLY H 537 10.45 45.33 -37.49
C GLY H 537 11.02 44.24 -38.36
N ILE H 538 12.26 44.40 -38.82
CA ILE H 538 12.89 43.39 -39.67
C ILE H 538 13.14 42.11 -38.88
N ALA H 539 13.65 42.24 -37.65
CA ALA H 539 14.11 41.07 -36.91
C ALA H 539 12.96 40.12 -36.57
N GLU H 540 11.85 40.66 -36.07
CA GLU H 540 10.74 39.80 -35.66
C GLU H 540 10.14 39.06 -36.84
N LEU H 541 9.93 39.75 -37.96
CA LEU H 541 9.38 39.11 -39.15
C LEU H 541 10.32 38.03 -39.66
N LEU H 542 11.63 38.27 -39.58
CA LEU H 542 12.60 37.26 -39.99
C LEU H 542 12.53 36.02 -39.11
N GLU H 543 12.32 36.22 -37.80
CA GLU H 543 12.16 35.07 -36.90
C GLU H 543 10.92 34.26 -37.26
N ILE H 544 9.81 34.94 -37.55
CA ILE H 544 8.59 34.23 -37.96
C ILE H 544 8.84 33.49 -39.26
N LEU H 545 9.52 34.14 -40.22
CA LEU H 545 9.80 33.48 -41.49
C LEU H 545 10.68 32.26 -41.30
N GLY H 546 11.68 32.35 -40.43
CA GLY H 546 12.53 31.19 -40.15
C GLY H 546 11.74 30.04 -39.54
N SER H 547 10.83 30.35 -38.62
CA SER H 547 9.97 29.32 -38.06
C SER H 547 9.09 28.69 -39.14
N ILE H 548 8.63 29.47 -40.11
CA ILE H 548 7.86 28.92 -41.22
C ILE H 548 8.75 28.04 -42.10
N ILE H 549 9.98 28.48 -42.35
CA ILE H 549 10.91 27.73 -43.18
C ILE H 549 11.22 26.37 -42.56
N ASN H 550 11.31 26.31 -41.23
CA ASN H 550 11.62 25.06 -40.56
C ASN H 550 10.59 23.97 -40.84
N GLY H 551 9.38 24.34 -41.24
CA GLY H 551 8.33 23.36 -41.46
C GLY H 551 8.08 22.97 -42.90
N PHE H 552 9.02 23.28 -43.79
CA PHE H 552 8.87 22.90 -45.18
C PHE H 552 9.12 21.40 -45.37
N ALA H 553 8.66 20.88 -46.50
CA ALA H 553 8.77 19.48 -46.84
C ALA H 553 9.56 19.32 -48.14
N LEU H 554 9.68 18.07 -48.60
CA LEU H 554 10.41 17.73 -49.80
C LEU H 554 9.48 17.15 -50.86
N PRO H 555 9.69 17.48 -52.14
CA PRO H 555 10.73 18.39 -52.62
C PRO H 555 10.36 19.87 -52.47
N LEU H 556 11.36 20.73 -52.43
CA LEU H 556 11.11 22.16 -52.30
C LEU H 556 10.47 22.71 -53.56
N LYS H 557 9.46 23.56 -53.38
CA LYS H 557 8.72 24.11 -54.51
C LYS H 557 9.47 25.29 -55.12
N GLU H 558 9.02 25.71 -56.29
CA GLU H 558 9.73 26.73 -57.06
C GLU H 558 9.57 28.12 -56.46
N GLU H 559 8.39 28.43 -55.91
CA GLU H 559 8.19 29.78 -55.39
C GLU H 559 9.03 30.04 -54.14
N HIS H 560 9.42 28.98 -53.43
CA HIS H 560 10.41 29.14 -52.36
C HIS H 560 11.75 29.59 -52.94
N LYS H 561 12.15 29.01 -54.06
CA LYS H 561 13.38 29.44 -54.72
C LYS H 561 13.29 30.89 -55.17
N ILE H 562 12.14 31.28 -55.74
CA ILE H 562 11.93 32.67 -56.13
C ILE H 562 12.01 33.58 -54.90
N PHE H 563 11.38 33.16 -53.80
CA PHE H 563 11.41 33.94 -52.56
C PHE H 563 12.85 34.20 -52.12
N LEU H 564 13.65 33.14 -52.01
CA LEU H 564 15.02 33.31 -51.53
C LEU H 564 15.85 34.14 -52.49
N LEU H 565 15.66 33.93 -53.80
CA LEU H 565 16.48 34.64 -54.78
C LEU H 565 16.10 36.12 -54.88
N LYS H 566 14.86 36.47 -54.56
CA LYS H 566 14.38 37.83 -54.77
C LYS H 566 14.40 38.69 -53.51
N VAL H 567 13.94 38.19 -52.37
CA VAL H 567 13.80 39.02 -51.17
C VAL H 567 14.76 38.64 -50.06
N LEU H 568 15.43 37.50 -50.14
CA LEU H 568 16.36 37.08 -49.09
C LEU H 568 17.80 37.47 -49.41
N LEU H 569 18.34 36.97 -50.53
CA LEU H 569 19.74 37.25 -50.86
C LEU H 569 20.01 38.73 -51.14
N PRO H 570 19.23 39.43 -51.99
CA PRO H 570 19.52 40.86 -52.19
C PRO H 570 19.36 41.70 -50.93
N LEU H 571 18.59 41.22 -49.96
CA LEU H 571 18.32 41.98 -48.74
C LEU H 571 19.59 42.32 -47.98
N HIS H 572 20.69 41.60 -48.25
CA HIS H 572 21.96 41.89 -47.60
C HIS H 572 22.50 43.27 -47.94
N LYS H 573 22.01 43.91 -49.01
CA LYS H 573 22.58 45.20 -49.40
C LYS H 573 22.20 46.33 -48.44
N VAL H 574 21.28 46.10 -47.51
CA VAL H 574 20.82 47.15 -46.62
C VAL H 574 21.96 47.61 -45.72
N LYS H 575 22.13 48.93 -45.60
CA LYS H 575 23.21 49.48 -44.78
C LYS H 575 22.99 49.20 -43.30
N SER H 576 21.75 48.94 -42.89
CA SER H 576 21.41 48.70 -41.49
C SER H 576 21.29 47.21 -41.18
N LEU H 577 22.13 46.38 -41.81
CA LEU H 577 22.06 44.94 -41.61
C LEU H 577 22.41 44.55 -40.18
N SER H 578 23.31 45.30 -39.53
CA SER H 578 23.86 44.90 -38.24
C SER H 578 22.78 44.78 -37.15
N VAL H 579 21.67 45.49 -37.28
CA VAL H 579 20.63 45.42 -36.27
C VAL H 579 19.82 44.13 -36.34
N TYR H 580 19.94 43.37 -37.43
CA TYR H 580 19.20 42.13 -37.59
C TYR H 580 20.06 41.03 -38.21
N HIS H 581 21.38 41.11 -38.02
CA HIS H 581 22.28 40.16 -38.67
C HIS H 581 22.03 38.70 -38.31
N PRO H 582 21.78 38.31 -37.02
CA PRO H 582 21.67 36.88 -36.73
C PRO H 582 20.44 36.23 -37.34
N GLN H 583 19.27 36.82 -37.09
CA GLN H 583 18.01 36.20 -37.50
C GLN H 583 17.98 35.91 -38.98
N LEU H 584 18.30 36.92 -39.80
CA LEU H 584 18.36 36.72 -41.25
C LEU H 584 19.27 35.56 -41.60
N ALA H 585 20.47 35.54 -41.01
CA ALA H 585 21.40 34.45 -41.26
C ALA H 585 20.78 33.11 -40.91
N TYR H 586 20.11 33.05 -39.76
CA TYR H 586 19.47 31.80 -39.34
C TYR H 586 18.49 31.31 -40.39
N CYS H 587 17.75 32.23 -41.02
CA CYS H 587 16.81 31.84 -42.06
C CYS H 587 17.52 31.04 -43.16
N VAL H 588 18.66 31.54 -43.62
CA VAL H 588 19.44 30.81 -44.61
C VAL H 588 19.88 29.46 -44.03
N VAL H 589 20.41 29.50 -42.80
CA VAL H 589 20.85 28.28 -42.14
C VAL H 589 19.68 27.35 -41.85
N GLN H 590 18.45 27.84 -42.00
CA GLN H 590 17.29 26.98 -41.82
C GLN H 590 16.79 26.38 -43.13
N PHE H 591 17.11 27.00 -44.27
CA PHE H 591 16.47 26.57 -45.51
C PHE H 591 17.30 25.52 -46.25
N LEU H 592 18.61 25.74 -46.36
CA LEU H 592 19.44 24.94 -47.27
C LEU H 592 19.53 23.47 -46.89
N GLU H 593 19.19 23.11 -45.65
CA GLU H 593 19.25 21.71 -45.24
C GLU H 593 18.22 20.85 -45.96
N LYS H 594 17.11 21.45 -46.41
CA LYS H 594 16.11 20.68 -47.15
C LYS H 594 16.68 20.17 -48.48
N ASP H 595 17.42 21.02 -49.19
CA ASP H 595 18.02 20.65 -50.46
C ASP H 595 19.37 21.36 -50.58
N SER H 596 20.45 20.56 -50.68
CA SER H 596 21.79 21.12 -50.79
C SER H 596 22.18 21.46 -52.23
N THR H 597 21.33 21.14 -53.21
CA THR H 597 21.66 21.43 -54.59
C THR H 597 21.55 22.93 -54.89
N LEU H 598 20.72 23.64 -54.15
CA LEU H 598 20.41 25.05 -54.42
C LEU H 598 21.34 26.01 -53.66
N THR H 599 22.44 25.51 -53.11
CA THR H 599 23.36 26.36 -52.36
C THR H 599 24.22 27.23 -53.26
N GLU H 600 24.51 26.78 -54.47
CA GLU H 600 25.41 27.52 -55.35
C GLU H 600 24.91 28.92 -55.71
N PRO H 601 23.63 29.13 -56.08
CA PRO H 601 23.19 30.52 -56.33
C PRO H 601 23.34 31.42 -55.11
N VAL H 602 23.14 30.88 -53.91
CA VAL H 602 23.42 31.64 -52.70
C VAL H 602 24.90 32.02 -52.65
N VAL H 603 25.76 31.11 -53.10
CA VAL H 603 27.20 31.39 -53.10
C VAL H 603 27.53 32.55 -54.04
N MET H 604 26.96 32.52 -55.26
CA MET H 604 27.25 33.62 -56.18
C MET H 604 26.64 34.92 -55.70
N ALA H 605 25.50 34.86 -54.99
CA ALA H 605 24.92 36.08 -54.43
C ALA H 605 25.80 36.68 -53.36
N LEU H 606 26.28 35.85 -52.43
CA LEU H 606 27.14 36.37 -51.36
C LEU H 606 28.51 36.80 -51.87
N LEU H 607 28.97 36.22 -52.98
CA LEU H 607 30.24 36.64 -53.56
C LEU H 607 30.12 37.93 -54.37
N LYS H 608 28.91 38.37 -54.69
CA LYS H 608 28.68 39.62 -55.39
C LYS H 608 28.25 40.76 -54.48
N TYR H 609 27.53 40.45 -53.40
CA TYR H 609 27.12 41.47 -52.44
C TYR H 609 28.20 41.76 -51.40
N TRP H 610 29.34 41.08 -51.47
CA TRP H 610 30.43 41.34 -50.54
C TRP H 610 30.97 42.75 -50.76
N PRO H 611 31.14 43.55 -49.71
CA PRO H 611 31.73 44.89 -49.89
C PRO H 611 33.17 44.82 -50.36
N LYS H 612 33.43 45.36 -51.56
CA LYS H 612 34.78 45.30 -52.13
C LYS H 612 35.76 46.24 -51.44
N THR H 613 35.28 47.17 -50.62
CA THR H 613 36.14 48.11 -49.92
C THR H 613 36.19 47.76 -48.44
N HIS H 614 37.25 48.23 -47.78
CA HIS H 614 37.44 47.98 -46.36
C HIS H 614 36.37 48.69 -45.55
N SER H 615 35.80 47.97 -44.59
CA SER H 615 34.74 48.50 -43.73
C SER H 615 34.56 47.54 -42.55
N PRO H 616 34.08 48.04 -41.42
CA PRO H 616 33.76 47.15 -40.29
C PRO H 616 32.67 46.12 -40.60
N LYS H 617 31.88 46.33 -41.66
CA LYS H 617 30.78 45.45 -42.00
C LYS H 617 31.23 44.08 -42.51
N GLU H 618 32.52 43.89 -42.77
CA GLU H 618 32.99 42.64 -43.35
C GLU H 618 32.72 41.46 -42.42
N VAL H 619 32.99 41.62 -41.13
CA VAL H 619 33.04 40.49 -40.21
C VAL H 619 31.72 39.73 -40.20
N MET H 620 30.61 40.45 -40.17
CA MET H 620 29.30 39.78 -40.15
C MET H 620 29.14 38.86 -41.34
N PHE H 621 29.52 39.32 -42.53
CA PHE H 621 29.48 38.48 -43.71
C PHE H 621 30.23 37.18 -43.47
N LEU H 622 31.46 37.29 -42.96
CA LEU H 622 32.26 36.10 -42.68
C LEU H 622 31.49 35.11 -41.82
N ASN H 623 30.81 35.63 -40.80
CA ASN H 623 30.03 34.76 -39.90
C ASN H 623 29.07 33.89 -40.69
N GLU H 624 28.27 34.52 -41.57
CA GLU H 624 27.33 33.75 -42.36
C GLU H 624 28.06 32.73 -43.22
N LEU H 625 29.15 33.16 -43.88
CA LEU H 625 29.94 32.25 -44.68
C LEU H 625 30.42 31.08 -43.84
N GLU H 626 30.88 31.36 -42.62
CA GLU H 626 31.34 30.29 -41.74
C GLU H 626 30.25 29.25 -41.56
N GLU H 627 29.03 29.69 -41.25
CA GLU H 627 27.93 28.75 -41.09
C GLU H 627 27.70 27.96 -42.37
N ILE H 628 27.69 28.66 -43.51
CA ILE H 628 27.53 27.98 -44.79
C ILE H 628 28.68 26.99 -44.99
N LEU H 629 29.90 27.41 -44.66
CA LEU H 629 31.04 26.51 -44.78
C LEU H 629 30.82 25.25 -43.95
N ASP H 630 30.32 25.42 -42.72
CA ASP H 630 30.15 24.28 -41.83
C ASP H 630 29.16 23.27 -42.38
N VAL H 631 28.37 23.64 -43.38
CA VAL H 631 27.47 22.70 -44.04
C VAL H 631 27.90 22.40 -45.47
N ILE H 632 28.67 23.28 -46.10
CA ILE H 632 28.98 23.10 -47.53
C ILE H 632 30.08 22.07 -47.78
N GLU H 633 30.85 21.70 -46.75
CA GLU H 633 31.93 20.73 -46.96
C GLU H 633 31.44 19.36 -47.43
N PRO H 634 30.41 18.75 -46.84
CA PRO H 634 29.94 17.45 -47.36
C PRO H 634 29.32 17.58 -48.74
N SER H 635 28.96 16.43 -49.29
CA SER H 635 28.34 16.30 -50.61
C SER H 635 29.27 16.74 -51.74
N GLU H 636 30.56 16.90 -51.46
CA GLU H 636 31.57 17.27 -52.45
C GLU H 636 31.18 18.53 -53.21
N PHE H 637 31.06 19.63 -52.45
CA PHE H 637 30.70 20.93 -53.00
C PHE H 637 31.99 21.73 -53.19
N VAL H 638 32.62 21.57 -54.34
CA VAL H 638 33.86 22.27 -54.66
C VAL H 638 33.72 22.94 -56.02
N LYS H 639 32.48 23.02 -56.53
CA LYS H 639 32.26 23.65 -57.82
C LYS H 639 32.63 25.13 -57.81
N ILE H 640 32.28 25.82 -56.74
CA ILE H 640 32.56 27.25 -56.61
C ILE H 640 33.55 27.53 -55.48
N MET H 641 34.29 26.51 -55.04
CA MET H 641 35.26 26.70 -53.98
C MET H 641 36.40 27.62 -54.42
N GLU H 642 36.92 27.40 -55.63
CA GLU H 642 38.01 28.25 -56.12
C GLU H 642 37.60 29.71 -56.30
N PRO H 643 36.48 30.04 -56.96
CA PRO H 643 36.09 31.46 -57.02
C PRO H 643 35.85 32.08 -55.65
N LEU H 644 35.29 31.31 -54.72
CA LEU H 644 35.07 31.84 -53.37
C LEU H 644 36.39 32.13 -52.68
N PHE H 645 37.36 31.22 -52.81
CA PHE H 645 38.67 31.45 -52.21
C PHE H 645 39.36 32.66 -52.85
N ARG H 646 39.25 32.81 -54.16
CA ARG H 646 39.84 33.97 -54.83
C ARG H 646 39.18 35.26 -54.36
N GLN H 647 37.86 35.25 -54.20
CA GLN H 647 37.16 36.45 -53.75
C GLN H 647 37.54 36.81 -52.31
N LEU H 648 37.62 35.83 -51.42
CA LEU H 648 37.98 36.11 -50.04
C LEU H 648 39.46 36.41 -49.87
N ALA H 649 40.29 36.05 -50.85
CA ALA H 649 41.70 36.38 -50.76
C ALA H 649 41.95 37.89 -50.78
N LYS H 650 41.20 38.62 -51.59
CA LYS H 650 41.35 40.06 -51.68
C LYS H 650 40.85 40.74 -50.41
ZN ZN K . 4.96 -48.83 30.93
ZN ZN L . 24.15 4.27 -16.63
MG MG M . 12.48 -14.59 18.44
MG MG N . 9.92 -12.26 17.13
CAH KLQ O . 9.29 -7.10 10.91
CAI KLQ O . 7.89 -8.73 11.95
CAJ KLQ O . 13.83 -9.57 16.11
CAK KLQ O . 9.92 -6.96 14.74
CAL KLQ O . 19.12 -13.69 17.24
CAM KLQ O . 17.88 -14.64 17.19
CAN KLQ O . 17.79 -13.33 18.97
CAO KLQ O . 15.96 -10.66 17.05
CAR KLQ O . 11.91 -8.43 15.19
CAS KLQ O . 14.58 -13.04 17.74
CAT KLQ O . 8.35 -8.09 10.83
CAU KLQ O . 9.82 -6.71 12.16
CAV KLQ O . 8.43 -8.32 13.14
CAW KLQ O . 12.51 -12.01 16.83
CAX KLQ O . 12.56 -9.65 15.85
CAY KLQ O . 9.39 -7.33 13.35
CAZ KLQ O . 13.81 -11.93 17.09
CBA KLQ O . 11.81 -10.87 16.18
CBB KLQ O . 18.67 -12.64 18.33
CBC KLQ O . 16.95 -14.02 18.32
CBD KLQ O . 16.82 -11.73 16.93
FAE KLQ O . 7.84 -8.46 9.61
FAF KLQ O . 10.76 -5.72 12.21
FAG KLQ O . 7.99 -8.95 14.27
NAP KLQ O . 10.49 -8.14 15.38
NBE KLQ O . 16.04 -12.99 17.69
NBF KLQ O . 14.56 -10.72 16.77
OAA KLQ O . 12.56 -7.71 14.51
OAB KLQ O . 14.01 -13.92 18.30
OAC KLQ O . 10.65 -10.91 15.94
OAD KLQ O . 11.79 -13.18 17.14
OAQ KLQ O . 17.98 -11.60 17.70
ZN ZN P . 22.77 53.03 -5.75
ZN ZN Q . -13.87 -2.58 26.10
MG MG R . 16.65 19.05 8.13
MG MG S . 15.52 16.16 6.10
CAH KLQ T . 10.21 10.12 6.90
CAI KLQ T . 10.85 11.63 5.17
CAJ KLQ T . 15.29 14.05 10.46
CAK KLQ T . 14.04 10.66 7.14
CAL KLQ T . 16.14 19.11 14.91
CAM KLQ T . 15.85 19.83 13.54
CAN KLQ T . 17.81 18.79 13.48
CAO KLQ T . 16.21 15.60 12.28
CAR KLQ T . 14.40 12.48 8.83
CAS KLQ T . 16.38 17.79 10.49
CAT KLQ T . 9.89 10.93 5.83
CAU KLQ T . 11.53 10.02 7.35
CAV KLQ T . 12.14 11.50 5.64
CAW KLQ T . 15.48 16.33 8.71
CAX KLQ T . 14.91 13.88 9.23
CAY KLQ T . 12.57 10.73 6.71
CAZ KLQ T . 15.86 16.49 9.98
CBA KLQ T . 14.98 14.99 8.27
CBB KLQ T . 17.35 18.18 14.51
CBC KLQ T . 16.99 19.22 12.62
CBD KLQ T . 15.98 16.76 12.97
FAE KLQ T . 8.59 11.02 5.41
FAF KLQ T . 11.82 9.22 8.42
FAG KLQ T . 13.10 12.20 4.99
NAP KLQ T . 14.53 11.99 7.47
NBE KLQ T . 16.46 17.99 11.95
NBF KLQ T . 15.80 15.39 10.92
OAA KLQ T . 13.91 11.79 9.65
OAB KLQ T . 16.75 18.64 9.74
OAC KLQ T . 14.62 14.82 7.14
OAD KLQ T . 15.53 17.40 7.80
OAQ KLQ T . 16.85 16.96 14.07
#